data_6IAA
#
_entry.id   6IAA
#
_cell.length_a   290.767
_cell.length_b   81.569
_cell.length_c   158.656
_cell.angle_alpha   90.00
_cell.angle_beta   94.00
_cell.angle_gamma   90.00
#
_symmetry.space_group_name_H-M   'C 1 2 1'
#
loop_
_entity.id
_entity.type
_entity.pdbx_description
1 polymer 'Roundabout homolog 2'
2 branched 2-acetamido-2-deoxy-beta-D-glucopyranose-(1-4)-2-acetamido-2-deoxy-beta-D-glucopyranose
3 branched alpha-D-mannopyranose-(1-3)-[alpha-D-mannopyranose-(1-6)]beta-D-mannopyranose-(1-4)-2-acetamido-2-deoxy-beta-D-glucopyranose-(1-4)-2-acetamido-2-deoxy-beta-D-glucopyranose
#
_entity_poly.entity_id   1
_entity_poly.type   'polypeptide(L)'
_entity_poly.pdbx_seq_one_letter_code
;DYKDDDDKRPHSRLRQEDFPPRIVEHPSDVIVSKGEPTTLNCKAEGRPTPTIEWYKDGERVETDKDDPRSHR(MSE)LLP
SGSLFFLRIVHGRRSKPDEGSYVCVARNYLGEAVSRNASLEVALLRDDFRQNPTDVVVAAGEPAILECQPPRGHPEPTIY
WKKDKVRIDDKEERISIRGGKL(MSE)ISNTRKSDAG(MSE)YTCVGTN(MSE)VGERDSDPAELTVFERPTFLRRPINQ
VVLEEEAVEFRCQVQGDPQPTVRWKKDDADLPRGRYDIKDDYTLRIKKT(MSE)STDEGTY(MSE)CIAENRVGK(MSE)
EASATLTVRAPPQFVVRPRDQIVAQGRTVTFPCETKGNPQPAVFWQKEGSQNLLFPNQPQQPNSRCSVSPTGDLTITNIQ
RSDAGYYICQALTVAGSILAKAQLEVTDVLTDRPPPIILQGPANQTLAVDGTALLKCKATGDPLPVISWLKEGFTFPGRD
PRATIQEQGTLQIKNLRISDTGTYTCVATSSSGETSWSAVLDVTESGATISKNYDLSDLPGPPSKPQVTDVTKNSVTLSW
QPGTPGTLPASAYIIEAFSQSVSNSWQTVANHVKTTLYTVRGLRPNTIYLF(MSE)VRAINPQGLSDPSP(MSE)SDPVR
TQDISPPAQGVDHRQVQKELGDVLVRLHNPVVLTPTTVQVTWTVDRQPQFIQGYRV(MSE)YRQTSGLQATSSWQNLDAK
VPTERSAVLVNLKKGVTYEIKVRPYFNEFQG(MSE)DSESKTVRTTEEAPSAPPQSVTVLTVGSYNSTSISVSWDPPPPD
HQNGIIQEYKIWCLGNETRFHINKTVDAAIRSVIIGGLFPGIQYRVEVAASTSAGVGVKSEPQPIIIGRRNEVVITENNN
SITEQITDVVKQPKLGSHHHHHH
;
_entity_poly.pdbx_strand_id   A,B,C
#
# COMPACT_ATOMS: atom_id res chain seq x y z
N SER A 12 -42.26 57.62 -150.52
CA SER A 12 -43.73 57.84 -150.64
C SER A 12 -44.30 56.99 -151.78
N ARG A 13 -43.93 55.70 -151.78
CA ARG A 13 -44.43 54.74 -152.77
C ARG A 13 -45.26 53.67 -152.05
N LEU A 14 -46.56 53.96 -151.89
CA LEU A 14 -47.51 53.17 -151.10
C LEU A 14 -47.70 51.78 -151.70
N ARG A 15 -47.64 50.76 -150.83
CA ARG A 15 -47.94 49.37 -151.16
C ARG A 15 -48.41 48.70 -149.88
N GLN A 16 -49.40 47.82 -149.99
CA GLN A 16 -49.83 47.08 -148.82
C GLN A 16 -48.93 45.86 -148.63
N GLU A 17 -47.61 46.08 -148.76
CA GLU A 17 -46.57 45.14 -148.33
C GLU A 17 -45.56 45.84 -147.43
N ASP A 18 -45.62 47.18 -147.45
CA ASP A 18 -44.69 48.09 -146.78
C ASP A 18 -45.13 48.36 -145.34
N PHE A 19 -44.21 48.17 -144.39
CA PHE A 19 -44.55 48.31 -142.99
C PHE A 19 -43.48 49.13 -142.28
N PRO A 20 -43.88 49.98 -141.29
CA PRO A 20 -42.94 50.83 -140.54
C PRO A 20 -42.02 49.97 -139.66
N PRO A 21 -40.84 50.50 -139.22
CA PRO A 21 -39.74 49.67 -138.73
C PRO A 21 -39.89 49.17 -137.30
N ARG A 22 -39.38 47.95 -137.05
CA ARG A 22 -39.49 47.27 -135.77
C ARG A 22 -38.11 46.76 -135.39
N ILE A 23 -37.60 47.20 -134.22
CA ILE A 23 -36.29 46.79 -133.71
C ILE A 23 -36.47 45.43 -133.05
N VAL A 24 -35.85 44.39 -133.64
CA VAL A 24 -35.99 43.04 -133.13
C VAL A 24 -34.96 42.76 -132.05
N GLU A 25 -33.68 43.05 -132.32
CA GLU A 25 -32.64 42.97 -131.31
C GLU A 25 -32.36 44.36 -130.73
N HIS A 26 -32.63 44.51 -129.43
CA HIS A 26 -32.35 45.74 -128.72
C HIS A 26 -30.92 45.74 -128.19
N PRO A 27 -30.23 46.90 -128.12
CA PRO A 27 -28.91 46.95 -127.50
C PRO A 27 -29.10 46.86 -125.98
N SER A 28 -28.12 46.24 -125.32
CA SER A 28 -28.16 46.09 -123.87
C SER A 28 -27.01 46.84 -123.21
N ASP A 29 -27.25 47.33 -121.99
CA ASP A 29 -26.24 48.00 -121.20
C ASP A 29 -24.98 47.17 -121.21
N VAL A 30 -23.83 47.83 -121.35
CA VAL A 30 -22.57 47.11 -121.26
C VAL A 30 -21.55 48.00 -120.55
N ILE A 31 -20.77 47.40 -119.62
CA ILE A 31 -19.55 47.97 -119.09
C ILE A 31 -18.40 47.35 -119.88
N VAL A 32 -17.48 48.19 -120.35
CA VAL A 32 -16.34 47.72 -121.10
C VAL A 32 -15.16 48.65 -120.84
N SER A 33 -13.96 48.12 -121.09
CA SER A 33 -12.71 48.75 -120.71
C SER A 33 -12.18 49.64 -121.83
N LYS A 34 -11.42 50.67 -121.44
CA LYS A 34 -10.81 51.61 -122.34
C LYS A 34 -9.87 50.91 -123.30
N GLY A 35 -9.72 51.47 -124.51
CA GLY A 35 -8.77 51.01 -125.51
C GLY A 35 -9.12 49.67 -126.13
N GLU A 36 -10.34 49.15 -125.86
CA GLU A 36 -10.75 47.83 -126.33
C GLU A 36 -11.96 47.91 -127.25
N PRO A 37 -12.14 46.94 -128.18
CA PRO A 37 -13.32 46.87 -129.03
C PRO A 37 -14.60 46.56 -128.25
N THR A 38 -15.73 46.97 -128.84
CA THR A 38 -17.05 46.63 -128.36
C THR A 38 -18.07 46.94 -129.46
N THR A 39 -19.22 46.27 -129.38
CA THR A 39 -20.26 46.32 -130.39
C THR A 39 -21.61 46.44 -129.69
N LEU A 40 -22.32 47.54 -129.94
CA LEU A 40 -23.67 47.70 -129.45
C LEU A 40 -24.63 47.06 -130.45
N ASN A 41 -25.35 46.02 -129.99
CA ASN A 41 -26.16 45.19 -130.86
C ASN A 41 -27.44 45.93 -131.21
N CYS A 42 -27.83 45.90 -132.50
CA CYS A 42 -29.06 46.49 -133.00
C CYS A 42 -29.45 45.82 -134.33
N LYS A 43 -30.74 45.49 -134.43
CA LYS A 43 -31.30 44.85 -135.61
C LYS A 43 -32.78 45.20 -135.75
N ALA A 44 -33.17 45.76 -136.92
CA ALA A 44 -34.52 46.27 -137.16
C ALA A 44 -35.09 45.67 -138.43
N GLU A 45 -36.42 45.54 -138.46
CA GLU A 45 -37.14 45.13 -139.66
C GLU A 45 -37.92 46.31 -140.21
N GLY A 46 -38.05 46.35 -141.54
CA GLY A 46 -38.82 47.37 -142.23
C GLY A 46 -38.97 47.05 -143.73
N ARG A 47 -39.88 47.77 -144.39
CA ARG A 47 -40.00 47.68 -145.83
C ARG A 47 -40.51 49.02 -146.31
N PRO A 48 -39.69 49.85 -147.00
CA PRO A 48 -38.31 49.49 -147.34
C PRO A 48 -37.50 49.28 -146.05
N THR A 49 -36.45 48.45 -146.14
CA THR A 49 -35.53 48.25 -145.02
C THR A 49 -35.11 49.63 -144.52
N PRO A 50 -35.01 49.84 -143.17
CA PRO A 50 -34.79 51.16 -142.63
C PRO A 50 -33.31 51.52 -142.51
N THR A 51 -33.05 52.83 -142.40
CA THR A 51 -31.71 53.33 -142.14
C THR A 51 -31.56 53.63 -140.65
N ILE A 52 -30.59 52.97 -140.01
CA ILE A 52 -30.36 53.02 -138.58
C ILE A 52 -29.38 54.15 -138.31
N GLU A 53 -29.53 54.80 -137.16
CA GLU A 53 -28.66 55.87 -136.69
C GLU A 53 -28.74 56.02 -135.17
N TRP A 54 -27.61 56.30 -134.49
CA TRP A 54 -27.54 56.18 -133.06
C TRP A 54 -27.49 57.53 -132.37
N TYR A 55 -28.00 57.56 -131.15
CA TYR A 55 -28.08 58.80 -130.37
C TYR A 55 -27.65 58.55 -128.93
N LYS A 56 -26.59 59.25 -128.52
CA LYS A 56 -26.03 59.11 -127.19
C LYS A 56 -26.48 60.35 -126.41
N ASP A 57 -27.27 60.11 -125.36
CA ASP A 57 -27.96 61.14 -124.60
C ASP A 57 -28.99 61.81 -125.51
N GLY A 58 -28.52 62.77 -126.31
CA GLY A 58 -29.37 63.40 -127.29
C GLY A 58 -28.75 63.33 -128.69
N GLU A 59 -27.48 63.74 -128.78
CA GLU A 59 -26.83 64.07 -130.03
C GLU A 59 -26.70 62.83 -130.90
N ARG A 60 -26.54 63.08 -132.19
CA ARG A 60 -26.38 62.04 -133.19
C ARG A 60 -24.96 61.54 -133.10
N VAL A 61 -24.82 60.22 -133.13
CA VAL A 61 -23.53 59.56 -133.06
C VAL A 61 -22.88 59.55 -134.45
N GLU A 62 -21.70 60.17 -134.55
CA GLU A 62 -21.01 60.29 -135.81
C GLU A 62 -20.25 59.00 -136.11
N THR A 63 -20.73 58.22 -137.07
CA THR A 63 -20.06 56.98 -137.44
C THR A 63 -18.97 57.28 -138.46
N ASP A 64 -18.42 56.24 -139.10
CA ASP A 64 -17.31 56.39 -140.03
C ASP A 64 -17.81 56.87 -141.39
N LYS A 65 -19.13 56.79 -141.60
CA LYS A 65 -19.78 57.32 -142.78
C LYS A 65 -19.68 58.85 -142.76
N ASP A 66 -20.10 59.46 -141.66
CA ASP A 66 -20.10 60.91 -141.53
C ASP A 66 -18.69 61.49 -141.59
N ASP A 67 -17.67 60.63 -141.39
CA ASP A 67 -16.26 61.01 -141.44
C ASP A 67 -15.40 59.76 -141.47
N PRO A 68 -14.51 59.56 -142.48
CA PRO A 68 -13.69 58.35 -142.54
C PRO A 68 -12.57 58.29 -141.50
N ARG A 69 -12.45 59.35 -140.67
CA ARG A 69 -11.41 59.46 -139.66
C ARG A 69 -11.90 59.00 -138.28
N SER A 70 -13.18 58.66 -138.18
CA SER A 70 -13.79 58.31 -136.90
C SER A 70 -13.46 56.85 -136.56
N HIS A 71 -13.70 56.49 -135.29
CA HIS A 71 -13.34 55.18 -134.79
C HIS A 71 -14.53 54.24 -134.73
N ARG A 72 -15.75 54.79 -134.72
CA ARG A 72 -16.98 54.02 -134.68
C ARG A 72 -17.36 53.59 -136.10
N LEU A 74 -20.76 51.62 -138.25
CA LEU A 74 -22.07 51.00 -138.31
C LEU A 74 -21.97 49.75 -139.18
N LEU A 75 -22.35 48.60 -138.63
CA LEU A 75 -22.16 47.34 -139.32
C LEU A 75 -23.25 47.15 -140.36
N PRO A 76 -23.14 46.13 -141.23
CA PRO A 76 -24.24 45.72 -142.11
C PRO A 76 -25.50 45.43 -141.30
N SER A 77 -25.32 44.73 -140.18
CA SER A 77 -26.41 44.38 -139.28
C SER A 77 -27.12 45.63 -138.76
N GLY A 78 -26.33 46.63 -138.31
CA GLY A 78 -26.86 47.84 -137.69
C GLY A 78 -26.25 48.11 -136.32
N SER A 79 -25.60 47.07 -135.79
CA SER A 79 -24.83 47.17 -134.57
C SER A 79 -23.75 48.26 -134.72
N LEU A 80 -23.62 49.11 -133.69
CA LEU A 80 -22.56 50.10 -133.63
C LEU A 80 -21.30 49.46 -133.02
N PHE A 81 -20.25 49.31 -133.84
CA PHE A 81 -19.02 48.69 -133.41
C PHE A 81 -17.93 49.73 -133.27
N PHE A 82 -17.42 49.83 -132.04
CA PHE A 82 -16.25 50.65 -131.75
C PHE A 82 -15.02 49.76 -131.85
N LEU A 83 -13.92 50.29 -132.43
CA LEU A 83 -12.68 49.55 -132.60
C LEU A 83 -11.89 49.53 -131.29
N ARG A 84 -11.68 50.72 -130.74
CA ARG A 84 -11.18 50.88 -129.39
C ARG A 84 -12.00 51.94 -128.69
N ILE A 85 -12.48 51.63 -127.49
CA ILE A 85 -13.23 52.59 -126.71
C ILE A 85 -12.32 53.75 -126.35
N VAL A 86 -12.88 54.95 -126.35
CA VAL A 86 -12.07 56.12 -126.12
C VAL A 86 -12.60 56.82 -124.86
N HIS A 87 -11.67 57.16 -123.96
CA HIS A 87 -12.03 57.84 -122.72
C HIS A 87 -10.86 58.70 -122.19
N GLY A 88 -11.18 59.88 -121.66
CA GLY A 88 -10.21 60.76 -121.01
C GLY A 88 -10.78 61.34 -119.73
N ARG A 89 -10.16 62.40 -119.21
CA ARG A 89 -10.60 63.00 -117.95
C ARG A 89 -11.65 64.07 -118.23
N ARG A 90 -11.41 64.86 -119.29
CA ARG A 90 -12.34 65.91 -119.70
C ARG A 90 -13.27 65.40 -120.80
N SER A 91 -12.70 65.04 -121.95
CA SER A 91 -13.47 64.58 -123.10
C SER A 91 -13.77 63.09 -123.02
N LYS A 92 -15.04 62.74 -122.88
CA LYS A 92 -15.49 61.38 -122.74
C LYS A 92 -16.49 61.09 -123.86
N PRO A 93 -16.01 60.65 -125.05
CA PRO A 93 -16.88 60.55 -126.22
C PRO A 93 -17.75 59.30 -126.34
N ASP A 94 -17.36 58.22 -125.64
CA ASP A 94 -18.07 56.96 -125.81
C ASP A 94 -18.91 56.66 -124.58
N GLU A 95 -18.57 57.26 -123.44
CA GLU A 95 -19.31 57.07 -122.21
C GLU A 95 -20.59 57.89 -122.25
N GLY A 96 -21.74 57.21 -122.25
CA GLY A 96 -23.06 57.84 -122.32
C GLY A 96 -24.19 56.84 -122.48
N SER A 97 -25.34 57.31 -122.99
CA SER A 97 -26.56 56.53 -123.10
C SER A 97 -26.98 56.40 -124.55
N TYR A 98 -26.81 55.22 -125.12
CA TYR A 98 -27.00 54.96 -126.54
C TYR A 98 -28.42 54.48 -126.80
N VAL A 99 -28.88 54.68 -128.05
CA VAL A 99 -30.15 54.19 -128.59
C VAL A 99 -30.05 54.13 -130.11
N CYS A 100 -30.54 53.03 -130.70
CA CYS A 100 -30.50 52.94 -132.15
C CYS A 100 -31.88 53.19 -132.71
N VAL A 101 -31.94 53.93 -133.82
CA VAL A 101 -33.18 54.47 -134.39
C VAL A 101 -33.24 54.12 -135.88
N ALA A 102 -34.18 53.24 -136.22
CA ALA A 102 -34.36 52.81 -137.60
C ALA A 102 -35.62 53.46 -138.18
N ARG A 103 -35.53 53.98 -139.41
CA ARG A 103 -36.60 54.77 -139.98
C ARG A 103 -36.72 54.50 -141.48
N ASN A 104 -37.95 54.64 -142.01
CA ASN A 104 -38.27 54.70 -143.43
C ASN A 104 -39.33 55.78 -143.66
N TYR A 105 -40.05 55.71 -144.78
CA TYR A 105 -41.02 56.73 -145.13
C TYR A 105 -42.30 56.58 -144.29
N LEU A 106 -42.51 55.38 -143.75
CA LEU A 106 -43.70 55.06 -142.99
C LEU A 106 -43.59 55.63 -141.59
N GLY A 107 -42.41 55.52 -140.97
CA GLY A 107 -42.18 56.08 -139.65
C GLY A 107 -40.85 55.67 -139.03
N GLU A 108 -40.67 56.05 -137.74
CA GLU A 108 -39.46 55.87 -136.95
C GLU A 108 -39.65 54.73 -135.95
N ALA A 109 -38.56 54.37 -135.28
CA ALA A 109 -38.56 53.35 -134.22
C ALA A 109 -37.30 53.46 -133.35
N VAL A 110 -37.44 54.10 -132.19
CA VAL A 110 -36.36 54.26 -131.22
C VAL A 110 -36.28 53.03 -130.32
N SER A 111 -35.06 52.53 -130.09
CA SER A 111 -34.83 51.35 -129.26
C SER A 111 -34.89 51.71 -127.78
N ARG A 112 -34.60 50.73 -126.93
CA ARG A 112 -34.47 50.97 -125.50
C ARG A 112 -33.13 51.65 -125.19
N ASN A 113 -33.01 52.15 -123.95
CA ASN A 113 -31.76 52.68 -123.42
C ASN A 113 -30.72 51.58 -123.30
N ALA A 114 -29.50 51.88 -123.75
CA ALA A 114 -28.31 51.12 -123.39
C ALA A 114 -27.22 52.12 -123.04
N SER A 115 -26.67 52.00 -121.83
CA SER A 115 -25.55 52.84 -121.43
C SER A 115 -24.25 52.06 -121.55
N LEU A 116 -23.24 52.76 -122.08
CA LEU A 116 -21.90 52.22 -122.17
C LEU A 116 -21.10 52.95 -121.11
N GLU A 117 -20.53 52.17 -120.16
CA GLU A 117 -19.72 52.61 -119.05
C GLU A 117 -18.29 52.08 -119.17
N VAL A 118 -17.31 52.96 -118.92
CA VAL A 118 -15.89 52.63 -118.96
C VAL A 118 -15.50 51.95 -117.65
N ALA A 119 -14.62 50.94 -117.74
CA ALA A 119 -14.32 50.08 -116.60
C ALA A 119 -13.38 50.77 -115.62
N LEU A 120 -13.61 50.53 -114.32
CA LEU A 120 -12.89 51.20 -113.25
C LEU A 120 -12.37 50.20 -112.21
N LEU A 121 -11.26 50.57 -111.56
CA LEU A 121 -10.60 49.80 -110.50
C LEU A 121 -9.61 50.66 -109.70
N ARG A 122 -9.96 51.01 -108.46
CA ARG A 122 -9.16 51.93 -107.65
C ARG A 122 -7.92 51.21 -107.11
N ASP A 123 -7.15 51.91 -106.27
CA ASP A 123 -5.90 51.40 -105.75
C ASP A 123 -6.07 50.92 -104.30
N ASP A 124 -6.56 51.82 -103.43
CA ASP A 124 -6.65 51.55 -102.01
C ASP A 124 -7.79 50.59 -101.73
N PHE A 125 -7.48 49.54 -100.96
CA PHE A 125 -8.40 48.46 -100.64
C PHE A 125 -9.44 48.91 -99.63
N ARG A 126 -10.64 48.31 -99.68
CA ARG A 126 -11.68 48.63 -98.72
C ARG A 126 -11.27 48.13 -97.34
N GLN A 127 -10.62 46.97 -97.28
CA GLN A 127 -10.07 46.44 -96.05
C GLN A 127 -8.84 45.58 -96.34
N ASN A 128 -7.67 46.03 -95.88
CA ASN A 128 -6.40 45.37 -96.17
C ASN A 128 -6.20 44.22 -95.20
N PRO A 129 -5.67 43.06 -95.64
CA PRO A 129 -5.50 41.92 -94.75
C PRO A 129 -4.55 42.30 -93.62
N THR A 130 -4.87 41.88 -92.39
CA THR A 130 -4.12 42.29 -91.21
C THR A 130 -3.33 41.10 -90.66
N ASP A 131 -2.22 41.37 -89.96
CA ASP A 131 -1.29 40.35 -89.50
C ASP A 131 -1.96 39.45 -88.47
N VAL A 132 -1.67 38.14 -88.56
CA VAL A 132 -2.30 37.17 -87.68
C VAL A 132 -1.24 36.24 -87.10
N VAL A 133 -1.41 35.94 -85.81
CA VAL A 133 -0.51 35.13 -84.99
C VAL A 133 -1.29 33.95 -84.43
N VAL A 134 -0.82 32.73 -84.72
CA VAL A 134 -1.55 31.54 -84.33
C VAL A 134 -0.58 30.46 -83.86
N ALA A 135 -1.13 29.43 -83.20
CA ALA A 135 -0.38 28.30 -82.65
C ALA A 135 -0.69 27.05 -83.46
N ALA A 136 0.38 26.41 -83.95
CA ALA A 136 0.30 25.25 -84.83
C ALA A 136 -0.84 24.32 -84.41
N GLY A 137 -1.75 24.05 -85.35
CA GLY A 137 -2.91 23.21 -85.08
C GLY A 137 -4.20 24.02 -85.00
N GLU A 138 -4.06 25.32 -84.71
CA GLU A 138 -5.22 26.20 -84.59
C GLU A 138 -5.60 26.77 -85.95
N PRO A 139 -6.89 27.17 -86.13
CA PRO A 139 -7.32 27.84 -87.36
C PRO A 139 -6.96 29.32 -87.38
N ALA A 140 -6.57 29.81 -88.56
CA ALA A 140 -6.25 31.21 -88.78
C ALA A 140 -7.18 31.80 -89.83
N ILE A 141 -7.70 33.00 -89.55
CA ILE A 141 -8.60 33.67 -90.46
C ILE A 141 -7.99 35.02 -90.90
N LEU A 142 -7.76 35.13 -92.20
CA LEU A 142 -7.35 36.35 -92.86
C LEU A 142 -8.53 36.86 -93.70
N GLU A 143 -8.83 38.15 -93.57
CA GLU A 143 -9.93 38.76 -94.28
C GLU A 143 -9.39 39.88 -95.17
N CYS A 144 -10.17 40.27 -96.18
CA CYS A 144 -9.78 41.24 -97.18
C CYS A 144 -10.99 41.78 -97.93
N GLN A 145 -10.90 43.04 -98.36
CA GLN A 145 -11.94 43.66 -99.15
C GLN A 145 -11.31 44.54 -100.22
N PRO A 146 -11.52 44.21 -101.52
CA PRO A 146 -10.79 44.86 -102.61
C PRO A 146 -11.23 46.32 -102.71
N PRO A 147 -10.57 47.15 -103.52
CA PRO A 147 -11.04 48.52 -103.76
C PRO A 147 -12.41 48.49 -104.45
N ARG A 148 -13.08 49.65 -104.52
CA ARG A 148 -14.29 49.69 -105.31
C ARG A 148 -13.89 49.58 -106.79
N GLY A 149 -14.80 49.02 -107.58
CA GLY A 149 -14.60 48.85 -109.01
C GLY A 149 -15.92 48.84 -109.76
N HIS A 150 -15.83 48.71 -111.09
CA HIS A 150 -17.01 48.55 -111.92
C HIS A 150 -16.57 47.80 -113.16
N PRO A 151 -16.85 46.48 -113.28
CA PRO A 151 -17.72 45.77 -112.34
C PRO A 151 -17.09 45.65 -110.97
N GLU A 152 -17.85 45.15 -109.99
CA GLU A 152 -17.32 44.88 -108.67
C GLU A 152 -16.21 43.84 -108.80
N PRO A 153 -15.05 44.06 -108.14
CA PRO A 153 -13.92 43.13 -108.24
C PRO A 153 -14.14 41.87 -107.42
N THR A 154 -13.29 40.88 -107.68
CA THR A 154 -13.33 39.63 -106.95
C THR A 154 -11.90 39.23 -106.61
N ILE A 155 -11.70 38.66 -105.41
CA ILE A 155 -10.38 38.51 -104.83
C ILE A 155 -9.88 37.08 -104.90
N TYR A 156 -8.56 36.93 -104.81
CA TYR A 156 -7.87 35.68 -104.57
C TYR A 156 -6.64 35.98 -103.70
N TRP A 157 -5.92 34.95 -103.25
CA TRP A 157 -4.82 35.14 -102.32
C TRP A 157 -3.49 34.58 -102.84
N LYS A 158 -2.44 35.33 -102.55
CA LYS A 158 -1.08 34.93 -102.87
C LYS A 158 -0.35 34.66 -101.56
N LYS A 159 0.45 33.60 -101.55
CA LYS A 159 1.40 33.35 -100.47
C LYS A 159 2.80 33.45 -101.04
N ASP A 160 3.54 34.47 -100.60
CA ASP A 160 4.89 34.74 -101.06
C ASP A 160 4.91 34.79 -102.58
N LYS A 161 4.02 35.61 -103.16
CA LYS A 161 3.93 35.78 -104.61
C LYS A 161 3.73 34.43 -105.30
N VAL A 162 2.83 33.61 -104.75
CA VAL A 162 2.40 32.38 -105.37
C VAL A 162 0.92 32.21 -105.09
N ARG A 163 0.13 32.00 -106.14
CA ARG A 163 -1.29 31.81 -105.95
C ARG A 163 -1.53 30.59 -105.08
N ILE A 164 -2.59 30.62 -104.27
CA ILE A 164 -2.95 29.49 -103.43
C ILE A 164 -4.39 29.08 -103.73
N ASP A 165 -4.60 27.77 -103.95
CA ASP A 165 -5.89 27.24 -104.34
C ASP A 165 -6.65 26.71 -103.13
N ASP A 166 -7.98 26.91 -103.16
CA ASP A 166 -8.86 26.42 -102.11
C ASP A 166 -9.18 24.95 -102.35
N LYS A 167 -8.26 24.25 -103.02
CA LYS A 167 -8.48 22.86 -103.40
C LYS A 167 -8.36 21.99 -102.14
N GLU A 168 -9.02 22.42 -101.06
CA GLU A 168 -8.86 21.79 -99.76
C GLU A 168 -10.12 21.87 -98.91
N GLU A 169 -10.04 21.15 -97.78
CA GLU A 169 -11.04 21.18 -96.71
C GLU A 169 -10.43 21.97 -95.55
N ARG A 170 -9.09 22.04 -95.53
CA ARG A 170 -8.40 22.86 -94.54
C ARG A 170 -8.34 24.31 -95.03
N ILE A 171 -8.12 24.49 -96.35
CA ILE A 171 -8.14 25.80 -96.98
C ILE A 171 -9.49 25.99 -97.67
N SER A 172 -10.17 27.11 -97.38
CA SER A 172 -11.42 27.45 -98.03
C SER A 172 -11.63 28.96 -98.00
N ILE A 173 -11.71 29.54 -99.20
CA ILE A 173 -11.93 30.97 -99.38
C ILE A 173 -13.43 31.19 -99.51
N ARG A 174 -13.97 32.05 -98.63
CA ARG A 174 -15.40 32.33 -98.62
C ARG A 174 -15.58 33.82 -98.43
N GLY A 175 -16.28 34.45 -99.36
CA GLY A 175 -16.37 35.90 -99.39
C GLY A 175 -14.98 36.51 -99.37
N GLY A 176 -14.79 37.46 -98.45
CA GLY A 176 -13.50 38.10 -98.26
C GLY A 176 -12.56 37.30 -97.36
N LYS A 177 -13.08 36.23 -96.74
CA LYS A 177 -12.36 35.48 -95.72
C LYS A 177 -11.59 34.32 -96.36
N LEU A 178 -10.32 34.18 -95.91
CA LEU A 178 -9.48 33.02 -96.14
C LEU A 178 -9.20 32.34 -94.80
N ILE A 180 -7.16 28.79 -93.08
CA ILE A 180 -6.42 27.54 -92.98
C ILE A 180 -6.68 26.97 -91.59
N SER A 181 -6.96 25.66 -91.52
CA SER A 181 -7.06 24.94 -90.27
C SER A 181 -5.87 23.99 -90.16
N ASN A 182 -5.51 23.63 -88.91
CA ASN A 182 -4.41 22.72 -88.67
C ASN A 182 -3.13 23.33 -89.23
N THR A 183 -2.82 24.56 -88.81
CA THR A 183 -1.70 25.33 -89.33
C THR A 183 -0.38 24.63 -89.02
N ARG A 184 0.59 24.70 -89.95
CA ARG A 184 1.96 24.29 -89.70
C ARG A 184 2.89 25.43 -90.09
N LYS A 185 4.20 25.26 -89.86
CA LYS A 185 5.14 26.33 -90.13
C LYS A 185 5.40 26.46 -91.64
N SER A 186 4.78 25.57 -92.44
CA SER A 186 4.77 25.67 -93.89
C SER A 186 3.97 26.91 -94.31
N ASP A 187 3.04 27.32 -93.43
CA ASP A 187 2.02 28.32 -93.73
C ASP A 187 2.47 29.71 -93.27
N ALA A 188 3.65 29.81 -92.67
CA ALA A 188 4.14 31.09 -92.23
C ALA A 188 4.70 31.84 -93.43
N GLY A 189 4.34 33.13 -93.54
CA GLY A 189 4.90 33.97 -94.59
C GLY A 189 3.99 35.13 -94.95
N TYR A 191 1.31 37.13 -96.91
CA TYR A 191 0.05 36.87 -97.58
C TYR A 191 -0.48 38.17 -98.16
N THR A 192 -0.75 38.18 -99.48
CA THR A 192 -1.38 39.30 -100.17
C THR A 192 -2.71 38.85 -100.75
N CYS A 193 -3.68 39.77 -100.71
CA CYS A 193 -4.98 39.56 -101.28
C CYS A 193 -5.09 40.39 -102.57
N VAL A 194 -5.30 39.71 -103.69
CA VAL A 194 -5.27 40.36 -105.00
C VAL A 194 -6.68 40.43 -105.51
N GLY A 195 -7.13 41.65 -105.84
CA GLY A 195 -8.46 41.89 -106.37
C GLY A 195 -8.46 42.21 -107.87
N THR A 196 -9.08 41.33 -108.67
CA THR A 196 -9.10 41.50 -110.12
C THR A 196 -10.46 42.03 -110.56
N ASN A 197 -10.54 42.19 -111.88
CA ASN A 197 -11.51 42.98 -112.62
C ASN A 197 -11.24 42.72 -114.09
N VAL A 199 -10.38 45.39 -115.66
CA VAL A 199 -9.38 46.44 -115.77
C VAL A 199 -8.04 45.74 -115.64
N GLY A 200 -7.84 45.06 -114.51
CA GLY A 200 -6.60 44.40 -114.17
C GLY A 200 -6.64 43.82 -112.75
N GLU A 201 -5.54 43.93 -112.01
CA GLU A 201 -5.52 43.48 -110.63
C GLU A 201 -4.63 44.37 -109.80
N ARG A 202 -5.03 44.58 -108.55
CA ARG A 202 -4.27 45.32 -107.55
C ARG A 202 -3.92 44.41 -106.38
N ASP A 203 -2.69 44.51 -105.87
CA ASP A 203 -2.26 43.70 -104.74
C ASP A 203 -2.46 44.49 -103.46
N SER A 204 -2.69 43.79 -102.35
CA SER A 204 -2.95 44.43 -101.08
C SER A 204 -1.66 44.58 -100.27
N ASP A 205 -1.77 45.33 -99.17
CA ASP A 205 -0.72 45.39 -98.17
C ASP A 205 -0.51 43.98 -97.63
N PRO A 206 0.75 43.49 -97.59
CA PRO A 206 1.02 42.11 -97.19
C PRO A 206 0.74 41.93 -95.70
N ALA A 207 0.01 40.85 -95.36
CA ALA A 207 -0.20 40.45 -93.98
C ALA A 207 0.58 39.18 -93.74
N GLU A 208 1.38 39.16 -92.67
CA GLU A 208 2.21 38.02 -92.35
C GLU A 208 1.51 37.13 -91.34
N LEU A 209 1.69 35.81 -91.53
CA LEU A 209 1.14 34.84 -90.60
C LEU A 209 2.30 34.14 -89.91
N THR A 210 2.37 34.29 -88.57
CA THR A 210 3.35 33.62 -87.73
C THR A 210 2.69 32.43 -87.05
N VAL A 211 3.39 31.29 -87.13
CA VAL A 211 2.88 30.06 -86.54
C VAL A 211 3.82 29.60 -85.44
N PHE A 212 3.50 30.02 -84.21
CA PHE A 212 4.23 29.63 -83.01
C PHE A 212 3.79 28.22 -82.64
N GLU A 213 4.65 27.50 -81.91
CA GLU A 213 4.30 26.17 -81.43
C GLU A 213 4.63 26.03 -79.95
N ARG A 214 4.03 24.99 -79.35
CA ARG A 214 4.18 24.69 -77.93
C ARG A 214 5.62 24.23 -77.66
N PRO A 215 6.09 24.24 -76.39
CA PRO A 215 7.41 23.72 -76.06
C PRO A 215 7.52 22.21 -76.28
N THR A 216 8.69 21.80 -76.77
CA THR A 216 9.03 20.41 -77.02
C THR A 216 10.36 20.07 -76.34
N PHE A 217 10.52 18.84 -75.82
CA PHE A 217 11.73 18.42 -75.14
C PHE A 217 12.71 17.78 -76.12
N LEU A 218 13.92 18.35 -76.22
CA LEU A 218 14.98 17.79 -77.03
C LEU A 218 15.75 16.74 -76.22
N ARG A 219 16.26 17.18 -75.06
CA ARG A 219 16.88 16.33 -74.07
C ARG A 219 16.05 16.39 -72.78
N ARG A 220 15.50 15.22 -72.43
CA ARG A 220 14.67 15.09 -71.25
C ARG A 220 15.54 14.62 -70.09
N PRO A 221 15.29 15.05 -68.82
CA PRO A 221 16.06 14.57 -67.69
C PRO A 221 15.78 13.10 -67.41
N ILE A 222 16.82 12.39 -66.96
CA ILE A 222 16.75 10.95 -66.73
C ILE A 222 16.90 10.66 -65.25
N ASN A 223 16.26 9.56 -64.79
CA ASN A 223 16.28 9.13 -63.41
C ASN A 223 17.71 8.74 -63.01
N GLN A 224 18.14 9.17 -61.82
CA GLN A 224 19.46 8.83 -61.31
C GLN A 224 19.38 8.33 -59.87
N VAL A 225 20.35 7.46 -59.52
CA VAL A 225 20.47 6.79 -58.22
C VAL A 225 21.86 7.11 -57.68
N VAL A 226 21.99 7.69 -56.48
CA VAL A 226 23.29 8.17 -56.09
C VAL A 226 23.44 8.16 -54.56
N LEU A 227 24.67 7.94 -54.09
CA LEU A 227 25.03 7.87 -52.68
C LEU A 227 25.15 9.27 -52.07
N GLU A 228 24.93 9.36 -50.77
CA GLU A 228 24.80 10.62 -50.09
C GLU A 228 26.09 11.43 -50.28
N GLU A 229 25.96 12.74 -50.15
CA GLU A 229 27.02 13.73 -50.07
C GLU A 229 27.73 13.88 -51.40
N GLU A 230 27.44 12.99 -52.36
CA GLU A 230 27.93 13.09 -53.73
C GLU A 230 27.33 14.33 -54.39
N ALA A 231 27.62 14.53 -55.68
CA ALA A 231 27.02 15.61 -56.45
C ALA A 231 26.23 15.02 -57.61
N VAL A 232 25.08 15.64 -57.97
CA VAL A 232 24.23 15.09 -59.02
C VAL A 232 23.60 16.22 -59.84
N GLU A 233 23.35 15.94 -61.13
CA GLU A 233 22.78 16.92 -62.04
C GLU A 233 21.78 16.26 -62.98
N PHE A 234 20.72 16.99 -63.36
CA PHE A 234 19.76 16.56 -64.37
C PHE A 234 19.77 17.55 -65.52
N ARG A 235 19.81 17.02 -66.75
CA ARG A 235 19.88 17.84 -67.94
C ARG A 235 18.46 18.05 -68.45
N CYS A 236 18.22 19.18 -69.13
CA CYS A 236 16.93 19.50 -69.73
C CYS A 236 17.07 20.53 -70.84
N GLN A 237 16.89 20.08 -72.09
CA GLN A 237 16.94 20.94 -73.25
C GLN A 237 15.58 21.00 -73.92
N VAL A 238 15.12 22.22 -74.19
CA VAL A 238 13.80 22.46 -74.77
C VAL A 238 13.92 23.18 -76.11
N GLN A 239 12.78 23.32 -76.79
CA GLN A 239 12.67 23.91 -78.11
C GLN A 239 11.24 24.37 -78.29
N GLY A 240 11.06 25.42 -79.08
CA GLY A 240 9.74 25.94 -79.33
C GLY A 240 9.76 27.38 -79.82
N ASP A 241 8.57 27.88 -80.12
CA ASP A 241 8.41 29.20 -80.69
C ASP A 241 7.24 29.88 -79.99
N PRO A 242 7.48 30.95 -79.20
CA PRO A 242 8.82 31.48 -78.99
C PRO A 242 9.66 30.57 -78.10
N GLN A 243 10.91 30.99 -77.83
CA GLN A 243 11.87 30.27 -77.01
C GLN A 243 11.29 30.13 -75.60
N PRO A 244 11.05 28.88 -75.10
CA PRO A 244 10.40 28.70 -73.81
C PRO A 244 11.37 28.96 -72.65
N THR A 245 10.82 29.32 -71.50
CA THR A 245 11.60 29.49 -70.29
C THR A 245 11.45 28.22 -69.43
N VAL A 246 12.61 27.71 -68.97
CA VAL A 246 12.70 26.50 -68.19
C VAL A 246 12.68 26.88 -66.70
N ARG A 247 12.01 26.05 -65.89
CA ARG A 247 12.07 26.19 -64.44
C ARG A 247 11.95 24.80 -63.81
N TRP A 248 12.53 24.63 -62.60
CA TRP A 248 12.53 23.34 -61.95
C TRP A 248 11.65 23.36 -60.70
N LYS A 249 11.11 22.18 -60.37
CA LYS A 249 10.37 21.92 -59.14
C LYS A 249 10.68 20.51 -58.65
N LYS A 250 10.59 20.28 -57.33
CA LYS A 250 10.72 18.96 -56.76
C LYS A 250 9.44 18.61 -56.01
N ASP A 251 8.88 17.44 -56.35
CA ASP A 251 7.62 16.99 -55.75
C ASP A 251 6.61 18.12 -55.78
N ASP A 252 6.52 18.79 -56.93
CA ASP A 252 5.55 19.82 -57.25
C ASP A 252 5.72 21.06 -56.38
N ALA A 253 6.75 21.05 -55.50
CA ALA A 253 7.09 22.23 -54.73
C ALA A 253 8.39 22.82 -55.27
N ASP A 254 8.65 24.09 -54.95
CA ASP A 254 9.87 24.75 -55.36
C ASP A 254 11.05 24.22 -54.55
N LEU A 255 12.25 24.28 -55.15
CA LEU A 255 13.44 23.64 -54.60
C LEU A 255 13.89 24.39 -53.35
N PRO A 256 13.88 23.75 -52.15
CA PRO A 256 14.42 24.37 -50.94
C PRO A 256 15.87 24.79 -51.18
N ARG A 257 16.09 26.12 -51.20
CA ARG A 257 17.34 26.77 -51.54
C ARG A 257 18.49 26.15 -50.77
N GLY A 258 19.68 26.11 -51.40
CA GLY A 258 20.86 25.57 -50.75
C GLY A 258 21.84 24.98 -51.74
N ARG A 259 21.69 23.67 -52.03
CA ARG A 259 22.67 22.89 -52.76
C ARG A 259 22.34 22.87 -54.26
N TYR A 260 21.09 23.21 -54.61
CA TYR A 260 20.69 23.25 -56.01
C TYR A 260 21.39 24.40 -56.72
N ASP A 261 21.73 24.18 -57.98
CA ASP A 261 22.38 25.21 -58.77
C ASP A 261 21.91 25.10 -60.22
N ILE A 262 21.39 26.22 -60.74
CA ILE A 262 20.78 26.26 -62.07
C ILE A 262 21.80 26.82 -63.04
N LYS A 263 22.24 25.98 -63.98
CA LYS A 263 23.26 26.38 -64.94
C LYS A 263 22.60 27.13 -66.09
N ASP A 264 23.42 27.74 -66.96
CA ASP A 264 22.90 28.51 -68.06
C ASP A 264 22.25 27.60 -69.09
N ASP A 265 22.82 26.43 -69.30
CA ASP A 265 22.26 25.45 -70.22
C ASP A 265 21.08 24.73 -69.56
N TYR A 266 20.63 25.24 -68.40
CA TYR A 266 19.43 24.77 -67.72
C TYR A 266 19.67 23.46 -66.95
N THR A 267 20.91 22.98 -66.91
CA THR A 267 21.20 21.79 -66.11
C THR A 267 21.03 22.15 -64.64
N LEU A 268 20.53 21.20 -63.87
CA LEU A 268 20.31 21.40 -62.44
C LEU A 268 21.29 20.54 -61.67
N ARG A 269 22.16 21.18 -60.88
CA ARG A 269 23.20 20.50 -60.14
C ARG A 269 22.94 20.60 -58.63
N ILE A 270 22.92 19.42 -57.99
CA ILE A 270 22.92 19.28 -56.55
C ILE A 270 24.36 18.97 -56.14
N LYS A 271 24.98 19.88 -55.37
CA LYS A 271 26.40 19.80 -55.08
C LYS A 271 26.64 18.79 -53.97
N LYS A 272 25.87 18.91 -52.89
CA LYS A 272 25.99 17.99 -51.77
C LYS A 272 24.68 17.24 -51.62
N THR A 273 24.71 15.94 -51.94
CA THR A 273 23.53 15.09 -51.89
C THR A 273 23.22 14.75 -50.43
N SER A 275 19.99 12.59 -47.92
CA SER A 275 18.83 11.71 -47.86
C SER A 275 17.55 12.50 -48.14
N THR A 276 17.53 13.77 -47.74
CA THR A 276 16.34 14.60 -47.79
C THR A 276 16.18 15.24 -49.18
N ASP A 277 17.22 15.19 -50.01
CA ASP A 277 17.20 15.75 -51.36
C ASP A 277 16.44 14.85 -52.32
N GLU A 278 16.25 13.59 -51.92
CA GLU A 278 15.54 12.57 -52.67
C GLU A 278 14.18 13.09 -53.11
N GLY A 279 13.72 12.61 -54.27
CA GLY A 279 12.40 12.97 -54.74
C GLY A 279 12.27 12.93 -56.26
N THR A 280 11.14 13.46 -56.76
CA THR A 280 10.83 13.45 -58.17
C THR A 280 10.95 14.88 -58.68
N TYR A 281 12.07 15.15 -59.36
CA TYR A 281 12.38 16.46 -59.89
C TYR A 281 11.73 16.59 -61.26
N CYS A 283 11.12 19.29 -64.89
CA CYS A 283 11.57 20.39 -65.72
C CYS A 283 10.36 20.94 -66.46
N ILE A 284 10.06 22.23 -66.26
CA ILE A 284 8.86 22.82 -66.85
C ILE A 284 9.26 23.91 -67.83
N ALA A 285 8.78 23.77 -69.08
CA ALA A 285 9.03 24.69 -70.18
C ALA A 285 7.74 25.43 -70.55
N GLU A 286 7.84 26.75 -70.71
CA GLU A 286 6.65 27.58 -70.92
C GLU A 286 6.98 28.76 -71.83
N ASN A 287 6.11 28.98 -72.82
CA ASN A 287 6.09 30.18 -73.65
C ASN A 287 4.63 30.67 -73.76
N ARG A 288 4.37 31.49 -74.79
CA ARG A 288 3.07 32.09 -75.01
C ARG A 288 1.96 31.06 -75.19
N VAL A 289 2.31 29.91 -75.79
CA VAL A 289 1.37 28.92 -76.28
C VAL A 289 0.94 27.99 -75.16
N GLY A 290 1.64 28.04 -74.03
CA GLY A 290 1.39 27.14 -72.91
C GLY A 290 2.65 26.41 -72.49
N LYS A 291 2.49 25.40 -71.61
CA LYS A 291 3.58 24.79 -70.87
C LYS A 291 3.59 23.27 -71.05
N GLU A 293 5.76 19.68 -69.08
CA GLU A 293 6.68 19.25 -68.03
C GLU A 293 7.05 17.79 -68.17
N ALA A 294 8.30 17.47 -67.85
CA ALA A 294 8.79 16.11 -67.76
C ALA A 294 9.66 15.95 -66.51
N SER A 295 9.46 14.81 -65.84
CA SER A 295 10.01 14.56 -64.52
C SER A 295 11.09 13.50 -64.63
N ALA A 296 11.84 13.37 -63.54
CA ALA A 296 12.79 12.27 -63.30
C ALA A 296 12.96 12.08 -61.79
N THR A 297 13.40 10.89 -61.40
CA THR A 297 13.53 10.64 -59.98
C THR A 297 14.99 10.56 -59.59
N LEU A 298 15.23 10.96 -58.34
CA LEU A 298 16.49 10.88 -57.66
C LEU A 298 16.30 9.97 -56.46
N THR A 299 17.25 9.05 -56.27
CA THR A 299 17.22 8.19 -55.11
C THR A 299 18.58 8.25 -54.44
N VAL A 300 18.61 8.44 -53.11
CA VAL A 300 19.82 8.57 -52.34
C VAL A 300 20.06 7.29 -51.51
N ARG A 301 21.26 6.73 -51.63
CA ARG A 301 21.64 5.53 -50.93
C ARG A 301 22.52 5.93 -49.76
N ALA A 302 22.01 5.77 -48.54
CA ALA A 302 22.82 5.89 -47.35
C ALA A 302 23.01 4.50 -46.72
N PRO A 303 24.24 3.96 -46.70
CA PRO A 303 24.48 2.64 -46.16
C PRO A 303 24.21 2.68 -44.65
N PRO A 304 23.68 1.60 -44.05
CA PRO A 304 23.26 1.63 -42.65
C PRO A 304 24.49 1.85 -41.79
N GLN A 305 24.31 2.60 -40.69
CA GLN A 305 25.35 2.89 -39.73
C GLN A 305 24.75 3.00 -38.33
N PHE A 306 25.52 2.58 -37.32
CA PHE A 306 25.03 2.62 -35.96
C PHE A 306 25.13 4.03 -35.39
N VAL A 307 24.02 4.59 -34.92
CA VAL A 307 24.05 5.83 -34.15
C VAL A 307 24.47 5.46 -32.73
N VAL A 308 23.75 4.51 -32.12
CA VAL A 308 24.23 3.86 -30.90
C VAL A 308 24.35 2.37 -31.16
N ARG A 309 25.43 1.78 -30.68
CA ARG A 309 25.61 0.35 -30.80
C ARG A 309 25.66 -0.19 -29.40
N PRO A 310 25.28 -1.47 -29.16
CA PRO A 310 25.22 -2.01 -27.82
C PRO A 310 26.64 -2.40 -27.40
N ARG A 311 26.93 -2.16 -26.10
CA ARG A 311 28.19 -2.50 -25.44
C ARG A 311 27.87 -3.52 -24.34
N ASP A 312 28.89 -4.24 -23.88
CA ASP A 312 28.70 -5.37 -22.98
C ASP A 312 28.23 -4.92 -21.60
N GLN A 313 27.49 -5.79 -20.92
CA GLN A 313 27.00 -5.50 -19.59
C GLN A 313 27.12 -6.71 -18.68
N ILE A 314 27.71 -6.48 -17.49
CA ILE A 314 27.80 -7.47 -16.45
C ILE A 314 26.76 -7.06 -15.43
N VAL A 315 25.70 -7.86 -15.31
CA VAL A 315 24.61 -7.42 -14.49
C VAL A 315 24.10 -8.61 -13.69
N ALA A 316 23.48 -8.33 -12.54
CA ALA A 316 23.14 -9.37 -11.58
C ALA A 316 21.69 -9.81 -11.73
N GLN A 317 21.50 -11.13 -11.55
CA GLN A 317 20.27 -11.90 -11.70
C GLN A 317 19.09 -11.13 -11.14
N GLY A 318 17.96 -11.20 -11.85
CA GLY A 318 16.69 -10.69 -11.36
C GLY A 318 16.44 -9.22 -11.71
N ARG A 319 17.43 -8.58 -12.35
CA ARG A 319 17.29 -7.18 -12.71
C ARG A 319 16.72 -7.08 -14.14
N THR A 320 16.87 -5.90 -14.76
CA THR A 320 16.47 -5.64 -16.14
C THR A 320 17.64 -5.08 -16.95
N VAL A 321 17.84 -5.60 -18.17
CA VAL A 321 18.94 -5.21 -19.04
C VAL A 321 18.39 -4.49 -20.26
N THR A 322 19.15 -3.51 -20.75
CA THR A 322 18.78 -2.80 -21.96
C THR A 322 20.02 -2.58 -22.81
N PHE A 323 20.02 -3.17 -23.99
CA PHE A 323 21.09 -3.00 -24.96
C PHE A 323 20.60 -2.08 -26.05
N PRO A 324 21.14 -0.86 -26.16
CA PRO A 324 20.68 0.11 -27.15
C PRO A 324 21.21 -0.27 -28.51
N CYS A 325 20.40 0.01 -29.53
CA CYS A 325 20.76 -0.20 -30.92
C CYS A 325 19.90 0.76 -31.72
N GLU A 326 20.51 1.87 -32.09
CA GLU A 326 19.89 2.93 -32.86
C GLU A 326 20.63 2.96 -34.18
N THR A 327 19.90 3.18 -35.28
CA THR A 327 20.47 2.90 -36.57
C THR A 327 19.99 3.91 -37.60
N LYS A 328 20.94 4.46 -38.37
CA LYS A 328 20.60 5.44 -39.39
C LYS A 328 20.99 4.91 -40.76
N GLY A 329 20.30 5.44 -41.79
CA GLY A 329 20.54 5.05 -43.17
C GLY A 329 19.37 5.45 -44.08
N ASN A 330 19.43 4.97 -45.32
CA ASN A 330 18.42 5.25 -46.31
C ASN A 330 18.34 4.05 -47.24
N PRO A 331 17.24 3.26 -47.26
CA PRO A 331 16.12 3.49 -46.36
C PRO A 331 16.48 3.40 -44.89
N GLN A 332 15.62 3.93 -44.03
CA GLN A 332 15.75 3.68 -42.61
C GLN A 332 15.90 2.17 -42.42
N PRO A 333 16.95 1.70 -41.72
CA PRO A 333 17.18 0.26 -41.55
C PRO A 333 16.33 -0.29 -40.39
N ALA A 334 15.87 -1.53 -40.59
CA ALA A 334 15.11 -2.22 -39.58
C ALA A 334 16.08 -3.00 -38.69
N VAL A 335 15.99 -2.78 -37.37
CA VAL A 335 16.85 -3.40 -36.39
C VAL A 335 16.26 -4.74 -36.02
N PHE A 336 17.13 -5.73 -35.90
CA PHE A 336 16.68 -7.01 -35.39
C PHE A 336 17.80 -7.74 -34.68
N TRP A 337 17.46 -8.54 -33.64
CA TRP A 337 18.43 -9.14 -32.74
C TRP A 337 18.48 -10.66 -32.87
N GLN A 338 19.56 -11.25 -32.36
CA GLN A 338 19.88 -12.66 -32.51
C GLN A 338 20.91 -12.97 -31.46
N LYS A 339 20.74 -14.09 -30.74
CA LYS A 339 21.72 -14.51 -29.75
C LYS A 339 22.70 -15.50 -30.36
N GLU A 340 24.00 -15.17 -30.31
CA GLU A 340 25.06 -15.94 -30.93
C GLU A 340 24.87 -17.40 -30.58
N GLY A 341 24.79 -18.24 -31.62
CA GLY A 341 24.45 -19.64 -31.49
C GLY A 341 22.97 -19.85 -31.17
N SER A 342 22.10 -19.41 -32.11
CA SER A 342 20.66 -19.52 -32.03
C SER A 342 20.07 -19.00 -33.34
N GLN A 343 19.16 -19.78 -33.92
CA GLN A 343 18.68 -19.47 -35.25
C GLN A 343 17.57 -18.42 -35.21
N ASN A 344 16.84 -18.34 -34.11
CA ASN A 344 15.72 -17.43 -33.92
C ASN A 344 16.16 -15.98 -33.98
N LEU A 345 15.28 -15.11 -34.47
CA LEU A 345 15.51 -13.68 -34.54
C LEU A 345 14.43 -12.99 -33.72
N LEU A 346 14.69 -11.74 -33.31
CA LEU A 346 13.72 -10.93 -32.58
C LEU A 346 13.48 -9.64 -33.34
N PHE A 347 12.21 -9.30 -33.57
CA PHE A 347 11.83 -8.09 -34.28
C PHE A 347 11.01 -7.17 -33.38
N PRO A 348 10.98 -5.85 -33.62
CA PRO A 348 10.37 -4.89 -32.68
C PRO A 348 8.88 -5.09 -32.37
N ASN A 349 8.01 -4.55 -33.21
CA ASN A 349 6.61 -4.45 -32.83
C ASN A 349 5.99 -5.82 -32.56
N GLN A 350 6.61 -6.89 -33.09
CA GLN A 350 6.15 -8.26 -32.95
C GLN A 350 5.88 -8.56 -31.47
N PRO A 351 4.67 -9.05 -31.11
CA PRO A 351 4.42 -9.48 -29.73
C PRO A 351 4.76 -10.96 -29.56
N GLN A 352 5.02 -11.34 -28.30
CA GLN A 352 5.14 -12.73 -27.87
C GLN A 352 4.22 -12.93 -26.67
N GLN A 353 4.16 -14.18 -26.16
CA GLN A 353 3.30 -14.55 -25.04
C GLN A 353 3.89 -13.98 -23.75
N PRO A 354 3.06 -13.62 -22.73
CA PRO A 354 3.55 -12.89 -21.56
C PRO A 354 4.48 -13.71 -20.66
N ASN A 355 5.22 -14.66 -21.28
CA ASN A 355 5.98 -15.69 -20.60
C ASN A 355 7.47 -15.58 -20.97
N SER A 356 7.77 -14.72 -21.96
CA SER A 356 9.16 -14.43 -22.32
C SER A 356 9.50 -12.98 -21.95
N ARG A 357 10.80 -12.73 -21.81
CA ARG A 357 11.26 -11.51 -21.20
C ARG A 357 12.08 -10.72 -22.21
N CYS A 358 12.47 -11.37 -23.32
CA CYS A 358 13.04 -10.68 -24.47
C CYS A 358 11.97 -9.79 -25.09
N SER A 359 12.35 -8.63 -25.65
CA SER A 359 11.43 -7.69 -26.30
C SER A 359 12.19 -6.52 -26.90
N VAL A 360 11.74 -6.08 -28.07
CA VAL A 360 12.53 -5.13 -28.85
C VAL A 360 11.74 -3.85 -29.04
N SER A 361 12.41 -2.72 -28.81
CA SER A 361 11.87 -1.39 -28.91
C SER A 361 11.69 -1.05 -30.38
N PRO A 362 10.73 -0.21 -30.77
CA PRO A 362 10.67 0.32 -32.12
C PRO A 362 11.99 1.02 -32.41
N THR A 363 12.54 1.71 -31.41
CA THR A 363 13.83 2.36 -31.49
C THR A 363 14.89 1.36 -31.91
N GLY A 364 14.82 0.13 -31.38
CA GLY A 364 15.75 -0.94 -31.69
C GLY A 364 16.45 -1.51 -30.45
N ASP A 365 16.06 -1.03 -29.28
CA ASP A 365 16.70 -1.39 -28.02
C ASP A 365 16.16 -2.74 -27.56
N LEU A 366 17.05 -3.65 -27.17
CA LEU A 366 16.68 -4.96 -26.66
C LEU A 366 16.64 -4.95 -25.15
N THR A 367 15.60 -5.53 -24.57
CA THR A 367 15.39 -5.47 -23.14
C THR A 367 15.05 -6.86 -22.63
N ILE A 368 15.78 -7.33 -21.63
CA ILE A 368 15.46 -8.58 -20.97
C ILE A 368 15.19 -8.30 -19.49
N THR A 369 14.00 -8.67 -19.01
CA THR A 369 13.60 -8.47 -17.63
C THR A 369 13.91 -9.72 -16.84
N ASN A 370 14.08 -9.56 -15.52
CA ASN A 370 14.21 -10.68 -14.60
C ASN A 370 15.23 -11.69 -15.15
N ILE A 371 16.50 -11.29 -15.22
CA ILE A 371 17.54 -12.03 -15.90
C ILE A 371 17.79 -13.34 -15.18
N GLN A 372 18.08 -14.39 -15.95
CA GLN A 372 18.49 -15.70 -15.45
C GLN A 372 19.91 -15.97 -15.89
N ARG A 373 20.58 -16.89 -15.19
CA ARG A 373 21.89 -17.39 -15.60
C ARG A 373 21.79 -17.91 -17.02
N SER A 374 20.56 -18.27 -17.39
CA SER A 374 20.24 -18.84 -18.69
C SER A 374 20.53 -17.83 -19.80
N ASP A 375 20.34 -16.53 -19.50
CA ASP A 375 20.31 -15.48 -20.49
C ASP A 375 21.72 -15.09 -20.91
N ALA A 376 22.70 -15.42 -20.08
CA ALA A 376 24.08 -15.02 -20.30
C ALA A 376 24.56 -15.49 -21.67
N GLY A 377 25.42 -14.69 -22.31
CA GLY A 377 25.98 -14.98 -23.62
C GLY A 377 26.18 -13.69 -24.42
N TYR A 378 26.50 -13.81 -25.71
CA TYR A 378 26.58 -12.67 -26.61
C TYR A 378 25.23 -12.44 -27.29
N TYR A 379 24.95 -11.17 -27.67
CA TYR A 379 23.76 -10.78 -28.42
C TYR A 379 24.17 -9.90 -29.60
N ILE A 380 23.37 -9.87 -30.67
CA ILE A 380 23.75 -9.16 -31.87
C ILE A 380 22.55 -8.41 -32.43
N CYS A 381 22.68 -7.09 -32.59
CA CYS A 381 21.69 -6.35 -33.35
C CYS A 381 22.18 -6.07 -34.75
N GLN A 382 21.30 -6.25 -35.72
CA GLN A 382 21.61 -6.26 -37.14
C GLN A 382 20.66 -5.30 -37.86
N ALA A 383 21.20 -4.64 -38.87
CA ALA A 383 20.49 -3.75 -39.76
C ALA A 383 20.74 -4.19 -41.19
N LEU A 384 19.70 -4.17 -42.01
CA LEU A 384 19.79 -4.69 -43.37
C LEU A 384 18.79 -3.98 -44.27
N THR A 385 19.35 -3.20 -45.21
CA THR A 385 18.67 -2.52 -46.29
C THR A 385 19.35 -2.85 -47.61
N VAL A 386 18.82 -2.31 -48.69
CA VAL A 386 19.37 -2.46 -50.02
C VAL A 386 20.69 -1.70 -50.09
N ALA A 387 20.94 -0.82 -49.13
CA ALA A 387 22.12 0.03 -49.13
C ALA A 387 23.27 -0.65 -48.42
N GLY A 388 23.03 -1.84 -47.88
CA GLY A 388 24.06 -2.59 -47.18
C GLY A 388 23.56 -3.18 -45.87
N SER A 389 24.46 -3.83 -45.11
CA SER A 389 24.12 -4.51 -43.87
C SER A 389 25.22 -4.33 -42.83
N ILE A 390 24.80 -4.19 -41.56
CA ILE A 390 25.73 -4.06 -40.47
C ILE A 390 25.23 -4.87 -39.31
N LEU A 391 26.14 -5.12 -38.37
CA LEU A 391 25.85 -5.81 -37.13
C LEU A 391 26.84 -5.34 -36.08
N ALA A 392 26.50 -5.57 -34.80
CA ALA A 392 27.43 -5.38 -33.71
C ALA A 392 27.03 -6.34 -32.58
N LYS A 393 28.02 -6.96 -31.94
CA LYS A 393 27.70 -7.87 -30.87
C LYS A 393 28.25 -7.34 -29.56
N ALA A 394 27.49 -7.63 -28.49
CA ALA A 394 27.84 -7.27 -27.13
C ALA A 394 27.54 -8.46 -26.23
N GLN A 395 28.30 -8.58 -25.14
CA GLN A 395 28.21 -9.73 -24.27
C GLN A 395 27.44 -9.41 -22.99
N LEU A 396 26.69 -10.41 -22.50
CA LEU A 396 25.96 -10.32 -21.25
C LEU A 396 26.47 -11.41 -20.31
N GLU A 397 26.92 -11.00 -19.12
CA GLU A 397 27.34 -11.92 -18.08
C GLU A 397 26.44 -11.70 -16.85
N VAL A 398 25.81 -12.79 -16.41
CA VAL A 398 24.89 -12.73 -15.28
C VAL A 398 25.64 -13.21 -14.04
N THR A 399 25.28 -12.62 -12.89
CA THR A 399 25.93 -12.96 -11.64
C THR A 399 24.89 -13.32 -10.58
N ASP A 400 25.29 -14.21 -9.66
CA ASP A 400 24.40 -14.88 -8.73
C ASP A 400 24.55 -14.30 -7.33
N VAL A 401 23.89 -14.95 -6.35
CA VAL A 401 23.77 -14.48 -4.98
C VAL A 401 25.02 -13.71 -4.56
N LEU A 402 26.17 -14.40 -4.57
CA LEU A 402 27.49 -13.79 -4.54
C LEU A 402 28.46 -14.73 -5.25
N THR A 403 28.41 -14.76 -6.58
CA THR A 403 29.37 -15.48 -7.41
C THR A 403 30.79 -15.19 -6.91
N ASP A 404 31.03 -13.91 -6.58
CA ASP A 404 32.22 -13.40 -5.92
C ASP A 404 31.78 -12.16 -5.11
N ARG A 405 32.16 -12.13 -3.82
CA ARG A 405 31.93 -10.93 -3.03
C ARG A 405 33.22 -10.10 -3.05
N PRO A 406 33.13 -8.75 -2.93
CA PRO A 406 34.32 -7.89 -2.97
C PRO A 406 35.08 -7.97 -1.63
N PRO A 407 36.42 -7.80 -1.61
CA PRO A 407 37.19 -7.99 -0.39
C PRO A 407 36.93 -6.85 0.60
N PRO A 408 37.11 -7.07 1.92
CA PRO A 408 36.79 -6.05 2.93
C PRO A 408 37.40 -4.68 2.64
N ILE A 409 36.76 -3.62 3.11
CA ILE A 409 37.20 -2.27 2.79
C ILE A 409 37.52 -1.51 4.07
N ILE A 410 38.66 -0.81 4.06
CA ILE A 410 39.01 0.08 5.15
C ILE A 410 38.62 1.49 4.74
N LEU A 411 37.60 2.01 5.40
CA LEU A 411 37.12 3.37 5.15
C LEU A 411 38.20 4.39 5.49
N GLN A 412 38.51 4.50 6.79
CA GLN A 412 39.58 5.36 7.29
C GLN A 412 40.46 4.56 8.24
N GLY A 413 41.77 4.49 7.94
CA GLY A 413 42.71 3.83 8.84
C GLY A 413 43.44 4.83 9.74
N PRO A 414 44.44 4.37 10.54
CA PRO A 414 45.18 5.29 11.44
C PRO A 414 45.91 6.36 10.65
N ALA A 415 46.06 7.55 11.26
CA ALA A 415 46.82 8.62 10.63
C ALA A 415 48.16 8.78 11.36
N ASN A 416 49.04 9.58 10.79
CA ASN A 416 50.40 9.74 11.27
C ASN A 416 50.37 10.53 12.58
N GLN A 417 50.10 9.83 13.70
CA GLN A 417 50.14 10.43 15.02
C GLN A 417 51.59 10.67 15.45
N THR A 418 51.79 11.66 16.33
CA THR A 418 53.11 12.03 16.81
C THR A 418 52.99 12.47 18.28
N LEU A 419 53.27 11.52 19.19
CA LEU A 419 52.87 11.67 20.58
C LEU A 419 54.08 11.72 21.51
N ALA A 420 53.91 12.39 22.65
CA ALA A 420 54.95 12.54 23.65
C ALA A 420 55.01 11.31 24.56
N VAL A 421 56.19 11.05 25.13
CA VAL A 421 56.51 9.86 25.92
C VAL A 421 55.50 9.70 27.05
N ASP A 422 55.32 8.45 27.48
CA ASP A 422 54.70 8.13 28.76
C ASP A 422 53.18 8.28 28.69
N GLY A 423 52.69 8.86 27.58
CA GLY A 423 51.26 9.08 27.40
C GLY A 423 50.51 7.77 27.13
N THR A 424 49.39 7.90 26.42
CA THR A 424 48.53 6.78 26.05
C THR A 424 48.00 7.03 24.64
N ALA A 425 48.40 6.17 23.70
CA ALA A 425 48.19 6.40 22.28
C ALA A 425 47.09 5.47 21.74
N LEU A 426 46.06 6.06 21.14
CA LEU A 426 45.01 5.33 20.46
C LEU A 426 45.05 5.67 18.97
N LEU A 427 44.85 4.63 18.13
CA LEU A 427 44.90 4.73 16.69
C LEU A 427 43.65 4.12 16.06
N LYS A 428 42.90 4.93 15.28
CA LYS A 428 41.60 4.57 14.71
C LYS A 428 41.76 3.67 13.48
N CYS A 429 40.68 3.00 13.06
CA CYS A 429 40.64 2.17 11.85
C CYS A 429 39.20 1.71 11.61
N LYS A 430 38.61 2.20 10.51
CA LYS A 430 37.20 2.01 10.17
C LYS A 430 37.03 1.01 9.02
N ALA A 431 36.31 -0.08 9.28
CA ALA A 431 36.18 -1.21 8.36
C ALA A 431 34.76 -1.35 7.84
N THR A 432 34.58 -2.24 6.87
CA THR A 432 33.31 -2.58 6.21
C THR A 432 33.48 -3.93 5.52
N GLY A 433 32.37 -4.61 5.25
CA GLY A 433 32.40 -5.68 4.28
C GLY A 433 31.50 -6.84 4.67
N ASP A 434 31.31 -7.75 3.73
CA ASP A 434 30.52 -8.95 3.90
C ASP A 434 31.28 -10.16 3.35
N PRO A 435 31.63 -11.16 4.20
CA PRO A 435 31.21 -11.19 5.60
C PRO A 435 31.94 -10.09 6.38
N LEU A 436 31.53 -9.87 7.63
CA LEU A 436 32.12 -8.83 8.44
C LEU A 436 33.56 -9.19 8.79
N PRO A 437 34.51 -8.23 8.71
CA PRO A 437 35.95 -8.52 8.83
C PRO A 437 36.55 -8.54 10.24
N VAL A 438 37.65 -9.29 10.40
CA VAL A 438 38.42 -9.36 11.65
C VAL A 438 39.62 -8.42 11.53
N ILE A 439 39.72 -7.45 12.45
CA ILE A 439 40.78 -6.43 12.39
C ILE A 439 41.98 -6.92 13.20
N SER A 440 43.15 -7.00 12.54
CA SER A 440 44.42 -7.43 13.12
C SER A 440 45.45 -6.31 12.96
N TRP A 441 46.57 -6.40 13.69
CA TRP A 441 47.59 -5.37 13.58
C TRP A 441 48.98 -5.96 13.34
N LEU A 442 49.85 -5.11 12.77
CA LEU A 442 51.26 -5.41 12.59
C LEU A 442 52.08 -4.18 12.96
N LYS A 443 53.25 -4.47 13.57
CA LYS A 443 54.25 -3.45 13.83
C LYS A 443 55.44 -3.75 12.94
N GLU A 444 55.79 -2.77 12.11
CA GLU A 444 56.85 -2.91 11.14
C GLU A 444 56.82 -4.29 10.49
N GLY A 445 55.68 -4.98 10.52
CA GLY A 445 55.63 -6.21 9.75
C GLY A 445 55.27 -7.42 10.58
N PHE A 446 55.79 -7.48 11.81
CA PHE A 446 55.54 -8.65 12.65
C PHE A 446 54.26 -8.44 13.47
N THR A 447 53.77 -9.53 14.05
CA THR A 447 52.50 -9.62 14.76
C THR A 447 52.45 -8.58 15.87
N PHE A 448 51.27 -8.02 16.12
CA PHE A 448 51.08 -7.11 17.23
C PHE A 448 49.76 -7.44 17.93
N PRO A 449 49.62 -7.23 19.24
CA PRO A 449 50.69 -6.70 20.08
C PRO A 449 51.83 -7.66 20.36
N GLY A 450 51.65 -8.94 20.05
CA GLY A 450 52.73 -9.89 20.23
C GLY A 450 52.93 -10.23 21.71
N ARG A 451 53.90 -9.58 22.39
CA ARG A 451 54.29 -9.98 23.74
C ARG A 451 53.98 -8.90 24.77
N ASP A 452 53.86 -7.65 24.32
CA ASP A 452 53.79 -6.54 25.26
C ASP A 452 52.36 -6.33 25.72
N PRO A 453 52.10 -6.37 27.05
CA PRO A 453 50.76 -6.15 27.59
C PRO A 453 50.27 -4.70 27.58
N ARG A 454 51.19 -3.73 27.46
CA ARG A 454 50.82 -2.32 27.54
C ARG A 454 49.96 -1.87 26.36
N ALA A 455 49.93 -2.67 25.29
CA ALA A 455 49.23 -2.34 24.05
C ALA A 455 48.18 -3.40 23.76
N THR A 456 47.03 -2.95 23.22
CA THR A 456 45.93 -3.85 22.95
C THR A 456 45.08 -3.37 21.78
N ILE A 457 44.45 -4.37 21.14
CA ILE A 457 43.63 -4.28 19.94
C ILE A 457 42.18 -3.99 20.36
N GLN A 458 41.60 -2.94 19.79
CA GLN A 458 40.20 -2.63 20.06
C GLN A 458 39.28 -3.24 18.98
N GLU A 459 38.00 -3.35 19.32
CA GLU A 459 36.98 -3.90 18.44
C GLU A 459 36.70 -2.88 17.34
N GLN A 460 36.37 -1.64 17.73
CA GLN A 460 36.04 -0.56 16.81
C GLN A 460 37.31 -0.02 16.15
N GLY A 461 38.18 -0.96 15.75
CA GLY A 461 39.28 -0.68 14.84
C GLY A 461 40.46 -0.02 15.54
N THR A 462 40.18 0.75 16.58
CA THR A 462 41.20 1.51 17.31
C THR A 462 42.21 0.57 17.96
N LEU A 463 43.49 0.96 17.99
CA LEU A 463 44.55 0.25 18.68
C LEU A 463 45.05 1.15 19.81
N GLN A 464 45.15 0.61 21.02
CA GLN A 464 45.37 1.41 22.22
C GLN A 464 46.64 0.94 22.93
N ILE A 465 47.54 1.91 23.16
CA ILE A 465 48.78 1.68 23.89
C ILE A 465 48.83 2.63 25.09
N LYS A 466 48.73 2.04 26.30
CA LYS A 466 48.98 2.75 27.55
C LYS A 466 50.49 2.88 27.75
N ASN A 467 50.91 3.99 28.38
CA ASN A 467 52.29 4.16 28.84
C ASN A 467 53.26 4.13 27.66
N LEU A 468 53.34 5.28 26.98
CA LEU A 468 54.18 5.39 25.79
C LEU A 468 55.65 5.29 26.18
N ARG A 469 56.46 4.84 25.22
CA ARG A 469 57.92 4.93 25.27
C ARG A 469 58.45 5.14 23.86
N ILE A 470 59.74 5.50 23.79
CA ILE A 470 60.46 5.67 22.54
C ILE A 470 60.40 4.38 21.75
N SER A 471 60.44 3.26 22.48
CA SER A 471 60.55 1.92 21.92
C SER A 471 59.32 1.55 21.10
N ASP A 472 58.30 2.42 21.08
CA ASP A 472 57.03 2.09 20.49
C ASP A 472 56.81 2.91 19.21
N THR A 473 57.72 3.83 18.91
CA THR A 473 57.64 4.55 17.65
C THR A 473 57.85 3.57 16.51
N GLY A 474 57.08 3.75 15.43
CA GLY A 474 57.24 2.92 14.24
C GLY A 474 56.03 2.94 13.30
N THR A 475 56.01 1.98 12.37
CA THR A 475 54.98 1.81 11.37
C THR A 475 54.01 0.74 11.80
N TYR A 476 52.75 1.14 11.97
CA TYR A 476 51.72 0.24 12.44
C TYR A 476 50.72 0.08 11.31
N THR A 477 50.20 -1.15 11.14
CA THR A 477 49.39 -1.55 10.00
C THR A 477 48.12 -2.26 10.45
N CYS A 478 46.98 -1.74 9.99
CA CYS A 478 45.66 -2.24 10.34
C CYS A 478 45.22 -3.18 9.24
N VAL A 479 44.84 -4.41 9.60
CA VAL A 479 44.54 -5.42 8.60
C VAL A 479 43.13 -5.95 8.86
N ALA A 480 42.22 -5.71 7.91
CA ALA A 480 40.89 -6.31 7.92
C ALA A 480 40.89 -7.56 7.07
N THR A 481 40.32 -8.67 7.58
CA THR A 481 40.35 -9.97 6.95
C THR A 481 39.04 -10.72 7.14
N SER A 482 38.44 -11.15 6.02
CA SER A 482 37.30 -12.07 5.97
C SER A 482 37.57 -13.23 5.00
N SER A 483 36.54 -14.00 4.66
CA SER A 483 36.68 -15.09 3.73
C SER A 483 36.79 -14.55 2.31
N SER A 484 36.40 -13.29 2.14
CA SER A 484 36.29 -12.65 0.83
C SER A 484 37.56 -11.89 0.44
N GLY A 485 38.53 -11.82 1.36
CA GLY A 485 39.80 -11.18 1.07
C GLY A 485 40.36 -10.43 2.27
N GLU A 486 41.37 -9.58 2.04
CA GLU A 486 42.01 -8.82 3.10
C GLU A 486 42.65 -7.53 2.59
N THR A 487 42.42 -6.45 3.32
CA THR A 487 43.02 -5.16 3.02
C THR A 487 43.78 -4.66 4.24
N SER A 488 44.77 -3.81 4.00
CA SER A 488 45.61 -3.27 5.06
C SER A 488 45.75 -1.76 4.90
N TRP A 489 45.92 -1.08 6.05
CA TRP A 489 46.19 0.35 6.09
C TRP A 489 47.20 0.64 7.20
N SER A 490 48.35 1.18 6.81
CA SER A 490 49.42 1.42 7.77
C SER A 490 49.75 2.90 7.89
N ALA A 491 50.19 3.30 9.08
CA ALA A 491 50.61 4.66 9.40
C ALA A 491 51.89 4.59 10.23
N VAL A 492 52.51 5.77 10.40
CA VAL A 492 53.79 5.87 11.10
C VAL A 492 53.62 6.72 12.36
N LEU A 493 53.92 6.13 13.53
CA LEU A 493 53.76 6.78 14.81
C LEU A 493 55.15 7.23 15.29
N ASP A 494 55.21 8.41 15.91
CA ASP A 494 56.46 8.92 16.47
C ASP A 494 56.27 9.26 17.95
N VAL A 495 57.24 8.79 18.77
CA VAL A 495 57.28 9.01 20.21
C VAL A 495 58.61 9.66 20.64
N THR A 496 58.56 10.98 20.93
CA THR A 496 59.67 11.70 21.54
C THR A 496 59.23 12.24 22.90
N GLU A 497 60.20 12.82 23.62
CA GLU A 497 59.96 13.35 24.95
C GLU A 497 58.97 14.50 24.86
N SER A 498 59.35 15.57 24.17
CA SER A 498 58.51 16.76 24.08
C SER A 498 57.49 16.57 22.96
N GLY A 499 57.99 16.18 21.78
CA GLY A 499 57.30 16.36 20.52
C GLY A 499 55.87 15.84 20.52
N ALA A 500 54.93 16.67 20.96
CA ALA A 500 53.51 16.48 20.68
C ALA A 500 52.95 17.83 20.23
N THR A 501 53.75 18.55 19.41
CA THR A 501 53.52 19.95 19.07
C THR A 501 52.23 20.11 18.27
N ILE A 502 51.42 21.10 18.70
CA ILE A 502 50.05 21.30 18.26
C ILE A 502 50.00 21.76 16.80
N SER A 503 50.30 20.84 15.87
CA SER A 503 50.32 21.15 14.44
C SER A 503 48.96 20.90 13.79
N LYS A 504 48.20 19.95 14.33
CA LYS A 504 46.81 19.70 13.96
C LYS A 504 46.31 18.47 14.71
N ASN A 505 45.62 18.73 15.84
CA ASN A 505 45.09 17.72 16.76
C ASN A 505 44.28 16.67 16.02
N TYR A 506 43.48 15.89 16.76
CA TYR A 506 42.70 14.79 16.21
C TYR A 506 41.48 15.31 15.45
N ASP A 507 41.22 14.72 14.28
CA ASP A 507 40.12 15.09 13.41
C ASP A 507 39.03 14.03 13.47
N LEU A 508 37.78 14.46 13.68
CA LEU A 508 36.64 13.56 13.67
C LEU A 508 36.14 13.46 12.23
N SER A 509 35.01 14.10 11.95
CA SER A 509 34.46 14.20 10.60
C SER A 509 34.79 15.57 10.00
N ASP A 510 36.09 15.81 9.77
CA ASP A 510 36.57 17.03 9.16
C ASP A 510 36.87 16.79 7.68
N LEU A 511 37.07 15.51 7.33
CA LEU A 511 37.56 15.08 6.03
C LEU A 511 36.47 15.21 4.98
N PRO A 512 36.79 15.68 3.74
CA PRO A 512 35.81 15.70 2.66
C PRO A 512 35.14 14.33 2.53
N GLY A 513 33.81 14.34 2.34
CA GLY A 513 33.02 13.13 2.22
C GLY A 513 33.27 12.45 0.87
N PRO A 514 32.92 11.15 0.72
CA PRO A 514 33.13 10.41 -0.54
C PRO A 514 32.71 11.17 -1.79
N PRO A 515 33.26 10.85 -2.98
CA PRO A 515 32.77 11.38 -4.24
C PRO A 515 31.78 10.44 -4.93
N SER A 516 31.38 10.80 -6.17
CA SER A 516 30.38 10.08 -6.95
C SER A 516 30.85 8.66 -7.23
N LYS A 517 29.92 7.71 -7.20
CA LYS A 517 30.24 6.35 -7.61
C LYS A 517 30.77 6.42 -9.03
N PRO A 518 31.95 5.83 -9.29
CA PRO A 518 32.62 5.96 -10.59
C PRO A 518 31.83 5.27 -11.68
N GLN A 519 31.69 6.01 -12.78
CA GLN A 519 30.91 5.56 -13.91
C GLN A 519 31.91 5.20 -15.00
N VAL A 520 31.76 3.98 -15.54
CA VAL A 520 32.60 3.49 -16.62
C VAL A 520 32.29 4.28 -17.89
N THR A 521 33.29 4.62 -18.68
CA THR A 521 33.03 5.17 -19.99
C THR A 521 33.52 4.14 -21.00
N ASP A 522 34.66 4.39 -21.64
CA ASP A 522 35.24 3.50 -22.61
C ASP A 522 35.94 2.38 -21.88
N VAL A 523 36.13 1.23 -22.55
CA VAL A 523 36.87 0.10 -22.01
C VAL A 523 37.57 -0.60 -23.16
N THR A 524 38.86 -0.91 -22.97
CA THR A 524 39.61 -1.71 -23.94
C THR A 524 40.03 -3.03 -23.29
N LYS A 525 41.26 -3.47 -23.60
CA LYS A 525 41.80 -4.71 -23.08
C LYS A 525 42.79 -4.40 -21.97
N ASN A 526 43.25 -3.16 -21.92
CA ASN A 526 44.24 -2.75 -20.94
C ASN A 526 43.90 -1.34 -20.43
N SER A 527 42.65 -0.93 -20.65
CA SER A 527 42.20 0.38 -20.21
C SER A 527 40.76 0.28 -19.73
N VAL A 528 40.37 1.25 -18.89
CA VAL A 528 39.01 1.47 -18.45
C VAL A 528 38.93 2.90 -17.98
N THR A 529 38.10 3.71 -18.64
CA THR A 529 37.97 5.13 -18.35
C THR A 529 36.84 5.35 -17.34
N LEU A 530 37.13 6.18 -16.34
CA LEU A 530 36.21 6.38 -15.24
C LEU A 530 35.76 7.83 -15.21
N SER A 531 34.57 8.03 -14.60
CA SER A 531 33.98 9.34 -14.42
C SER A 531 33.29 9.38 -13.06
N TRP A 532 33.48 10.50 -12.37
CA TRP A 532 32.96 10.74 -11.04
C TRP A 532 32.90 12.25 -10.80
N GLN A 533 32.03 12.68 -9.89
CA GLN A 533 31.96 14.06 -9.46
C GLN A 533 32.36 14.17 -8.00
N PRO A 534 32.84 15.35 -7.54
CA PRO A 534 33.26 15.56 -6.15
C PRO A 534 32.17 15.28 -5.10
N GLY A 535 32.49 15.48 -3.82
CA GLY A 535 31.55 15.27 -2.73
C GLY A 535 31.47 16.49 -1.83
N THR A 536 32.58 16.75 -1.12
CA THR A 536 32.92 18.00 -0.44
C THR A 536 32.14 18.27 0.86
N PRO A 537 31.45 17.29 1.52
CA PRO A 537 30.85 17.51 2.84
C PRO A 537 31.81 17.88 3.98
N GLY A 538 33.04 18.33 3.66
CA GLY A 538 34.16 18.37 4.62
C GLY A 538 34.69 19.74 5.09
N THR A 539 35.98 19.99 4.84
CA THR A 539 36.64 21.20 5.31
C THR A 539 37.43 21.86 4.17
N LEU A 540 38.66 21.42 3.97
CA LEU A 540 39.57 22.07 3.03
C LEU A 540 39.30 21.54 1.62
N PRO A 541 39.78 22.21 0.55
CA PRO A 541 39.51 21.80 -0.83
C PRO A 541 40.41 20.66 -1.32
N ALA A 542 39.84 19.79 -2.16
CA ALA A 542 40.53 18.67 -2.73
C ALA A 542 41.52 19.14 -3.80
N SER A 543 42.68 18.47 -3.85
CA SER A 543 43.73 18.83 -4.78
C SER A 543 43.84 17.81 -5.92
N ALA A 544 43.66 16.51 -5.60
CA ALA A 544 43.75 15.43 -6.57
C ALA A 544 43.03 14.17 -6.06
N TYR A 545 43.12 13.09 -6.85
CA TYR A 545 42.33 11.88 -6.63
C TYR A 545 43.19 10.62 -6.66
N ILE A 546 42.70 9.54 -6.04
CA ILE A 546 43.41 8.28 -5.90
C ILE A 546 42.45 7.11 -6.13
N ILE A 547 42.70 6.34 -7.20
CA ILE A 547 41.77 5.32 -7.64
C ILE A 547 42.27 3.94 -7.21
N GLU A 548 41.57 3.33 -6.24
CA GLU A 548 41.74 1.95 -5.86
C GLU A 548 40.97 1.05 -6.82
N ALA A 549 41.35 -0.23 -6.91
CA ALA A 549 40.75 -1.20 -7.82
C ALA A 549 40.87 -2.63 -7.31
N PHE A 550 40.07 -3.56 -7.83
CA PHE A 550 40.09 -4.95 -7.38
C PHE A 550 39.77 -5.90 -8.51
N SER A 551 40.35 -7.11 -8.46
CA SER A 551 40.04 -8.17 -9.41
C SER A 551 40.16 -9.52 -8.72
N GLN A 552 39.14 -10.36 -8.85
CA GLN A 552 39.06 -11.70 -8.30
C GLN A 552 40.19 -12.55 -8.85
N SER A 553 40.70 -12.18 -10.01
CA SER A 553 41.75 -12.92 -10.65
C SER A 553 43.10 -12.45 -10.14
N VAL A 554 43.49 -11.20 -10.46
CA VAL A 554 44.85 -10.70 -10.28
C VAL A 554 45.22 -10.57 -8.79
N SER A 555 44.23 -10.58 -7.89
CA SER A 555 44.53 -10.29 -6.50
C SER A 555 43.47 -10.86 -5.56
N ASN A 556 43.66 -10.57 -4.28
CA ASN A 556 42.76 -10.99 -3.24
C ASN A 556 42.49 -9.79 -2.36
N SER A 557 42.73 -8.58 -2.88
CA SER A 557 42.75 -7.36 -2.10
C SER A 557 42.82 -6.13 -3.00
N TRP A 558 42.67 -4.96 -2.39
CA TRP A 558 42.44 -3.70 -3.07
C TRP A 558 43.76 -3.01 -3.37
N GLN A 559 43.95 -2.56 -4.61
CA GLN A 559 45.21 -1.96 -5.01
C GLN A 559 44.99 -0.62 -5.66
N THR A 560 45.97 0.27 -5.54
CA THR A 560 45.95 1.54 -6.25
C THR A 560 46.27 1.32 -7.72
N VAL A 561 45.70 2.14 -8.61
CA VAL A 561 45.97 1.99 -10.03
C VAL A 561 46.21 3.35 -10.66
N ALA A 562 46.06 4.40 -9.85
CA ALA A 562 46.49 5.72 -10.26
C ALA A 562 46.35 6.65 -9.06
N ASN A 563 47.36 7.50 -8.88
CA ASN A 563 47.39 8.42 -7.76
C ASN A 563 47.68 9.82 -8.31
N HIS A 564 47.25 10.84 -7.55
CA HIS A 564 47.50 12.24 -7.86
C HIS A 564 46.94 12.58 -9.23
N VAL A 565 45.63 12.36 -9.38
CA VAL A 565 44.94 12.63 -10.63
C VAL A 565 44.18 13.93 -10.44
N LYS A 566 44.37 14.85 -11.41
CA LYS A 566 43.91 16.22 -11.29
C LYS A 566 42.75 16.48 -12.24
N THR A 567 41.99 15.42 -12.55
CA THR A 567 40.82 15.52 -13.41
C THR A 567 39.68 14.67 -12.82
N THR A 568 38.48 14.68 -13.44
CA THR A 568 37.39 13.82 -12.97
C THR A 568 36.94 12.90 -14.09
N LEU A 569 37.86 12.61 -15.01
CA LEU A 569 37.62 11.73 -16.15
C LEU A 569 38.97 11.17 -16.58
N TYR A 570 39.35 10.06 -15.94
CA TYR A 570 40.70 9.53 -16.12
C TYR A 570 40.62 8.15 -16.75
N THR A 571 41.64 7.83 -17.54
CA THR A 571 41.77 6.52 -18.16
C THR A 571 42.87 5.77 -17.44
N VAL A 572 42.47 4.74 -16.69
CA VAL A 572 43.40 3.87 -15.97
C VAL A 572 43.98 2.89 -16.98
N ARG A 573 45.30 2.95 -17.20
CA ARG A 573 45.96 2.20 -18.26
C ARG A 573 46.72 1.03 -17.67
N GLY A 574 46.93 0.00 -18.49
CA GLY A 574 47.73 -1.16 -18.13
C GLY A 574 47.04 -2.06 -17.12
N LEU A 575 46.07 -2.86 -17.60
CA LEU A 575 45.40 -3.84 -16.76
C LEU A 575 45.37 -5.18 -17.48
N ARG A 576 45.15 -6.25 -16.69
CA ARG A 576 45.11 -7.62 -17.19
C ARG A 576 43.90 -7.77 -18.11
N PRO A 577 44.07 -8.27 -19.36
CA PRO A 577 42.97 -8.34 -20.31
C PRO A 577 42.11 -9.57 -20.04
N ASN A 578 40.83 -9.44 -20.34
CA ASN A 578 39.84 -10.46 -20.06
C ASN A 578 39.72 -10.66 -18.56
N THR A 579 39.75 -9.55 -17.82
CA THR A 579 39.62 -9.58 -16.38
C THR A 579 38.60 -8.57 -15.92
N ILE A 580 37.75 -8.98 -14.96
CA ILE A 580 36.70 -8.16 -14.39
C ILE A 580 37.34 -7.28 -13.34
N TYR A 581 36.85 -6.07 -13.17
CA TYR A 581 37.45 -5.10 -12.27
C TYR A 581 36.39 -4.24 -11.61
N LEU A 582 36.63 -3.86 -10.36
CA LEU A 582 35.80 -2.94 -9.61
C LEU A 582 36.68 -1.78 -9.20
N PHE A 583 36.12 -0.60 -8.95
CA PHE A 583 36.93 0.56 -8.65
C PHE A 583 36.41 1.34 -7.45
N VAL A 585 37.07 5.55 -5.74
CA VAL A 585 37.78 6.82 -5.87
C VAL A 585 37.81 7.50 -4.52
N ARG A 586 38.89 8.27 -4.29
CA ARG A 586 39.14 9.02 -3.07
C ARG A 586 39.77 10.36 -3.46
N ALA A 587 39.64 11.34 -2.56
CA ALA A 587 40.13 12.70 -2.78
C ALA A 587 41.28 13.02 -1.83
N ILE A 588 42.34 13.60 -2.40
CA ILE A 588 43.51 14.01 -1.64
C ILE A 588 43.41 15.50 -1.38
N ASN A 589 43.62 15.86 -0.11
CA ASN A 589 43.61 17.22 0.37
C ASN A 589 44.58 17.28 1.56
N PRO A 590 45.15 18.46 1.87
CA PRO A 590 46.11 18.58 2.97
C PRO A 590 45.78 17.89 4.30
N GLN A 591 44.49 17.73 4.63
CA GLN A 591 44.08 17.17 5.91
C GLN A 591 44.38 15.66 5.99
N GLY A 592 44.63 15.06 4.83
CA GLY A 592 44.72 13.63 4.70
C GLY A 592 44.01 13.11 3.46
N LEU A 593 43.17 12.08 3.61
CA LEU A 593 42.47 11.48 2.49
C LEU A 593 40.98 11.36 2.78
N SER A 594 40.20 11.31 1.70
CA SER A 594 38.75 11.18 1.77
C SER A 594 38.36 9.73 2.06
N ASP A 595 37.07 9.55 2.42
CA ASP A 595 36.44 8.24 2.49
C ASP A 595 36.26 7.73 1.06
N PRO A 596 36.09 6.40 0.86
CA PRO A 596 35.98 5.83 -0.48
C PRO A 596 34.57 5.95 -1.03
N SER A 597 34.49 6.34 -2.32
CA SER A 597 33.26 6.36 -3.08
C SER A 597 32.70 4.94 -3.10
N PRO A 598 31.42 4.71 -3.50
CA PRO A 598 30.92 3.34 -3.59
C PRO A 598 31.61 2.65 -4.76
N SER A 600 32.56 0.65 -8.20
CA SER A 600 32.19 0.72 -9.59
C SER A 600 31.31 -0.48 -9.95
N ASP A 601 30.67 -0.42 -11.11
CA ASP A 601 29.90 -1.53 -11.60
C ASP A 601 30.84 -2.45 -12.35
N PRO A 602 30.82 -3.76 -12.03
CA PRO A 602 31.70 -4.74 -12.65
C PRO A 602 31.91 -4.51 -14.14
N VAL A 603 33.16 -4.52 -14.61
CA VAL A 603 33.43 -4.38 -16.02
C VAL A 603 34.63 -5.23 -16.40
N ARG A 604 34.54 -5.89 -17.56
CA ARG A 604 35.58 -6.79 -18.06
C ARG A 604 36.43 -6.06 -19.09
N THR A 605 37.70 -6.42 -19.17
CA THR A 605 38.60 -5.78 -20.11
C THR A 605 38.64 -6.57 -21.42
N GLN A 606 37.82 -6.14 -22.37
CA GLN A 606 37.84 -6.65 -23.73
C GLN A 606 37.76 -5.47 -24.67
N ASP A 607 38.30 -5.62 -25.88
CA ASP A 607 38.14 -4.63 -26.92
C ASP A 607 36.80 -4.88 -27.61
N ILE A 608 36.04 -3.80 -27.85
CA ILE A 608 34.72 -3.89 -28.48
C ILE A 608 34.85 -4.64 -29.81
N SER A 609 33.85 -5.50 -30.08
CA SER A 609 33.70 -6.09 -31.40
C SER A 609 33.22 -5.02 -32.36
N PRO A 610 34.13 -4.39 -33.14
CA PRO A 610 33.82 -3.17 -33.89
C PRO A 610 32.76 -3.50 -34.93
N PRO A 611 31.89 -2.53 -35.31
CA PRO A 611 30.81 -2.80 -36.27
C PRO A 611 31.31 -3.56 -37.48
N ALA A 612 30.57 -4.60 -37.91
CA ALA A 612 30.96 -5.43 -39.04
C ALA A 612 29.79 -5.59 -40.00
N GLN A 613 30.07 -6.12 -41.19
CA GLN A 613 29.06 -6.25 -42.22
C GLN A 613 28.28 -7.53 -42.00
N GLY A 614 26.95 -7.42 -42.11
CA GLY A 614 26.03 -8.55 -41.97
C GLY A 614 25.91 -9.32 -43.29
N VAL A 615 24.86 -10.13 -43.40
CA VAL A 615 24.63 -10.89 -44.61
C VAL A 615 24.05 -9.92 -45.62
N ASP A 616 24.33 -10.15 -46.91
CA ASP A 616 23.99 -9.20 -47.95
C ASP A 616 22.52 -9.32 -48.35
N HIS A 617 21.93 -8.20 -48.78
CA HIS A 617 20.50 -8.10 -49.01
C HIS A 617 20.10 -9.02 -50.15
N ARG A 618 20.99 -9.11 -51.14
CA ARG A 618 20.76 -9.92 -52.32
C ARG A 618 20.56 -11.37 -51.89
N GLN A 619 21.35 -11.77 -50.89
CA GLN A 619 21.46 -13.16 -50.55
C GLN A 619 20.29 -13.58 -49.65
N VAL A 620 19.66 -12.62 -48.98
CA VAL A 620 18.47 -12.93 -48.19
C VAL A 620 17.26 -12.93 -49.10
N GLN A 621 17.30 -12.02 -50.08
CA GLN A 621 16.33 -12.01 -51.17
C GLN A 621 16.28 -13.42 -51.76
N LYS A 622 17.47 -13.93 -52.09
CA LYS A 622 17.65 -15.17 -52.81
C LYS A 622 17.09 -16.34 -52.00
N GLU A 623 17.18 -16.23 -50.68
CA GLU A 623 16.67 -17.28 -49.81
C GLU A 623 15.14 -17.20 -49.75
N LEU A 624 14.61 -15.98 -49.68
CA LEU A 624 13.19 -15.78 -49.50
C LEU A 624 12.45 -16.15 -50.77
N GLY A 625 13.14 -15.93 -51.91
CA GLY A 625 12.65 -16.30 -53.23
C GLY A 625 12.41 -17.81 -53.32
N ASP A 626 13.38 -18.59 -52.87
CA ASP A 626 13.40 -20.03 -53.05
C ASP A 626 12.50 -20.73 -52.05
N VAL A 627 11.81 -19.97 -51.19
CA VAL A 627 10.90 -20.55 -50.23
C VAL A 627 9.57 -20.83 -50.93
N LEU A 628 9.08 -22.07 -50.80
CA LEU A 628 7.84 -22.48 -51.46
C LEU A 628 6.77 -22.79 -50.41
N VAL A 629 5.82 -21.86 -50.28
CA VAL A 629 4.72 -21.99 -49.35
C VAL A 629 3.58 -22.73 -50.05
N ARG A 630 3.37 -23.98 -49.63
CA ARG A 630 2.24 -24.77 -50.09
C ARG A 630 1.02 -24.46 -49.22
N LEU A 631 -0.03 -23.91 -49.84
CA LEU A 631 -1.31 -23.68 -49.18
C LEU A 631 -2.21 -24.88 -49.45
N HIS A 632 -2.95 -25.31 -48.42
CA HIS A 632 -3.83 -26.46 -48.51
C HIS A 632 -5.13 -26.07 -49.21
N ASN A 633 -6.04 -25.45 -48.44
CA ASN A 633 -7.40 -25.19 -48.89
C ASN A 633 -8.14 -24.45 -47.78
N PRO A 634 -8.71 -23.27 -48.10
CA PRO A 634 -9.44 -22.49 -47.11
C PRO A 634 -10.63 -23.25 -46.53
N VAL A 635 -10.65 -23.39 -45.20
CA VAL A 635 -11.71 -24.06 -44.47
C VAL A 635 -12.54 -23.00 -43.77
N VAL A 636 -13.83 -22.90 -44.12
CA VAL A 636 -14.72 -21.86 -43.62
C VAL A 636 -15.19 -22.24 -42.22
N LEU A 637 -15.09 -21.28 -41.30
CA LEU A 637 -15.53 -21.49 -39.92
C LEU A 637 -17.01 -21.18 -39.83
N THR A 638 -17.34 -19.89 -39.93
CA THR A 638 -18.71 -19.44 -40.11
C THR A 638 -18.75 -18.51 -41.32
N PRO A 639 -19.92 -18.09 -41.84
CA PRO A 639 -19.98 -17.21 -43.01
C PRO A 639 -19.40 -15.82 -42.78
N THR A 640 -18.60 -15.67 -41.71
CA THR A 640 -17.85 -14.45 -41.45
C THR A 640 -16.40 -14.79 -41.14
N THR A 641 -15.99 -16.05 -41.36
CA THR A 641 -14.74 -16.55 -40.84
C THR A 641 -14.23 -17.74 -41.65
N VAL A 642 -12.95 -17.66 -42.04
CA VAL A 642 -12.22 -18.74 -42.69
C VAL A 642 -10.84 -18.88 -42.04
N GLN A 643 -10.48 -20.12 -41.70
CA GLN A 643 -9.13 -20.44 -41.22
C GLN A 643 -8.29 -20.92 -42.39
N VAL A 644 -7.16 -20.25 -42.61
CA VAL A 644 -6.27 -20.57 -43.69
C VAL A 644 -5.09 -21.35 -43.12
N THR A 645 -4.66 -22.38 -43.85
CA THR A 645 -3.54 -23.22 -43.42
C THR A 645 -2.59 -23.45 -44.58
N TRP A 646 -1.30 -23.13 -44.36
CA TRP A 646 -0.22 -23.29 -45.32
C TRP A 646 0.81 -24.26 -44.76
N THR A 647 1.88 -24.51 -45.55
CA THR A 647 3.04 -25.27 -45.11
C THR A 647 4.26 -24.76 -45.87
N VAL A 648 5.44 -24.90 -45.25
CA VAL A 648 6.67 -24.46 -45.87
C VAL A 648 7.51 -25.68 -46.22
N ASP A 649 8.11 -25.62 -47.42
CA ASP A 649 9.14 -26.56 -47.83
C ASP A 649 10.26 -26.52 -46.79
N ARG A 650 10.93 -25.36 -46.68
CA ARG A 650 12.09 -25.21 -45.83
C ARG A 650 12.23 -23.74 -45.44
N GLN A 651 12.00 -23.45 -44.15
CA GLN A 651 12.08 -22.10 -43.62
C GLN A 651 13.54 -21.73 -43.37
N PRO A 652 14.06 -20.64 -44.00
CA PRO A 652 15.46 -20.24 -43.84
C PRO A 652 15.62 -19.33 -42.62
N GLN A 653 16.83 -18.78 -42.44
CA GLN A 653 17.07 -18.03 -41.21
C GLN A 653 16.39 -16.68 -41.31
N PHE A 654 16.48 -16.04 -42.48
CA PHE A 654 16.07 -14.65 -42.61
C PHE A 654 14.66 -14.55 -43.15
N ILE A 655 13.72 -14.31 -42.23
CA ILE A 655 12.28 -14.34 -42.46
C ILE A 655 11.57 -13.79 -41.23
N GLN A 656 10.66 -12.84 -41.44
CA GLN A 656 9.99 -12.22 -40.32
C GLN A 656 8.66 -12.90 -40.04
N GLY A 657 8.04 -13.41 -41.11
CA GLY A 657 6.75 -14.08 -41.01
C GLY A 657 6.08 -14.26 -42.37
N TYR A 658 4.77 -14.56 -42.33
CA TYR A 658 4.04 -14.76 -43.56
C TYR A 658 2.95 -13.70 -43.70
N ARG A 659 2.85 -13.16 -44.92
CA ARG A 659 1.87 -12.15 -45.31
C ARG A 659 0.82 -12.81 -46.18
N VAL A 660 -0.42 -12.81 -45.70
CA VAL A 660 -1.50 -13.57 -46.32
C VAL A 660 -2.53 -12.58 -46.84
N TYR A 662 -6.03 -11.69 -49.40
CA TYR A 662 -7.27 -12.18 -49.95
C TYR A 662 -7.98 -11.05 -50.68
N ARG A 663 -8.75 -11.43 -51.72
CA ARG A 663 -9.49 -10.50 -52.56
C ARG A 663 -10.90 -11.01 -52.78
N GLN A 664 -11.85 -10.07 -52.87
CA GLN A 664 -13.25 -10.36 -53.18
C GLN A 664 -13.43 -10.57 -54.69
N THR A 665 -14.04 -11.70 -55.05
CA THR A 665 -14.28 -12.03 -56.45
C THR A 665 -15.75 -12.40 -56.66
N SER A 666 -16.67 -11.64 -56.05
CA SER A 666 -18.11 -11.86 -56.17
C SER A 666 -18.89 -10.62 -55.74
N GLY A 667 -19.89 -10.23 -56.52
CA GLY A 667 -20.80 -9.14 -56.17
C GLY A 667 -20.16 -7.76 -56.32
N LEU A 668 -20.47 -6.85 -55.37
CA LEU A 668 -20.06 -5.45 -55.41
C LEU A 668 -18.54 -5.32 -55.23
N GLN A 669 -17.88 -4.75 -56.25
CA GLN A 669 -16.45 -4.49 -56.29
C GLN A 669 -15.65 -5.79 -56.28
N ALA A 670 -15.75 -6.59 -57.35
CA ALA A 670 -15.00 -7.84 -57.46
C ALA A 670 -13.70 -7.57 -58.21
N THR A 671 -12.66 -8.36 -57.88
CA THR A 671 -11.34 -8.31 -58.50
C THR A 671 -10.71 -6.92 -58.35
N SER A 672 -10.87 -6.31 -57.16
CA SER A 672 -10.34 -4.99 -56.89
C SER A 672 -8.98 -5.10 -56.20
N SER A 673 -8.83 -4.47 -55.02
CA SER A 673 -7.60 -4.57 -54.25
C SER A 673 -7.58 -5.85 -53.42
N TRP A 674 -6.41 -6.18 -52.87
CA TRP A 674 -6.33 -7.29 -51.93
C TRP A 674 -6.43 -6.77 -50.49
N GLN A 675 -7.19 -7.48 -49.66
CA GLN A 675 -7.22 -7.20 -48.24
C GLN A 675 -6.00 -7.86 -47.64
N ASN A 676 -5.24 -7.08 -46.85
CA ASN A 676 -3.94 -7.50 -46.34
C ASN A 676 -4.00 -7.69 -44.82
N LEU A 677 -3.47 -8.83 -44.36
CA LEU A 677 -3.25 -9.09 -42.95
C LEU A 677 -2.19 -10.17 -42.85
N ASP A 678 -1.15 -9.92 -42.03
CA ASP A 678 0.05 -10.77 -42.00
C ASP A 678 0.32 -11.34 -40.60
N ALA A 679 0.96 -12.53 -40.60
CA ALA A 679 1.29 -13.26 -39.40
C ALA A 679 2.75 -12.99 -39.07
N LYS A 680 2.96 -12.33 -37.92
CA LYS A 680 4.21 -11.66 -37.60
C LYS A 680 5.21 -12.65 -37.00
N VAL A 681 4.80 -13.92 -36.82
CA VAL A 681 5.63 -14.91 -36.17
C VAL A 681 5.96 -16.02 -37.16
N PRO A 682 7.25 -16.28 -37.47
CA PRO A 682 7.64 -17.15 -38.58
C PRO A 682 7.25 -18.61 -38.41
N THR A 683 7.02 -19.04 -37.18
CA THR A 683 6.75 -20.44 -36.89
C THR A 683 5.24 -20.72 -37.00
N GLU A 684 4.49 -19.70 -37.45
CA GLU A 684 3.05 -19.81 -37.63
C GLU A 684 2.75 -20.76 -38.79
N ARG A 685 1.51 -21.23 -38.87
CA ARG A 685 1.12 -22.16 -39.93
C ARG A 685 -0.39 -22.04 -40.19
N SER A 686 -1.03 -21.09 -39.51
CA SER A 686 -2.48 -20.96 -39.53
C SER A 686 -2.88 -19.51 -39.25
N ALA A 687 -4.03 -19.10 -39.81
CA ALA A 687 -4.57 -17.76 -39.63
C ALA A 687 -6.08 -17.73 -39.91
N VAL A 688 -6.81 -16.91 -39.15
CA VAL A 688 -8.26 -16.83 -39.21
C VAL A 688 -8.68 -15.43 -39.65
N LEU A 689 -9.42 -15.33 -40.76
CA LEU A 689 -9.83 -14.05 -41.32
C LEU A 689 -11.12 -13.58 -40.64
N VAL A 690 -11.34 -12.25 -40.61
CA VAL A 690 -12.38 -11.66 -39.78
C VAL A 690 -13.21 -10.67 -40.61
N ASN A 691 -14.53 -10.69 -40.36
CA ASN A 691 -15.46 -9.65 -40.81
C ASN A 691 -15.66 -9.70 -42.32
N LEU A 692 -15.73 -10.91 -42.90
CA LEU A 692 -15.89 -11.02 -44.34
C LEU A 692 -17.36 -11.29 -44.67
N LYS A 693 -17.67 -11.28 -45.98
CA LYS A 693 -19.03 -11.37 -46.52
C LYS A 693 -19.42 -12.83 -46.82
N LYS A 694 -20.56 -13.24 -46.26
CA LYS A 694 -21.12 -14.56 -46.41
C LYS A 694 -21.50 -14.77 -47.88
N GLY A 695 -21.40 -16.04 -48.32
CA GLY A 695 -21.74 -16.43 -49.68
C GLY A 695 -20.62 -16.15 -50.67
N VAL A 696 -19.91 -15.03 -50.46
CA VAL A 696 -18.99 -14.47 -51.44
C VAL A 696 -17.75 -15.36 -51.51
N THR A 697 -17.12 -15.38 -52.71
CA THR A 697 -15.93 -16.16 -53.00
C THR A 697 -14.68 -15.28 -52.90
N TYR A 698 -13.60 -15.82 -52.32
CA TYR A 698 -12.39 -15.07 -52.08
C TYR A 698 -11.17 -15.86 -52.54
N GLU A 699 -10.17 -15.15 -53.08
CA GLU A 699 -8.93 -15.76 -53.53
C GLU A 699 -7.82 -15.49 -52.51
N ILE A 700 -7.05 -16.54 -52.19
CA ILE A 700 -6.10 -16.52 -51.09
C ILE A 700 -4.69 -16.78 -51.62
N LYS A 701 -3.75 -15.97 -51.11
CA LYS A 701 -2.33 -16.00 -51.50
C LYS A 701 -1.52 -15.87 -50.20
N VAL A 702 -0.46 -16.69 -50.08
CA VAL A 702 0.41 -16.62 -48.91
C VAL A 702 1.82 -16.25 -49.38
N ARG A 703 2.38 -15.19 -48.78
CA ARG A 703 3.70 -14.70 -49.14
C ARG A 703 4.58 -14.63 -47.90
N PRO A 704 5.81 -15.20 -47.94
CA PRO A 704 6.77 -15.03 -46.85
C PRO A 704 7.49 -13.69 -47.01
N TYR A 705 7.63 -12.95 -45.89
CA TYR A 705 8.19 -11.62 -45.96
C TYR A 705 9.30 -11.44 -44.92
N PHE A 706 10.27 -10.56 -45.21
CA PHE A 706 11.37 -10.28 -44.28
C PHE A 706 11.19 -8.95 -43.57
N ASN A 707 11.49 -7.85 -44.25
CA ASN A 707 11.32 -6.58 -43.58
C ASN A 707 10.60 -5.67 -44.56
N GLU A 708 11.36 -4.82 -45.27
CA GLU A 708 10.79 -4.15 -46.42
C GLU A 708 10.79 -5.13 -47.56
N PHE A 709 11.37 -6.31 -47.31
CA PHE A 709 11.53 -7.32 -48.34
C PHE A 709 10.36 -8.30 -48.36
N GLN A 710 10.15 -8.91 -49.54
CA GLN A 710 8.99 -9.75 -49.80
C GLN A 710 9.42 -10.93 -50.65
N GLY A 711 8.81 -12.10 -50.39
CA GLY A 711 9.15 -13.32 -51.10
C GLY A 711 8.23 -13.53 -52.29
N ASP A 713 4.81 -15.61 -54.01
CA ASP A 713 3.48 -16.02 -53.59
C ASP A 713 3.28 -17.52 -53.74
N SER A 714 2.37 -18.07 -52.92
CA SER A 714 1.96 -19.45 -53.01
C SER A 714 0.93 -19.59 -54.11
N GLU A 715 0.61 -20.84 -54.48
CA GLU A 715 -0.49 -21.15 -55.37
C GLU A 715 -1.79 -20.58 -54.80
N SER A 716 -2.53 -19.85 -55.66
CA SER A 716 -3.76 -19.22 -55.23
C SER A 716 -4.81 -20.29 -54.98
N LYS A 717 -5.62 -20.09 -53.92
CA LYS A 717 -6.81 -20.88 -53.68
C LYS A 717 -8.01 -19.95 -53.61
N THR A 718 -9.14 -20.42 -54.13
CA THR A 718 -10.41 -19.71 -54.09
C THR A 718 -11.45 -20.59 -53.40
N VAL A 719 -12.19 -19.98 -52.48
CA VAL A 719 -13.21 -20.69 -51.71
C VAL A 719 -14.26 -19.67 -51.32
N ARG A 720 -15.53 -20.11 -51.27
CA ARG A 720 -16.64 -19.24 -50.94
C ARG A 720 -17.18 -19.56 -49.55
N THR A 721 -17.74 -18.52 -48.89
CA THR A 721 -18.34 -18.65 -47.57
C THR A 721 -19.65 -19.41 -47.70
N THR A 722 -20.01 -20.14 -46.64
CA THR A 722 -21.28 -20.86 -46.60
C THR A 722 -22.42 -19.83 -46.51
N GLU A 723 -23.57 -20.11 -47.14
CA GLU A 723 -24.53 -19.07 -47.53
C GLU A 723 -25.63 -18.95 -46.48
N GLU A 724 -26.00 -17.70 -46.17
CA GLU A 724 -27.05 -17.44 -45.20
C GLU A 724 -28.17 -16.64 -45.85
N ALA A 725 -29.41 -17.00 -45.48
CA ALA A 725 -30.66 -16.38 -45.88
C ALA A 725 -30.74 -14.94 -45.38
N PRO A 726 -31.44 -14.03 -46.09
CA PRO A 726 -31.44 -12.60 -45.76
C PRO A 726 -32.03 -12.26 -44.40
N SER A 727 -31.74 -11.04 -43.93
CA SER A 727 -32.21 -10.57 -42.63
C SER A 727 -33.27 -9.48 -42.80
N ALA A 728 -33.27 -8.80 -43.95
CA ALA A 728 -34.31 -7.83 -44.28
C ALA A 728 -34.74 -7.97 -45.74
N PRO A 729 -36.05 -8.18 -46.02
CA PRO A 729 -36.55 -8.31 -47.40
C PRO A 729 -36.89 -6.96 -48.02
N PRO A 730 -37.27 -6.91 -49.32
CA PRO A 730 -37.79 -5.69 -49.93
C PRO A 730 -39.24 -5.40 -49.55
N GLN A 731 -39.54 -4.13 -49.24
CA GLN A 731 -40.86 -3.72 -48.76
C GLN A 731 -41.51 -2.78 -49.76
N SER A 732 -42.68 -2.24 -49.37
CA SER A 732 -43.43 -1.21 -50.09
C SER A 732 -44.23 -1.82 -51.24
N VAL A 733 -45.36 -2.47 -50.88
CA VAL A 733 -46.16 -3.26 -51.81
C VAL A 733 -47.25 -2.38 -52.44
N THR A 734 -47.23 -2.30 -53.78
CA THR A 734 -48.17 -1.51 -54.58
C THR A 734 -49.15 -2.44 -55.30
N VAL A 735 -50.42 -2.02 -55.37
CA VAL A 735 -51.48 -2.79 -56.02
C VAL A 735 -52.17 -1.89 -57.06
N LEU A 736 -52.07 -2.27 -58.33
CA LEU A 736 -52.74 -1.56 -59.42
C LEU A 736 -54.20 -2.02 -59.46
N THR A 737 -55.06 -1.25 -60.14
CA THR A 737 -56.46 -1.61 -60.31
C THR A 737 -56.69 -2.10 -61.74
N VAL A 738 -57.41 -3.22 -61.88
CA VAL A 738 -57.50 -3.92 -63.15
C VAL A 738 -58.75 -3.47 -63.89
N GLY A 739 -58.55 -2.86 -65.07
CA GLY A 739 -59.62 -2.53 -66.00
C GLY A 739 -59.18 -1.50 -67.01
N THR A 744 -59.35 -6.82 -60.48
CA THR A 744 -59.84 -8.23 -60.40
C THR A 744 -58.80 -9.14 -59.75
N SER A 745 -57.55 -9.05 -60.24
CA SER A 745 -56.45 -9.87 -59.75
C SER A 745 -55.39 -8.98 -59.12
N ILE A 746 -54.92 -9.37 -57.93
CA ILE A 746 -54.05 -8.55 -57.11
C ILE A 746 -52.70 -8.38 -57.82
N SER A 747 -51.94 -7.38 -57.36
CA SER A 747 -50.63 -7.04 -57.92
C SER A 747 -49.58 -6.97 -56.83
N VAL A 748 -48.31 -7.16 -57.23
CA VAL A 748 -47.15 -7.19 -56.35
C VAL A 748 -46.01 -6.40 -57.00
N SER A 749 -45.46 -5.41 -56.29
CA SER A 749 -44.38 -4.57 -56.76
C SER A 749 -43.50 -4.13 -55.58
N TRP A 750 -42.18 -4.15 -55.77
CA TRP A 750 -41.27 -3.85 -54.67
C TRP A 750 -40.04 -3.04 -55.13
N ASP A 751 -39.33 -2.47 -54.14
CA ASP A 751 -38.09 -1.72 -54.34
C ASP A 751 -36.89 -2.61 -54.04
N PRO A 752 -35.76 -2.46 -54.76
CA PRO A 752 -34.55 -3.24 -54.47
C PRO A 752 -34.24 -3.34 -52.97
N PRO A 753 -34.12 -4.57 -52.39
CA PRO A 753 -33.76 -4.75 -50.98
C PRO A 753 -32.27 -4.48 -50.71
N PRO A 754 -31.87 -4.19 -49.45
CA PRO A 754 -30.52 -3.70 -49.13
C PRO A 754 -29.37 -4.65 -49.49
N PRO A 755 -28.16 -4.11 -49.81
CA PRO A 755 -27.02 -4.92 -50.22
C PRO A 755 -26.52 -5.92 -49.17
N ASP A 756 -26.35 -5.43 -47.92
CA ASP A 756 -25.81 -6.27 -46.86
C ASP A 756 -26.90 -7.18 -46.30
N HIS A 757 -28.15 -6.70 -46.30
CA HIS A 757 -29.28 -7.44 -45.77
C HIS A 757 -29.67 -8.59 -46.69
N GLN A 758 -29.03 -8.67 -47.88
CA GLN A 758 -29.31 -9.69 -48.86
C GLN A 758 -28.75 -11.04 -48.42
N ASN A 759 -27.64 -10.99 -47.67
CA ASN A 759 -27.00 -12.15 -47.06
C ASN A 759 -26.58 -13.20 -48.10
N GLY A 760 -26.47 -12.77 -49.36
CA GLY A 760 -26.00 -13.65 -50.43
C GLY A 760 -26.60 -13.25 -51.77
N ILE A 761 -26.29 -14.07 -52.78
CA ILE A 761 -26.81 -13.92 -54.14
C ILE A 761 -28.28 -14.32 -54.13
N ILE A 762 -29.13 -13.36 -54.55
CA ILE A 762 -30.58 -13.51 -54.57
C ILE A 762 -30.93 -14.64 -55.52
N GLN A 763 -31.84 -15.52 -55.08
CA GLN A 763 -32.19 -16.73 -55.79
C GLN A 763 -33.54 -16.57 -56.49
N GLU A 764 -34.56 -16.17 -55.72
CA GLU A 764 -35.95 -16.11 -56.18
C GLU A 764 -36.78 -15.19 -55.29
N TYR A 765 -38.08 -15.17 -55.55
CA TYR A 765 -39.04 -14.34 -54.84
C TYR A 765 -40.37 -15.08 -54.72
N LYS A 766 -40.81 -15.32 -53.47
CA LYS A 766 -42.00 -16.11 -53.18
C LYS A 766 -43.11 -15.23 -52.61
N ILE A 767 -44.31 -15.35 -53.22
CA ILE A 767 -45.49 -14.60 -52.83
C ILE A 767 -46.49 -15.58 -52.20
N TRP A 768 -47.00 -15.21 -51.02
CA TRP A 768 -48.03 -15.99 -50.33
C TRP A 768 -49.35 -15.22 -50.31
N CYS A 769 -50.46 -15.97 -50.32
CA CYS A 769 -51.79 -15.41 -50.29
C CYS A 769 -52.69 -16.20 -49.33
N LEU A 770 -52.32 -16.18 -48.05
CA LEU A 770 -53.17 -16.71 -46.98
C LEU A 770 -53.99 -15.55 -46.43
N GLY A 771 -55.16 -15.29 -47.04
CA GLY A 771 -55.98 -14.14 -46.73
C GLY A 771 -57.26 -14.51 -45.99
N ASN A 772 -58.41 -14.21 -46.61
CA ASN A 772 -59.72 -14.49 -46.02
C ASN A 772 -60.03 -15.98 -46.15
N GLU A 773 -59.24 -16.67 -46.98
CA GLU A 773 -59.32 -18.11 -47.18
C GLU A 773 -58.22 -18.77 -46.35
N THR A 774 -58.62 -19.46 -45.29
CA THR A 774 -57.67 -20.19 -44.44
C THR A 774 -57.71 -21.68 -44.75
N ARG A 775 -58.07 -22.02 -46.01
CA ARG A 775 -57.86 -23.35 -46.54
C ARG A 775 -57.65 -23.25 -48.06
N PHE A 776 -57.12 -22.09 -48.49
CA PHE A 776 -56.70 -21.85 -49.86
C PHE A 776 -55.60 -20.79 -49.87
N HIS A 777 -54.33 -21.21 -50.05
CA HIS A 777 -53.20 -20.29 -50.11
C HIS A 777 -52.44 -20.41 -51.44
N ILE A 778 -52.35 -19.28 -52.15
CA ILE A 778 -51.77 -19.16 -53.47
C ILE A 778 -50.25 -19.12 -53.36
N ASN A 779 -49.57 -19.83 -54.28
CA ASN A 779 -48.12 -20.00 -54.27
C ASN A 779 -47.53 -19.79 -55.68
N LYS A 780 -46.64 -18.80 -55.81
CA LYS A 780 -45.99 -18.47 -57.08
C LYS A 780 -44.49 -18.28 -56.86
N THR A 781 -43.68 -18.98 -57.66
CA THR A 781 -42.24 -19.06 -57.49
C THR A 781 -41.54 -18.55 -58.75
N VAL A 782 -41.12 -17.27 -58.74
CA VAL A 782 -40.37 -16.69 -59.84
C VAL A 782 -38.87 -16.77 -59.54
N ASP A 783 -38.06 -15.95 -60.25
CA ASP A 783 -36.62 -15.91 -60.04
C ASP A 783 -36.22 -14.53 -59.48
N ALA A 784 -34.91 -14.27 -59.49
CA ALA A 784 -34.33 -13.08 -58.88
C ALA A 784 -34.66 -11.85 -59.72
N ALA A 785 -34.35 -11.91 -61.02
CA ALA A 785 -34.39 -10.79 -61.94
C ALA A 785 -35.76 -10.10 -61.89
N ILE A 786 -36.77 -10.86 -61.43
CA ILE A 786 -38.15 -10.45 -61.36
C ILE A 786 -38.28 -9.22 -60.46
N ARG A 787 -39.11 -8.26 -60.89
CA ARG A 787 -39.40 -7.06 -60.13
C ARG A 787 -40.87 -7.01 -59.72
N SER A 788 -41.79 -7.05 -60.70
CA SER A 788 -43.23 -7.00 -60.48
C SER A 788 -44.00 -7.97 -61.39
N VAL A 789 -45.01 -8.65 -60.82
CA VAL A 789 -45.78 -9.67 -61.52
C VAL A 789 -47.21 -9.73 -60.97
N ILE A 790 -48.17 -10.16 -61.80
CA ILE A 790 -49.58 -10.21 -61.43
C ILE A 790 -50.00 -11.65 -61.16
N ILE A 791 -50.86 -11.84 -60.15
CA ILE A 791 -51.25 -13.14 -59.64
C ILE A 791 -52.35 -13.73 -60.51
N GLY A 792 -52.24 -15.04 -60.78
CA GLY A 792 -53.16 -15.77 -61.64
C GLY A 792 -54.50 -16.06 -60.96
N GLY A 793 -54.75 -17.34 -60.67
CA GLY A 793 -56.03 -17.81 -60.15
C GLY A 793 -56.34 -17.23 -58.78
N LEU A 794 -57.21 -16.21 -58.75
CA LEU A 794 -57.63 -15.54 -57.53
C LEU A 794 -59.12 -15.77 -57.30
N PHE A 795 -59.49 -16.05 -56.04
CA PHE A 795 -60.87 -16.28 -55.65
C PHE A 795 -61.63 -14.95 -55.67
N PRO A 796 -62.75 -14.86 -56.41
CA PRO A 796 -63.50 -13.61 -56.55
C PRO A 796 -63.96 -13.07 -55.20
N GLY A 797 -63.83 -11.75 -55.01
CA GLY A 797 -64.37 -11.06 -53.85
C GLY A 797 -63.45 -11.16 -52.65
N ILE A 798 -63.12 -12.40 -52.26
CA ILE A 798 -62.37 -12.72 -51.06
C ILE A 798 -61.14 -11.80 -50.98
N GLN A 799 -60.95 -11.18 -49.80
CA GLN A 799 -59.83 -10.27 -49.56
C GLN A 799 -58.62 -11.08 -49.11
N TYR A 800 -57.52 -10.95 -49.86
CA TYR A 800 -56.31 -11.73 -49.65
C TYR A 800 -55.21 -10.85 -49.08
N ARG A 801 -54.11 -11.49 -48.65
CA ARG A 801 -52.94 -10.83 -48.07
C ARG A 801 -51.69 -11.13 -48.89
N VAL A 802 -50.78 -10.14 -48.97
CA VAL A 802 -49.61 -10.19 -49.83
C VAL A 802 -48.35 -10.03 -48.99
N GLU A 803 -47.46 -11.04 -49.04
CA GLU A 803 -46.25 -11.08 -48.22
C GLU A 803 -45.06 -11.60 -49.03
N VAL A 804 -44.32 -10.65 -49.62
CA VAL A 804 -43.16 -10.94 -50.45
C VAL A 804 -42.00 -11.37 -49.56
N ALA A 805 -41.05 -12.11 -50.15
CA ALA A 805 -39.87 -12.58 -49.44
C ALA A 805 -38.65 -12.58 -50.37
N ALA A 806 -37.51 -12.09 -49.85
CA ALA A 806 -36.23 -12.32 -50.49
C ALA A 806 -35.78 -13.74 -50.18
N SER A 807 -35.09 -14.37 -51.13
CA SER A 807 -34.63 -15.74 -50.93
C SER A 807 -33.18 -15.91 -51.40
N THR A 808 -32.59 -17.05 -51.02
CA THR A 808 -31.18 -17.33 -51.24
C THR A 808 -31.01 -18.80 -51.60
N SER A 809 -29.76 -19.28 -51.53
CA SER A 809 -29.50 -20.68 -51.76
C SER A 809 -29.66 -21.46 -50.45
N ALA A 810 -29.99 -20.75 -49.37
CA ALA A 810 -30.32 -21.38 -48.10
C ALA A 810 -31.73 -21.95 -48.20
N GLY A 811 -32.63 -21.15 -48.79
CA GLY A 811 -34.04 -21.51 -48.95
C GLY A 811 -34.98 -20.44 -48.38
N VAL A 812 -35.70 -20.81 -47.31
CA VAL A 812 -36.58 -19.94 -46.53
C VAL A 812 -36.00 -18.52 -46.49
N GLY A 813 -36.83 -17.54 -46.86
CA GLY A 813 -36.41 -16.14 -46.83
C GLY A 813 -37.00 -15.40 -45.63
N VAL A 814 -37.37 -14.14 -45.86
CA VAL A 814 -37.94 -13.30 -44.81
C VAL A 814 -39.17 -12.58 -45.34
N LYS A 815 -40.25 -12.60 -44.55
CA LYS A 815 -41.51 -11.97 -44.87
C LYS A 815 -41.40 -10.46 -44.68
N SER A 816 -42.10 -9.70 -45.53
CA SER A 816 -42.04 -8.25 -45.51
C SER A 816 -43.37 -7.66 -45.05
N GLU A 817 -43.71 -6.48 -45.60
CA GLU A 817 -44.86 -5.71 -45.17
C GLU A 817 -46.15 -6.34 -45.68
N PRO A 818 -47.07 -6.80 -44.79
CA PRO A 818 -48.36 -7.35 -45.21
C PRO A 818 -49.28 -6.29 -45.81
N GLN A 819 -50.14 -6.72 -46.74
CA GLN A 819 -51.03 -5.83 -47.47
C GLN A 819 -52.41 -6.47 -47.59
N PRO A 820 -53.35 -6.18 -46.66
CA PRO A 820 -54.71 -6.73 -46.74
C PRO A 820 -55.67 -5.90 -47.58
N ILE A 821 -55.36 -5.76 -48.88
CA ILE A 821 -56.05 -4.84 -49.78
C ILE A 821 -57.38 -5.45 -50.20
N ILE A 822 -58.37 -4.59 -50.43
CA ILE A 822 -59.74 -5.01 -50.75
C ILE A 822 -59.89 -5.19 -52.26
N ILE A 823 -60.38 -6.38 -52.66
CA ILE A 823 -60.59 -6.74 -54.05
C ILE A 823 -62.09 -6.64 -54.36
N GLY A 824 -62.42 -6.51 -55.64
CA GLY A 824 -63.81 -6.37 -56.07
C GLY A 824 -64.42 -7.68 -56.53
N ARG A 825 -65.07 -7.66 -57.70
CA ARG A 825 -65.80 -8.80 -58.24
C ARG A 825 -65.10 -9.33 -59.49
N ARG A 826 -65.81 -9.35 -60.63
CA ARG A 826 -65.30 -9.87 -61.89
C ARG A 826 -65.17 -8.74 -62.92
N ASN A 827 -63.92 -8.49 -63.32
CA ASN A 827 -63.55 -7.61 -64.42
C ASN A 827 -63.63 -6.14 -64.00
N GLU A 828 -63.81 -5.90 -62.70
CA GLU A 828 -63.82 -4.58 -62.09
C GLU A 828 -63.52 -4.72 -60.60
N VAL A 829 -63.30 -3.59 -59.92
CA VAL A 829 -63.07 -3.58 -58.49
C VAL A 829 -64.13 -2.70 -57.81
N VAL A 830 -65.28 -3.30 -57.46
CA VAL A 830 -66.32 -2.65 -56.68
C VAL A 830 -66.43 -3.35 -55.33
N SER B 12 -47.68 34.59 -46.15
CA SER B 12 -49.13 34.91 -46.30
C SER B 12 -49.75 33.98 -47.35
N ARG B 13 -49.51 32.67 -47.18
CA ARG B 13 -49.93 31.66 -48.13
C ARG B 13 -50.92 30.68 -47.47
N LEU B 14 -52.20 31.09 -47.43
CA LEU B 14 -53.24 30.48 -46.62
C LEU B 14 -53.56 29.06 -47.09
N ARG B 15 -53.66 28.16 -46.11
CA ARG B 15 -54.18 26.81 -46.25
C ARG B 15 -54.74 26.42 -44.90
N GLN B 16 -55.88 25.73 -44.88
CA GLN B 16 -56.39 25.25 -43.61
C GLN B 16 -55.72 23.93 -43.23
N GLU B 17 -54.39 23.87 -43.43
CA GLU B 17 -53.54 22.81 -42.91
C GLU B 17 -52.34 23.40 -42.18
N ASP B 18 -52.16 24.72 -42.34
CA ASP B 18 -51.09 25.51 -41.74
C ASP B 18 -51.46 25.98 -40.33
N PHE B 19 -50.56 25.76 -39.37
CA PHE B 19 -50.87 26.03 -37.98
C PHE B 19 -49.73 26.82 -37.35
N PRO B 20 -50.05 27.76 -36.43
CA PRO B 20 -49.05 28.60 -35.74
C PRO B 20 -48.21 27.74 -34.78
N PRO B 21 -46.99 28.20 -34.38
CA PRO B 21 -45.96 27.32 -33.83
C PRO B 21 -46.16 26.94 -32.36
N ARG B 22 -45.75 25.70 -32.04
CA ARG B 22 -45.88 25.11 -30.71
C ARG B 22 -44.53 24.57 -30.30
N ILE B 23 -43.98 25.06 -29.16
CA ILE B 23 -42.72 24.58 -28.61
C ILE B 23 -42.99 23.29 -27.85
N VAL B 24 -42.45 22.18 -28.34
CA VAL B 24 -42.69 20.87 -27.73
C VAL B 24 -41.69 20.63 -26.62
N GLU B 25 -40.39 20.81 -26.90
CA GLU B 25 -39.35 20.70 -25.90
C GLU B 25 -38.96 22.10 -25.42
N HIS B 26 -39.22 22.35 -24.11
CA HIS B 26 -38.86 23.61 -23.50
C HIS B 26 -37.44 23.55 -22.95
N PRO B 27 -36.66 24.65 -22.97
CA PRO B 27 -35.34 24.66 -22.33
C PRO B 27 -35.53 24.69 -20.83
N SER B 28 -34.60 24.05 -20.12
CA SER B 28 -34.63 24.01 -18.68
C SER B 28 -33.42 24.71 -18.07
N ASP B 29 -33.62 25.27 -16.89
CA ASP B 29 -32.55 25.94 -16.14
C ASP B 29 -31.35 25.02 -16.11
N VAL B 30 -30.16 25.59 -16.29
CA VAL B 30 -28.94 24.81 -16.16
C VAL B 30 -27.87 25.68 -15.50
N ILE B 31 -27.12 25.09 -14.57
CA ILE B 31 -25.85 25.60 -14.08
C ILE B 31 -24.76 24.86 -14.82
N VAL B 32 -23.78 25.61 -15.35
CA VAL B 32 -22.67 25.00 -16.05
C VAL B 32 -21.44 25.87 -15.86
N SER B 33 -20.27 25.26 -16.09
CA SER B 33 -18.97 25.84 -15.75
C SER B 33 -18.41 26.60 -16.93
N LYS B 34 -17.59 27.62 -16.61
CA LYS B 34 -16.92 28.44 -17.60
C LYS B 34 -16.03 27.61 -18.50
N GLY B 35 -15.86 28.06 -19.74
CA GLY B 35 -14.95 27.47 -20.70
C GLY B 35 -15.39 26.10 -21.23
N GLU B 36 -16.64 25.70 -20.91
CA GLU B 36 -17.13 24.38 -21.27
C GLU B 36 -18.33 24.48 -22.20
N PRO B 37 -18.55 23.45 -23.07
CA PRO B 37 -19.74 23.40 -23.91
C PRO B 37 -21.02 23.22 -23.11
N THR B 38 -22.13 23.66 -23.71
CA THR B 38 -23.48 23.44 -23.21
C THR B 38 -24.49 23.75 -24.32
N THR B 39 -25.69 23.18 -24.19
CA THR B 39 -26.73 23.21 -25.20
C THR B 39 -28.06 23.47 -24.51
N LEU B 40 -28.71 24.58 -24.84
CA LEU B 40 -30.04 24.87 -24.34
C LEU B 40 -31.06 24.25 -25.27
N ASN B 41 -31.86 23.31 -24.74
CA ASN B 41 -32.73 22.47 -25.54
C ASN B 41 -33.95 23.28 -25.96
N CYS B 42 -34.34 23.16 -27.24
CA CYS B 42 -35.54 23.79 -27.80
C CYS B 42 -35.96 23.07 -29.07
N LYS B 43 -37.28 22.84 -29.18
CA LYS B 43 -37.87 22.16 -30.31
C LYS B 43 -39.32 22.61 -30.49
N ALA B 44 -39.66 23.11 -31.69
CA ALA B 44 -40.97 23.69 -31.98
C ALA B 44 -41.58 23.05 -33.23
N GLU B 45 -42.92 23.01 -33.26
CA GLU B 45 -43.66 22.55 -34.43
C GLU B 45 -44.39 23.73 -35.06
N GLY B 46 -44.54 23.68 -36.39
CA GLY B 46 -45.23 24.71 -37.15
C GLY B 46 -45.39 24.29 -38.61
N ARG B 47 -46.25 25.02 -39.33
CA ARG B 47 -46.38 24.82 -40.75
C ARG B 47 -46.80 26.16 -41.34
N PRO B 48 -45.92 26.86 -42.10
CA PRO B 48 -44.57 26.38 -42.38
C PRO B 48 -43.78 26.22 -41.09
N THR B 49 -42.78 25.30 -41.11
CA THR B 49 -41.86 25.11 -40.00
C THR B 49 -41.34 26.49 -39.59
N PRO B 50 -41.23 26.78 -38.27
CA PRO B 50 -40.91 28.13 -37.81
C PRO B 50 -39.41 28.37 -37.71
N THR B 51 -39.05 29.66 -37.68
CA THR B 51 -37.67 30.07 -37.48
C THR B 51 -37.49 30.48 -36.02
N ILE B 52 -36.56 29.80 -35.34
CA ILE B 52 -36.33 29.95 -33.91
C ILE B 52 -35.27 31.02 -33.72
N GLU B 53 -35.36 31.77 -32.62
CA GLU B 53 -34.40 32.79 -32.22
C GLU B 53 -34.50 33.06 -30.72
N TRP B 54 -33.36 33.33 -30.06
CA TRP B 54 -33.31 33.30 -28.61
C TRP B 54 -33.15 34.70 -28.03
N TYR B 55 -33.66 34.86 -26.81
CA TYR B 55 -33.64 36.14 -26.13
C TYR B 55 -33.24 35.96 -24.67
N LYS B 56 -32.14 36.60 -24.31
CA LYS B 56 -31.59 36.55 -22.96
C LYS B 56 -31.93 37.87 -22.31
N ASP B 57 -32.74 37.80 -21.25
CA ASP B 57 -33.31 38.97 -20.58
C ASP B 57 -34.23 39.72 -21.53
N GLY B 58 -33.66 40.54 -22.41
CA GLY B 58 -34.44 41.20 -23.43
C GLY B 58 -33.88 40.91 -24.81
N GLU B 59 -32.57 41.18 -24.96
CA GLU B 59 -31.93 41.31 -26.26
C GLU B 59 -31.95 39.99 -27.02
N ARG B 60 -31.80 40.11 -28.32
CA ARG B 60 -31.72 38.97 -29.20
C ARG B 60 -30.32 38.39 -29.09
N VAL B 61 -30.26 37.07 -28.96
CA VAL B 61 -29.01 36.34 -28.85
C VAL B 61 -28.36 36.15 -30.21
N GLU B 62 -27.15 36.68 -30.37
CA GLU B 62 -26.47 36.66 -31.64
C GLU B 62 -25.80 35.30 -31.87
N THR B 63 -26.33 34.50 -32.78
CA THR B 63 -25.74 33.20 -33.08
C THR B 63 -24.62 33.37 -34.10
N ASP B 64 -24.15 32.25 -34.65
CA ASP B 64 -23.02 32.25 -35.59
C ASP B 64 -23.47 32.67 -36.97
N LYS B 65 -24.78 32.67 -37.20
CA LYS B 65 -25.38 33.16 -38.44
C LYS B 65 -25.15 34.67 -38.53
N ASP B 66 -25.52 35.40 -37.49
CA ASP B 66 -25.42 36.85 -37.45
C ASP B 66 -23.96 37.29 -37.53
N ASP B 67 -23.03 36.38 -37.24
CA ASP B 67 -21.59 36.67 -37.25
C ASP B 67 -20.82 35.35 -37.21
N PRO B 68 -19.94 35.06 -38.20
CA PRO B 68 -19.19 33.80 -38.20
C PRO B 68 -18.12 33.70 -37.10
N ARG B 69 -17.92 34.78 -36.33
CA ARG B 69 -16.87 34.87 -35.33
C ARG B 69 -17.41 34.53 -33.93
N SER B 70 -18.72 34.33 -33.82
CA SER B 70 -19.38 34.12 -32.55
C SER B 70 -19.19 32.67 -32.11
N HIS B 71 -19.45 32.43 -30.83
CA HIS B 71 -19.20 31.14 -30.21
C HIS B 71 -20.46 30.32 -30.10
N ARG B 72 -21.64 30.97 -30.16
CA ARG B 72 -22.92 30.29 -30.08
C ARG B 72 -23.32 29.77 -31.45
N LEU B 74 -26.90 27.93 -33.40
CA LEU B 74 -28.25 27.41 -33.40
C LEU B 74 -28.26 26.11 -34.18
N LEU B 75 -28.73 25.04 -33.56
CA LEU B 75 -28.64 23.73 -34.16
C LEU B 75 -29.76 23.57 -35.18
N PRO B 76 -29.72 22.50 -36.01
CA PRO B 76 -30.86 22.13 -36.85
C PRO B 76 -32.11 21.98 -36.00
N SER B 77 -31.97 21.31 -34.86
CA SER B 77 -33.05 21.08 -33.91
C SER B 77 -33.69 22.41 -33.45
N GLY B 78 -32.83 23.37 -33.09
CA GLY B 78 -33.28 24.65 -32.55
C GLY B 78 -32.62 24.95 -31.21
N SER B 79 -32.04 23.92 -30.62
CA SER B 79 -31.24 24.06 -29.41
C SER B 79 -30.10 25.05 -29.64
N LEU B 80 -29.91 25.96 -28.66
CA LEU B 80 -28.78 26.88 -28.68
C LEU B 80 -27.58 26.20 -28.04
N PHE B 81 -26.54 25.93 -28.84
CA PHE B 81 -25.33 25.26 -28.38
C PHE B 81 -24.17 26.24 -28.31
N PHE B 82 -23.64 26.39 -27.10
CA PHE B 82 -22.42 27.12 -26.85
C PHE B 82 -21.26 26.15 -26.93
N LEU B 83 -20.14 26.58 -27.53
CA LEU B 83 -18.92 25.78 -27.66
C LEU B 83 -18.15 25.80 -26.35
N ARG B 84 -17.88 27.02 -25.87
CA ARG B 84 -17.36 27.24 -24.54
C ARG B 84 -18.13 28.40 -23.92
N ILE B 85 -18.61 28.20 -22.69
CA ILE B 85 -19.29 29.27 -21.99
C ILE B 85 -18.32 30.41 -21.72
N VAL B 86 -18.79 31.62 -21.83
CA VAL B 86 -17.90 32.76 -21.69
C VAL B 86 -18.38 33.58 -20.50
N HIS B 87 -17.44 33.96 -19.63
CA HIS B 87 -17.76 34.75 -18.46
C HIS B 87 -16.57 35.58 -17.99
N GLY B 88 -16.83 36.82 -17.57
CA GLY B 88 -15.83 37.69 -17.01
C GLY B 88 -16.34 38.40 -15.76
N ARG B 89 -15.66 39.48 -15.36
CA ARG B 89 -16.03 40.21 -14.16
C ARG B 89 -17.03 41.29 -14.54
N ARG B 90 -16.78 41.96 -15.66
CA ARG B 90 -17.62 43.05 -16.13
C ARG B 90 -18.60 42.52 -17.17
N SER B 91 -18.08 42.06 -18.32
CA SER B 91 -18.89 41.54 -19.40
C SER B 91 -19.23 40.07 -19.17
N LYS B 92 -20.52 39.79 -18.98
CA LYS B 92 -21.01 38.46 -18.74
C LYS B 92 -22.02 38.15 -19.82
N PRO B 93 -21.59 37.61 -20.98
CA PRO B 93 -22.47 37.45 -22.13
C PRO B 93 -23.39 36.23 -22.14
N ASP B 94 -23.07 35.20 -21.37
CA ASP B 94 -23.84 33.96 -21.43
C ASP B 94 -24.68 33.78 -20.18
N GLU B 95 -24.29 34.45 -19.11
CA GLU B 95 -25.04 34.38 -17.86
C GLU B 95 -26.28 35.28 -17.95
N GLY B 96 -27.47 34.66 -17.89
CA GLY B 96 -28.72 35.41 -17.99
C GLY B 96 -29.93 34.50 -18.07
N SER B 97 -31.04 35.04 -18.60
CA SER B 97 -32.32 34.36 -18.66
C SER B 97 -32.76 34.16 -20.11
N TYR B 98 -32.68 32.91 -20.59
CA TYR B 98 -32.88 32.57 -21.98
C TYR B 98 -34.33 32.17 -22.22
N VAL B 99 -34.76 32.30 -23.49
CA VAL B 99 -36.07 31.86 -23.99
C VAL B 99 -35.97 31.68 -25.52
N CYS B 100 -36.53 30.58 -26.05
CA CYS B 100 -36.49 30.37 -27.48
C CYS B 100 -37.85 30.66 -28.06
N VAL B 101 -37.86 31.33 -29.23
CA VAL B 101 -39.03 31.91 -29.85
C VAL B 101 -39.11 31.46 -31.30
N ALA B 102 -40.11 30.63 -31.60
CA ALA B 102 -40.34 30.12 -32.94
C ALA B 102 -41.54 30.82 -33.56
N ARG B 103 -41.42 31.23 -34.83
CA ARG B 103 -42.43 32.06 -35.46
C ARG B 103 -42.57 31.68 -36.93
N ASN B 104 -43.79 31.87 -37.47
CA ASN B 104 -44.11 31.85 -38.89
C ASN B 104 -45.09 32.99 -39.20
N TYR B 105 -45.80 32.87 -40.32
CA TYR B 105 -46.69 33.95 -40.76
C TYR B 105 -47.96 33.96 -39.92
N LEU B 106 -48.26 32.84 -39.27
CA LEU B 106 -49.48 32.68 -38.50
C LEU B 106 -49.32 33.37 -37.16
N GLY B 107 -48.14 33.20 -36.52
CA GLY B 107 -47.85 33.87 -35.26
C GLY B 107 -46.57 33.38 -34.59
N GLU B 108 -46.35 33.83 -33.34
CA GLU B 108 -45.16 33.58 -32.53
C GLU B 108 -45.46 32.56 -31.45
N ALA B 109 -44.40 32.14 -30.74
CA ALA B 109 -44.49 31.21 -29.63
C ALA B 109 -43.23 31.28 -28.76
N VAL B 110 -43.35 32.01 -27.63
CA VAL B 110 -42.26 32.16 -26.66
C VAL B 110 -42.27 31.00 -25.68
N SER B 111 -41.08 30.44 -25.40
CA SER B 111 -40.93 29.32 -24.49
C SER B 111 -40.96 29.80 -23.04
N ARG B 112 -40.74 28.86 -22.12
CA ARG B 112 -40.60 29.19 -20.72
C ARG B 112 -39.22 29.80 -20.44
N ASN B 113 -39.05 30.37 -19.25
CA ASN B 113 -37.77 30.86 -18.75
C ASN B 113 -36.81 29.70 -18.52
N ALA B 114 -35.58 29.88 -19.00
CA ALA B 114 -34.46 29.07 -18.55
C ALA B 114 -33.29 30.02 -18.26
N SER B 115 -32.75 29.91 -17.05
CA SER B 115 -31.57 30.69 -16.71
C SER B 115 -30.32 29.83 -16.79
N LEU B 116 -29.28 30.42 -17.37
CA LEU B 116 -27.98 29.79 -17.41
C LEU B 116 -27.12 30.54 -16.42
N GLU B 117 -26.60 29.80 -15.41
CA GLU B 117 -25.73 30.27 -14.34
C GLU B 117 -24.34 29.62 -14.43
N VAL B 118 -23.31 30.45 -14.27
CA VAL B 118 -21.91 30.03 -14.30
C VAL B 118 -21.56 29.43 -12.94
N ALA B 119 -20.76 28.36 -12.94
CA ALA B 119 -20.53 27.58 -11.74
C ALA B 119 -19.54 28.28 -10.81
N LEU B 120 -19.78 28.15 -9.49
CA LEU B 120 -19.03 28.86 -8.47
C LEU B 120 -18.55 27.91 -7.36
N LEU B 121 -17.42 28.25 -6.74
CA LEU B 121 -16.78 27.50 -5.66
C LEU B 121 -15.72 28.35 -4.94
N ARG B 122 -16.03 28.79 -3.72
CA ARG B 122 -15.17 29.71 -2.98
C ARG B 122 -13.95 28.96 -2.43
N ASP B 123 -13.14 29.66 -1.64
CA ASP B 123 -11.90 29.14 -1.10
C ASP B 123 -12.07 28.76 0.36
N ASP B 124 -12.51 29.72 1.19
CA ASP B 124 -12.57 29.54 2.63
C ASP B 124 -13.73 28.62 3.00
N PHE B 125 -13.44 27.61 3.83
CA PHE B 125 -14.40 26.58 4.22
C PHE B 125 -15.39 27.12 5.23
N ARG B 126 -16.62 26.60 5.22
CA ARG B 126 -17.63 27.00 6.18
C ARG B 126 -17.22 26.55 7.58
N GLN B 127 -16.62 25.36 7.68
CA GLN B 127 -16.07 24.88 8.93
C GLN B 127 -14.90 23.96 8.64
N ASN B 128 -13.70 24.39 9.06
CA ASN B 128 -12.46 23.66 8.79
C ASN B 128 -12.29 22.55 9.81
N PRO B 129 -11.83 21.33 9.44
CA PRO B 129 -11.66 20.25 10.40
C PRO B 129 -10.65 20.70 11.46
N THR B 130 -10.94 20.39 12.74
CA THR B 130 -10.13 20.84 13.87
C THR B 130 -9.42 19.62 14.46
N ASP B 131 -8.26 19.87 15.12
CA ASP B 131 -7.38 18.83 15.63
C ASP B 131 -8.09 18.01 16.71
N VAL B 132 -7.88 16.69 16.69
CA VAL B 132 -8.55 15.79 17.61
C VAL B 132 -7.55 14.83 18.23
N VAL B 133 -7.72 14.62 19.54
CA VAL B 133 -6.84 13.81 20.39
C VAL B 133 -7.67 12.71 21.03
N VAL B 134 -7.27 11.45 20.79
CA VAL B 134 -8.06 10.31 21.25
C VAL B 134 -7.16 9.21 21.77
N ALA B 135 -7.75 8.25 22.49
CA ALA B 135 -7.05 7.13 23.09
C ALA B 135 -7.41 5.84 22.37
N ALA B 136 -6.37 5.12 21.91
CA ALA B 136 -6.49 3.92 21.10
C ALA B 136 -7.65 3.06 21.58
N GLY B 137 -8.60 2.77 20.67
CA GLY B 137 -9.78 2.00 20.99
C GLY B 137 -11.03 2.87 21.05
N GLU B 138 -10.86 4.18 21.27
CA GLU B 138 -11.97 5.10 21.34
C GLU B 138 -12.34 5.60 19.95
N PRO B 139 -13.62 6.04 19.75
CA PRO B 139 -14.02 6.64 18.48
C PRO B 139 -13.60 8.10 18.37
N ALA B 140 -13.17 8.49 17.16
CA ALA B 140 -12.74 9.85 16.86
C ALA B 140 -13.64 10.44 15.79
N ILE B 141 -14.11 11.67 16.03
CA ILE B 141 -15.01 12.33 15.12
C ILE B 141 -14.37 13.62 14.61
N LEU B 142 -14.15 13.67 13.29
CA LEU B 142 -13.73 14.87 12.58
C LEU B 142 -14.90 15.37 11.74
N GLU B 143 -15.15 16.67 11.81
CA GLU B 143 -16.24 17.30 11.08
C GLU B 143 -15.67 18.35 10.14
N CYS B 144 -16.46 18.72 9.12
CA CYS B 144 -16.03 19.62 8.06
C CYS B 144 -17.23 20.17 7.30
N GLN B 145 -17.10 21.40 6.80
CA GLN B 145 -18.12 22.03 5.99
C GLN B 145 -17.48 22.83 4.87
N PRO B 146 -17.73 22.45 3.59
CA PRO B 146 -17.00 23.02 2.46
C PRO B 146 -17.38 24.48 2.30
N PRO B 147 -16.69 25.25 1.43
CA PRO B 147 -17.10 26.63 1.14
C PRO B 147 -18.47 26.60 0.46
N ARG B 148 -19.09 27.79 0.33
CA ARG B 148 -20.32 27.90 -0.44
C ARG B 148 -19.99 27.63 -1.90
N GLY B 149 -20.96 27.07 -2.64
CA GLY B 149 -20.80 26.83 -4.06
C GLY B 149 -22.13 26.88 -4.80
N HIS B 150 -22.08 26.69 -6.12
CA HIS B 150 -23.26 26.52 -6.93
C HIS B 150 -22.86 25.68 -8.13
N PRO B 151 -23.21 24.36 -8.17
CA PRO B 151 -24.11 23.77 -7.18
C PRO B 151 -23.44 23.69 -5.81
N GLU B 152 -24.20 23.28 -4.80
CA GLU B 152 -23.64 23.03 -3.48
C GLU B 152 -22.60 21.93 -3.59
N PRO B 153 -21.41 22.10 -2.95
CA PRO B 153 -20.33 21.12 -3.03
C PRO B 153 -20.61 19.91 -2.15
N THR B 154 -19.80 18.87 -2.36
CA THR B 154 -19.89 17.66 -1.55
C THR B 154 -18.47 17.22 -1.19
N ILE B 155 -18.28 16.69 0.02
CA ILE B 155 -16.96 16.52 0.59
C ILE B 155 -16.51 15.06 0.60
N TYR B 156 -15.20 14.87 0.65
CA TYR B 156 -14.55 13.60 0.94
C TYR B 156 -13.29 13.88 1.76
N TRP B 157 -12.60 12.83 2.25
CA TRP B 157 -11.47 13.03 3.16
C TRP B 157 -10.18 12.42 2.63
N LYS B 158 -9.08 13.15 2.86
CA LYS B 158 -7.75 12.66 2.57
C LYS B 158 -7.01 12.42 3.88
N LYS B 159 -6.25 11.33 3.93
CA LYS B 159 -5.29 11.10 5.01
C LYS B 159 -3.90 11.12 4.41
N ASP B 160 -3.10 12.13 4.80
CA ASP B 160 -1.75 12.34 4.30
C ASP B 160 -1.78 12.33 2.78
N LYS B 161 -2.65 13.15 2.19
CA LYS B 161 -2.77 13.27 0.74
C LYS B 161 -3.02 11.90 0.11
N VAL B 162 -3.93 11.13 0.71
CA VAL B 162 -4.41 9.88 0.15
C VAL B 162 -5.90 9.77 0.46
N ARG B 163 -6.71 9.54 -0.57
CA ARG B 163 -8.14 9.39 -0.37
C ARG B 163 -8.41 8.23 0.58
N ILE B 164 -9.44 8.36 1.40
CA ILE B 164 -9.85 7.30 2.31
C ILE B 164 -11.32 6.97 2.05
N ASP B 165 -11.62 5.68 1.86
CA ASP B 165 -12.95 5.24 1.47
C ASP B 165 -13.66 4.65 2.67
N ASP B 166 -15.00 4.61 2.58
CA ASP B 166 -15.87 3.86 3.47
C ASP B 166 -15.83 2.39 3.05
N LYS B 167 -14.60 1.87 2.95
CA LYS B 167 -14.33 0.50 2.54
C LYS B 167 -14.80 -0.45 3.62
N GLU B 168 -14.54 -0.09 4.89
CA GLU B 168 -14.82 -0.96 6.04
C GLU B 168 -15.85 -0.35 7.00
N GLU B 169 -15.93 -0.96 8.18
CA GLU B 169 -16.98 -0.78 9.17
C GLU B 169 -16.48 0.15 10.28
N ARG B 170 -15.17 0.43 10.22
CA ARG B 170 -14.47 1.30 11.15
C ARG B 170 -14.71 2.75 10.72
N ILE B 171 -14.59 2.98 9.41
CA ILE B 171 -14.69 4.29 8.79
C ILE B 171 -16.07 4.43 8.15
N SER B 172 -16.76 5.55 8.45
CA SER B 172 -18.03 5.88 7.80
C SER B 172 -18.26 7.38 7.79
N ILE B 173 -18.36 7.95 6.58
CA ILE B 173 -18.59 9.37 6.37
C ILE B 173 -20.10 9.61 6.30
N ARG B 174 -20.60 10.50 7.15
CA ARG B 174 -22.02 10.85 7.17
C ARG B 174 -22.15 12.36 7.32
N GLY B 175 -22.87 12.98 6.40
CA GLY B 175 -22.93 14.43 6.37
C GLY B 175 -21.52 15.01 6.29
N GLY B 176 -21.26 15.97 7.17
CA GLY B 176 -19.94 16.59 7.28
C GLY B 176 -18.99 15.78 8.16
N LYS B 177 -19.53 14.76 8.84
CA LYS B 177 -18.82 14.02 9.87
C LYS B 177 -18.09 12.81 9.28
N LEU B 178 -16.83 12.65 9.70
CA LEU B 178 -16.04 11.45 9.52
C LEU B 178 -15.75 10.81 10.88
N ILE B 180 -13.83 7.26 12.73
CA ILE B 180 -13.13 6.00 12.90
C ILE B 180 -13.42 5.50 14.31
N SER B 181 -13.76 4.22 14.44
CA SER B 181 -13.89 3.57 15.74
C SER B 181 -12.74 2.60 15.91
N ASN B 182 -12.39 2.28 17.18
CA ASN B 182 -11.30 1.36 17.46
C ASN B 182 -10.01 1.89 16.85
N THR B 183 -9.66 3.13 17.20
CA THR B 183 -8.53 3.82 16.62
C THR B 183 -7.21 3.10 16.97
N ARG B 184 -6.26 3.06 16.03
CA ARG B 184 -4.90 2.63 16.30
C ARG B 184 -3.93 3.71 15.82
N LYS B 185 -2.62 3.50 16.04
CA LYS B 185 -1.63 4.51 15.68
C LYS B 185 -1.41 4.53 14.16
N SER B 186 -2.09 3.62 13.43
CA SER B 186 -2.12 3.65 11.98
C SER B 186 -2.87 4.89 11.50
N ASP B 187 -3.77 5.40 12.36
CA ASP B 187 -4.74 6.43 12.03
C ASP B 187 -4.23 7.82 12.39
N ALA B 188 -3.04 7.89 12.98
CA ALA B 188 -2.47 9.18 13.33
C ALA B 188 -1.89 9.83 12.08
N GLY B 189 -2.19 11.12 11.89
CA GLY B 189 -1.62 11.87 10.78
C GLY B 189 -2.48 13.05 10.36
N TYR B 191 -5.14 15.08 8.36
CA TYR B 191 -6.42 14.82 7.73
C TYR B 191 -6.94 16.11 7.10
N THR B 192 -7.23 16.06 5.80
CA THR B 192 -7.81 17.16 5.06
C THR B 192 -9.17 16.75 4.51
N CYS B 193 -10.09 17.70 4.51
CA CYS B 193 -11.42 17.52 3.96
C CYS B 193 -11.53 18.28 2.65
N VAL B 194 -11.79 17.54 1.56
CA VAL B 194 -11.76 18.12 0.23
C VAL B 194 -13.18 18.24 -0.27
N GLY B 195 -13.57 19.47 -0.65
CA GLY B 195 -14.90 19.75 -1.16
C GLY B 195 -14.91 19.97 -2.69
N THR B 196 -15.60 19.09 -3.42
CA THR B 196 -15.64 19.17 -4.87
C THR B 196 -16.98 19.73 -5.31
N ASN B 197 -17.11 19.80 -6.64
CA ASN B 197 -18.06 20.60 -7.40
C ASN B 197 -17.84 20.26 -8.86
N VAL B 199 -16.86 22.81 -10.58
CA VAL B 199 -15.80 23.78 -10.77
C VAL B 199 -14.49 23.02 -10.65
N GLY B 200 -14.31 22.39 -9.48
CA GLY B 200 -13.07 21.73 -9.12
C GLY B 200 -13.13 21.23 -7.68
N GLU B 201 -12.00 21.32 -6.96
CA GLU B 201 -11.96 20.92 -5.57
C GLU B 201 -11.02 21.84 -4.80
N ARG B 202 -11.38 22.14 -3.57
CA ARG B 202 -10.55 22.89 -2.64
C ARG B 202 -10.24 22.02 -1.42
N ASP B 203 -9.00 22.07 -0.92
CA ASP B 203 -8.59 21.30 0.23
C ASP B 203 -8.71 22.19 1.46
N SER B 204 -8.96 21.56 2.62
CA SER B 204 -9.16 22.27 3.87
C SER B 204 -7.86 22.42 4.65
N ASP B 205 -7.90 23.23 5.70
CA ASP B 205 -6.82 23.32 6.67
C ASP B 205 -6.67 21.94 7.29
N PRO B 206 -5.42 21.38 7.33
CA PRO B 206 -5.21 20.02 7.80
C PRO B 206 -5.47 19.93 9.30
N ALA B 207 -6.23 18.91 9.73
CA ALA B 207 -6.43 18.60 11.13
C ALA B 207 -5.71 17.31 11.43
N GLU B 208 -4.88 17.32 12.49
CA GLU B 208 -4.08 16.17 12.84
C GLU B 208 -4.79 15.36 13.92
N LEU B 209 -4.69 14.04 13.80
CA LEU B 209 -5.28 13.13 14.77
C LEU B 209 -4.16 12.41 15.49
N THR B 210 -4.07 12.63 16.81
CA THR B 210 -3.10 11.99 17.67
C THR B 210 -3.80 10.87 18.45
N VAL B 211 -3.17 9.70 18.43
CA VAL B 211 -3.73 8.53 19.09
C VAL B 211 -2.80 8.10 20.22
N PHE B 212 -3.08 8.60 21.43
CA PHE B 212 -2.39 8.22 22.64
C PHE B 212 -2.89 6.83 23.05
N GLU B 213 -2.07 6.07 23.79
CA GLU B 213 -2.52 4.81 24.35
C GLU B 213 -2.17 4.74 25.83
N ARG B 214 -2.88 3.84 26.52
CA ARG B 214 -2.69 3.66 27.96
C ARG B 214 -1.33 3.01 28.21
N PRO B 215 -0.79 3.07 29.46
CA PRO B 215 0.53 2.51 29.74
C PRO B 215 0.56 0.98 29.64
N THR B 216 1.68 0.46 29.14
CA THR B 216 1.92 -0.97 28.98
C THR B 216 3.22 -1.36 29.67
N PHE B 217 3.27 -2.57 30.25
CA PHE B 217 4.45 -3.05 30.96
C PHE B 217 5.35 -3.85 30.02
N LEU B 218 6.61 -3.39 29.87
CA LEU B 218 7.62 -4.11 29.11
C LEU B 218 8.30 -5.15 30.00
N ARG B 219 8.86 -4.66 31.12
CA ARG B 219 9.41 -5.49 32.16
C ARG B 219 8.59 -5.26 33.44
N ARG B 220 7.95 -6.35 33.90
CA ARG B 220 7.15 -6.33 35.11
C ARG B 220 8.02 -6.77 36.28
N PRO B 221 7.83 -6.22 37.51
CA PRO B 221 8.59 -6.68 38.67
C PRO B 221 8.20 -8.10 39.06
N ILE B 222 9.20 -8.84 39.58
CA ILE B 222 9.04 -10.25 39.93
C ILE B 222 9.16 -10.40 41.44
N ASN B 223 8.43 -11.38 41.99
CA ASN B 223 8.44 -11.70 43.41
C ASN B 223 9.84 -12.14 43.83
N GLN B 224 10.32 -11.62 44.97
CA GLN B 224 11.63 -11.99 45.49
C GLN B 224 11.53 -12.37 46.96
N VAL B 225 12.47 -13.24 47.37
CA VAL B 225 12.61 -13.77 48.71
C VAL B 225 14.04 -13.46 49.18
N VAL B 226 14.20 -12.80 50.33
CA VAL B 226 15.54 -12.39 50.69
C VAL B 226 15.70 -12.30 52.21
N LEU B 227 16.90 -12.60 52.70
CA LEU B 227 17.30 -12.58 54.10
C LEU B 227 17.45 -11.16 54.63
N GLU B 228 17.22 -10.98 55.93
CA GLU B 228 17.16 -9.65 56.52
C GLU B 228 18.49 -8.95 56.29
N GLU B 229 18.44 -7.61 56.31
CA GLU B 229 19.56 -6.69 56.31
C GLU B 229 20.27 -6.70 54.96
N GLU B 230 19.91 -7.65 54.08
CA GLU B 230 20.42 -7.68 52.72
C GLU B 230 19.84 -6.50 51.95
N ALA B 231 20.08 -6.47 50.63
CA ALA B 231 19.50 -5.46 49.78
C ALA B 231 18.58 -6.11 48.74
N VAL B 232 17.48 -5.45 48.35
CA VAL B 232 16.61 -5.99 47.34
C VAL B 232 16.10 -4.89 46.40
N GLU B 233 15.88 -5.26 45.13
CA GLU B 233 15.42 -4.32 44.13
C GLU B 233 14.40 -4.98 43.21
N PHE B 234 13.39 -4.21 42.78
CA PHE B 234 12.42 -4.64 41.79
C PHE B 234 12.50 -3.76 40.56
N ARG B 235 12.51 -4.41 39.40
CA ARG B 235 12.60 -3.72 38.13
C ARG B 235 11.20 -3.45 37.62
N CYS B 236 11.04 -2.36 36.87
CA CYS B 236 9.78 -1.99 36.24
C CYS B 236 10.00 -1.06 35.06
N GLN B 237 9.78 -1.60 33.85
CA GLN B 237 9.89 -0.84 32.61
C GLN B 237 8.53 -0.72 31.94
N VAL B 238 8.19 0.53 31.60
CA VAL B 238 6.88 0.83 31.03
C VAL B 238 7.04 1.46 29.64
N GLN B 239 5.90 1.65 28.98
CA GLN B 239 5.81 2.16 27.63
C GLN B 239 4.40 2.72 27.45
N GLY B 240 4.28 3.72 26.58
CA GLY B 240 2.97 4.31 26.35
C GLY B 240 3.06 5.72 25.75
N ASP B 241 1.89 6.28 25.45
CA ASP B 241 1.80 7.57 24.79
C ASP B 241 0.71 8.38 25.46
N PRO B 242 1.04 9.47 26.18
CA PRO B 242 2.43 9.93 26.31
C PRO B 242 3.23 9.02 27.24
N GLN B 243 4.50 9.37 27.43
CA GLN B 243 5.43 8.63 28.28
C GLN B 243 4.89 8.65 29.71
N PRO B 244 4.57 7.48 30.31
CA PRO B 244 3.93 7.44 31.62
C PRO B 244 4.93 7.73 32.72
N THR B 245 4.43 8.21 33.87
CA THR B 245 5.25 8.37 35.06
C THR B 245 5.04 7.17 35.98
N VAL B 246 6.15 6.59 36.44
CA VAL B 246 6.17 5.41 37.29
C VAL B 246 6.22 5.89 38.74
N ARG B 247 5.49 5.19 39.61
CA ARG B 247 5.51 5.46 41.03
C ARG B 247 5.27 4.15 41.78
N TRP B 248 5.82 4.03 42.98
CA TRP B 248 5.72 2.79 43.74
C TRP B 248 4.83 2.96 44.97
N LYS B 249 4.20 1.86 45.38
CA LYS B 249 3.46 1.76 46.64
C LYS B 249 3.69 0.37 47.23
N LYS B 250 3.60 0.26 48.56
CA LYS B 250 3.63 -1.02 49.23
C LYS B 250 2.33 -1.22 49.99
N ASP B 251 1.66 -2.35 49.72
CA ASP B 251 0.37 -2.66 50.31
C ASP B 251 -0.55 -1.44 50.22
N ASP B 252 -0.56 -0.81 49.04
CA ASP B 252 -1.40 0.32 48.68
C ASP B 252 -1.15 1.55 49.54
N ALA B 253 -0.13 1.48 50.40
CA ALA B 253 0.34 2.67 51.10
C ALA B 253 1.67 3.12 50.48
N ASP B 254 1.98 4.41 50.64
CA ASP B 254 3.23 4.97 50.12
C ASP B 254 4.40 4.45 50.95
N LEU B 255 5.57 4.39 50.31
CA LEU B 255 6.74 3.76 50.90
C LEU B 255 7.28 4.64 52.01
N PRO B 256 7.30 4.15 53.28
CA PRO B 256 7.96 4.88 54.36
C PRO B 256 9.41 5.17 53.98
N ARG B 257 9.71 6.46 53.75
CA ARG B 257 11.02 6.94 53.30
C ARG B 257 12.11 6.41 54.23
N GLY B 258 13.31 6.19 53.67
CA GLY B 258 14.39 5.64 54.47
C GLY B 258 15.34 4.77 53.65
N ARG B 259 15.02 3.46 53.53
CA ARG B 259 15.87 2.50 52.84
C ARG B 259 15.49 2.37 51.37
N TYR B 260 14.29 2.83 51.00
CA TYR B 260 13.83 2.82 49.62
C TYR B 260 14.69 3.76 48.79
N ASP B 261 14.93 3.38 47.53
CA ASP B 261 15.65 4.25 46.62
C ASP B 261 15.12 4.07 45.20
N ILE B 262 14.72 5.18 44.58
CA ILE B 262 14.18 5.15 43.23
C ILE B 262 15.29 5.49 42.23
N LYS B 263 15.64 4.52 41.39
CA LYS B 263 16.69 4.72 40.40
C LYS B 263 16.09 5.43 39.19
N ASP B 264 16.96 5.87 38.27
CA ASP B 264 16.54 6.58 37.09
C ASP B 264 15.76 5.66 36.16
N ASP B 265 16.22 4.42 36.07
CA ASP B 265 15.56 3.43 35.23
C ASP B 265 14.34 2.88 35.95
N TYR B 266 13.94 3.53 37.05
CA TYR B 266 12.70 3.24 37.78
C TYR B 266 12.80 1.98 38.65
N THR B 267 13.99 1.40 38.74
CA THR B 267 14.20 0.28 39.65
C THR B 267 14.04 0.80 41.07
N LEU B 268 13.48 -0.05 41.93
CA LEU B 268 13.28 0.28 43.33
C LEU B 268 14.21 -0.56 44.17
N ARG B 269 15.13 0.10 44.90
CA ARG B 269 16.11 -0.58 45.73
C ARG B 269 15.79 -0.36 47.21
N ILE B 270 15.69 -1.47 47.94
CA ILE B 270 15.70 -1.49 49.39
C ILE B 270 17.11 -1.87 49.82
N LYS B 271 17.81 -0.95 50.49
CA LYS B 271 19.23 -1.10 50.75
C LYS B 271 19.43 -2.01 51.95
N LYS B 272 18.70 -1.73 53.02
CA LYS B 272 18.77 -2.55 54.21
C LYS B 272 17.41 -3.19 54.44
N THR B 273 17.37 -4.52 54.25
CA THR B 273 16.14 -5.28 54.38
C THR B 273 15.82 -5.47 55.85
N SER B 275 12.49 -7.21 58.57
CA SER B 275 11.26 -7.96 58.77
C SER B 275 10.04 -7.12 58.39
N THR B 276 10.12 -5.81 58.69
CA THR B 276 8.99 -4.91 58.56
C THR B 276 8.82 -4.41 57.13
N ASP B 277 9.85 -4.60 56.29
CA ASP B 277 9.87 -4.15 54.91
C ASP B 277 9.05 -5.09 54.02
N GLU B 278 8.79 -6.30 54.52
CA GLU B 278 8.03 -7.33 53.85
C GLU B 278 6.68 -6.78 53.37
N GLY B 279 6.18 -7.31 52.26
CA GLY B 279 4.90 -6.87 51.75
C GLY B 279 4.75 -7.05 50.24
N THR B 280 3.65 -6.50 49.69
CA THR B 280 3.34 -6.61 48.27
C THR B 280 3.56 -5.25 47.66
N TYR B 281 4.69 -5.12 46.96
CA TYR B 281 5.09 -3.88 46.31
C TYR B 281 4.45 -3.81 44.93
N CYS B 283 4.01 -1.37 41.12
CA CYS B 283 4.54 -0.39 40.19
C CYS B 283 3.37 0.19 39.43
N ILE B 284 3.17 1.52 39.54
CA ILE B 284 2.04 2.16 38.89
C ILE B 284 2.54 3.13 37.84
N ALA B 285 2.05 2.93 36.61
CA ALA B 285 2.33 3.76 35.45
C ALA B 285 1.10 4.58 35.07
N GLU B 286 1.29 5.89 34.86
CA GLU B 286 0.17 6.79 34.65
C GLU B 286 0.56 7.89 33.67
N ASN B 287 -0.34 8.13 32.70
CA ASN B 287 -0.26 9.24 31.75
C ASN B 287 -1.66 9.84 31.63
N ARG B 288 -1.88 10.60 30.55
CA ARG B 288 -3.13 11.29 30.31
C ARG B 288 -4.33 10.34 30.21
N VAL B 289 -4.10 9.12 29.71
CA VAL B 289 -5.15 8.17 29.33
C VAL B 289 -5.63 7.38 30.54
N GLY B 290 -4.86 7.46 31.64
CA GLY B 290 -5.15 6.67 32.83
C GLY B 290 -3.93 5.86 33.26
N LYS B 291 -4.16 4.95 34.22
CA LYS B 291 -3.11 4.28 34.96
C LYS B 291 -3.26 2.76 34.88
N GLU B 293 -1.32 -0.88 36.96
CA GLU B 293 -0.43 -1.29 38.03
C GLU B 293 -0.19 -2.80 38.00
N ALA B 294 1.04 -3.19 38.35
CA ALA B 294 1.43 -4.57 38.52
C ALA B 294 2.30 -4.71 39.76
N SER B 295 2.03 -5.78 40.52
CA SER B 295 2.57 -5.96 41.85
C SER B 295 3.55 -7.11 41.83
N ALA B 296 4.29 -7.22 42.94
CA ALA B 296 5.16 -8.35 43.26
C ALA B 296 5.33 -8.42 44.77
N THR B 297 5.67 -9.59 45.27
CA THR B 297 5.82 -9.74 46.71
C THR B 297 7.29 -9.86 47.09
N LEU B 298 7.57 -9.35 48.29
CA LEU B 298 8.83 -9.48 48.99
C LEU B 298 8.57 -10.31 50.25
N THR B 299 9.46 -11.26 50.48
CA THR B 299 9.45 -11.99 51.73
C THR B 299 10.84 -11.91 52.34
N VAL B 300 10.89 -11.61 53.65
CA VAL B 300 12.14 -11.48 54.39
C VAL B 300 12.34 -12.69 55.30
N ARG B 301 13.52 -13.31 55.21
CA ARG B 301 13.85 -14.53 55.92
C ARG B 301 14.78 -14.14 57.06
N ALA B 302 14.29 -14.18 58.30
CA ALA B 302 15.14 -14.05 59.47
C ALA B 302 15.26 -15.40 60.16
N PRO B 303 16.44 -16.03 60.15
CA PRO B 303 16.60 -17.38 60.69
C PRO B 303 16.36 -17.31 62.20
N PRO B 304 15.75 -18.34 62.82
CA PRO B 304 15.34 -18.24 64.23
C PRO B 304 16.58 -18.10 65.08
N GLN B 305 16.46 -17.36 66.18
CA GLN B 305 17.55 -17.11 67.13
C GLN B 305 16.98 -16.97 68.53
N PHE B 306 17.74 -17.45 69.53
CA PHE B 306 17.25 -17.38 70.90
C PHE B 306 17.46 -15.99 71.48
N VAL B 307 16.38 -15.37 71.97
CA VAL B 307 16.52 -14.15 72.74
C VAL B 307 16.92 -14.54 74.15
N VAL B 308 16.16 -15.44 74.79
CA VAL B 308 16.59 -16.11 76.00
C VAL B 308 16.59 -17.62 75.74
N ARG B 309 17.61 -18.30 76.24
CA ARG B 309 17.69 -19.74 76.07
C ARG B 309 17.68 -20.31 77.46
N PRO B 310 17.21 -21.56 77.68
CA PRO B 310 17.12 -22.12 79.01
C PRO B 310 18.49 -22.60 79.44
N ARG B 311 18.80 -22.40 80.74
CA ARG B 311 20.02 -22.85 81.39
C ARG B 311 19.66 -23.86 82.47
N ASP B 312 20.63 -24.65 82.90
CA ASP B 312 20.40 -25.76 83.81
C ASP B 312 19.98 -25.28 85.20
N GLN B 313 19.21 -26.12 85.91
CA GLN B 313 18.76 -25.81 87.25
C GLN B 313 18.84 -27.05 88.15
N ILE B 314 19.40 -26.86 89.35
CA ILE B 314 19.42 -27.89 90.37
C ILE B 314 18.40 -27.42 91.40
N VAL B 315 17.32 -28.16 91.51
CA VAL B 315 16.25 -27.67 92.35
C VAL B 315 15.66 -28.86 93.10
N ALA B 316 15.07 -28.58 94.26
CA ALA B 316 14.71 -29.63 95.20
C ALA B 316 13.25 -30.03 95.09
N GLN B 317 13.00 -31.35 95.22
CA GLN B 317 11.74 -32.04 95.04
C GLN B 317 10.58 -31.23 95.63
N GLY B 318 9.45 -31.21 94.92
CA GLY B 318 8.23 -30.64 95.44
C GLY B 318 8.06 -29.15 95.14
N ARG B 319 9.05 -28.56 94.50
CA ARG B 319 9.02 -27.14 94.19
C ARG B 319 8.49 -26.95 92.78
N THR B 320 8.72 -25.77 92.18
CA THR B 320 8.28 -25.43 90.83
C THR B 320 9.46 -24.90 90.00
N VAL B 321 9.59 -25.38 88.76
CA VAL B 321 10.70 -25.04 87.88
C VAL B 321 10.18 -24.25 86.69
N THR B 322 11.01 -23.32 86.20
CA THR B 322 10.69 -22.57 84.99
C THR B 322 11.93 -22.42 84.12
N PHE B 323 11.88 -22.98 82.92
CA PHE B 323 12.95 -22.87 81.96
C PHE B 323 12.52 -21.89 80.89
N PRO B 324 13.17 -20.72 80.79
CA PRO B 324 12.79 -19.69 79.82
C PRO B 324 13.26 -20.11 78.43
N CYS B 325 12.48 -19.73 77.43
CA CYS B 325 12.81 -19.92 76.04
C CYS B 325 12.01 -18.87 75.27
N GLU B 326 12.70 -17.81 74.87
CA GLU B 326 12.16 -16.72 74.09
C GLU B 326 12.88 -16.74 72.75
N THR B 327 12.17 -16.45 71.66
CA THR B 327 12.73 -16.76 70.36
C THR B 327 12.30 -15.71 69.33
N LYS B 328 13.27 -15.23 68.53
CA LYS B 328 13.00 -14.22 67.52
C LYS B 328 13.36 -14.76 66.13
N GLY B 329 12.71 -14.19 65.10
CA GLY B 329 12.88 -14.59 63.72
C GLY B 329 11.74 -14.14 62.82
N ASN B 330 11.73 -14.65 61.58
CA ASN B 330 10.74 -14.30 60.59
C ASN B 330 10.55 -15.51 59.69
N PRO B 331 9.38 -16.20 59.71
CA PRO B 331 8.27 -15.85 60.60
C PRO B 331 8.67 -15.95 62.07
N GLN B 332 7.85 -15.34 62.95
CA GLN B 332 7.98 -15.57 64.37
C GLN B 332 8.01 -17.08 64.56
N PRO B 333 9.04 -17.63 65.23
CA PRO B 333 9.16 -19.07 65.43
C PRO B 333 8.29 -19.51 66.60
N ALA B 334 7.71 -20.71 66.44
CA ALA B 334 6.95 -21.31 67.50
C ALA B 334 7.90 -22.17 68.33
N VAL B 335 7.86 -21.95 69.64
CA VAL B 335 8.66 -22.67 70.60
C VAL B 335 7.96 -23.97 70.94
N PHE B 336 8.73 -25.04 71.01
CA PHE B 336 8.17 -26.29 71.48
C PHE B 336 9.24 -27.14 72.16
N TRP B 337 8.84 -27.93 73.18
CA TRP B 337 9.78 -28.63 74.06
C TRP B 337 9.69 -30.15 73.91
N GLN B 338 10.76 -30.81 74.38
CA GLN B 338 10.94 -32.23 74.20
C GLN B 338 11.99 -32.65 75.21
N LYS B 339 11.74 -33.76 75.94
CA LYS B 339 12.71 -34.25 76.91
C LYS B 339 13.62 -35.30 76.26
N GLU B 340 14.94 -35.06 76.29
CA GLU B 340 15.94 -35.89 75.63
C GLU B 340 15.64 -37.36 75.93
N GLY B 341 15.47 -38.14 74.86
CA GLY B 341 15.04 -39.52 74.94
C GLY B 341 13.54 -39.63 75.30
N SER B 342 12.68 -39.10 74.43
CA SER B 342 11.23 -39.14 74.57
C SER B 342 10.61 -38.53 73.31
N GLN B 343 9.62 -39.20 72.72
CA GLN B 343 9.21 -38.87 71.37
C GLN B 343 8.20 -37.72 71.38
N ASN B 344 7.42 -37.58 72.47
CA ASN B 344 6.34 -36.60 72.49
C ASN B 344 6.90 -35.18 72.61
N LEU B 345 6.10 -34.23 72.15
CA LEU B 345 6.44 -32.82 72.13
C LEU B 345 5.40 -32.08 72.95
N LEU B 346 5.78 -30.91 73.45
CA LEU B 346 4.86 -30.04 74.17
C LEU B 346 4.75 -28.70 73.45
N PHE B 347 3.51 -28.24 73.24
CA PHE B 347 3.23 -26.98 72.57
C PHE B 347 2.50 -26.04 73.52
N PRO B 348 2.59 -24.71 73.35
CA PRO B 348 2.08 -23.74 74.33
C PRO B 348 0.59 -23.82 74.66
N ASN B 349 -0.23 -23.16 73.86
CA ASN B 349 -1.62 -22.93 74.26
C ASN B 349 -2.35 -24.24 74.52
N GLN B 350 -1.86 -25.35 73.95
CA GLN B 350 -2.44 -26.68 74.07
C GLN B 350 -2.71 -27.00 75.53
N PRO B 351 -3.95 -27.37 75.94
CA PRO B 351 -4.21 -27.82 77.29
C PRO B 351 -4.00 -29.34 77.43
N GLN B 352 -3.75 -29.78 78.66
CA GLN B 352 -3.72 -31.19 79.03
C GLN B 352 -4.63 -31.40 80.24
N GLN B 353 -4.80 -32.67 80.65
CA GLN B 353 -5.65 -33.05 81.76
C GLN B 353 -5.02 -32.59 83.08
N PRO B 354 -5.82 -32.26 84.14
CA PRO B 354 -5.29 -31.64 85.36
C PRO B 354 -4.38 -32.57 86.18
N ASN B 355 -3.71 -33.51 85.49
CA ASN B 355 -3.00 -34.63 86.10
C ASN B 355 -1.51 -34.60 85.71
N SER B 356 -1.16 -33.68 84.80
CA SER B 356 0.24 -33.46 84.44
C SER B 356 0.70 -32.08 84.90
N ARG B 357 2.01 -31.93 85.03
CA ARG B 357 2.57 -30.75 85.68
C ARG B 357 3.43 -30.00 84.67
N CYS B 358 3.76 -30.65 83.55
CA CYS B 358 4.38 -29.98 82.42
C CYS B 358 3.38 -29.01 81.81
N SER B 359 3.84 -27.87 81.27
CA SER B 359 2.99 -26.86 80.63
C SER B 359 3.83 -25.74 80.04
N VAL B 360 3.41 -25.26 78.88
CA VAL B 360 4.24 -24.34 78.13
C VAL B 360 3.55 -22.98 78.00
N SER B 361 4.30 -21.92 78.30
CA SER B 361 3.84 -20.54 78.24
C SER B 361 3.67 -20.13 76.78
N PRO B 362 2.76 -19.21 76.46
CA PRO B 362 2.72 -18.59 75.14
C PRO B 362 4.10 -18.03 74.84
N THR B 363 4.71 -17.43 75.86
CA THR B 363 6.05 -16.86 75.78
C THR B 363 7.02 -17.92 75.27
N GLY B 364 6.85 -19.15 75.76
CA GLY B 364 7.72 -20.26 75.39
C GLY B 364 8.39 -20.92 76.59
N ASP B 365 8.06 -20.43 77.79
CA ASP B 365 8.68 -20.88 79.02
C ASP B 365 8.05 -22.20 79.45
N LEU B 366 8.88 -23.19 79.79
CA LEU B 366 8.42 -24.48 80.28
C LEU B 366 8.39 -24.51 81.80
N THR B 367 7.31 -25.02 82.37
CA THR B 367 7.11 -24.97 83.80
C THR B 367 6.69 -26.36 84.30
N ILE B 368 7.40 -26.90 85.29
CA ILE B 368 6.99 -28.15 85.93
C ILE B 368 6.78 -27.90 87.42
N THR B 369 5.57 -28.20 87.90
CA THR B 369 5.21 -28.02 89.29
C THR B 369 5.47 -29.34 90.03
N ASN B 370 5.68 -29.23 91.36
CA ASN B 370 5.75 -30.40 92.23
C ASN B 370 6.69 -31.45 91.63
N ILE B 371 7.98 -31.12 91.57
CA ILE B 371 8.96 -31.91 90.86
C ILE B 371 9.14 -33.26 91.55
N GLN B 372 9.38 -34.31 90.75
CA GLN B 372 9.69 -35.65 91.21
C GLN B 372 11.10 -35.99 90.74
N ARG B 373 11.72 -36.97 91.39
CA ARG B 373 13.00 -37.50 90.95
C ARG B 373 12.82 -38.00 89.51
N SER B 374 11.58 -38.27 89.16
CA SER B 374 11.22 -38.78 87.85
C SER B 374 11.54 -37.75 86.77
N ASP B 375 11.41 -36.47 87.12
CA ASP B 375 11.41 -35.37 86.16
C ASP B 375 12.84 -35.03 85.75
N ALA B 376 13.81 -35.42 86.56
CA ALA B 376 15.20 -35.10 86.33
C ALA B 376 15.63 -35.56 84.95
N GLY B 377 16.53 -34.79 84.33
CA GLY B 377 17.06 -35.09 83.01
C GLY B 377 17.33 -33.81 82.22
N TYR B 378 17.62 -33.96 80.92
CA TYR B 378 17.76 -32.82 80.02
C TYR B 378 16.42 -32.51 79.36
N TYR B 379 16.23 -31.23 79.00
CA TYR B 379 15.06 -30.72 78.29
C TYR B 379 15.51 -29.87 77.10
N ILE B 380 14.70 -29.77 76.05
CA ILE B 380 15.11 -29.06 74.85
C ILE B 380 13.96 -28.21 74.33
N CYS B 381 14.19 -26.91 74.20
CA CYS B 381 13.25 -26.09 73.48
C CYS B 381 13.76 -25.82 72.06
N GLN B 382 12.84 -25.92 71.10
CA GLN B 382 13.14 -25.92 69.68
C GLN B 382 12.28 -24.87 69.00
N ALA B 383 12.88 -24.24 67.99
CA ALA B 383 12.21 -23.31 67.11
C ALA B 383 12.41 -23.79 65.68
N LEU B 384 11.32 -23.76 64.89
CA LEU B 384 11.38 -24.27 63.54
C LEU B 384 10.41 -23.51 62.65
N THR B 385 11.01 -22.75 61.72
CA THR B 385 10.34 -22.00 60.66
C THR B 385 10.99 -22.34 59.32
N VAL B 386 10.45 -21.77 58.25
CA VAL B 386 11.00 -21.97 56.91
C VAL B 386 12.34 -21.26 56.80
N ALA B 387 12.69 -20.42 57.78
CA ALA B 387 13.94 -19.68 57.76
C ALA B 387 15.07 -20.49 58.40
N GLY B 388 14.73 -21.66 58.94
CA GLY B 388 15.70 -22.52 59.59
C GLY B 388 15.20 -23.05 60.93
N SER B 389 16.08 -23.74 61.67
CA SER B 389 15.72 -24.36 62.95
C SER B 389 16.85 -24.22 63.97
N ILE B 390 16.47 -24.08 65.24
CA ILE B 390 17.43 -24.04 66.32
C ILE B 390 16.87 -24.84 67.48
N LEU B 391 17.76 -25.16 68.42
CA LEU B 391 17.44 -25.84 69.65
C LEU B 391 18.48 -25.44 70.70
N ALA B 392 18.12 -25.66 71.96
CA ALA B 392 19.06 -25.54 73.06
C ALA B 392 18.59 -26.47 74.17
N LYS B 393 19.54 -27.20 74.78
CA LYS B 393 19.17 -28.12 75.84
C LYS B 393 19.76 -27.67 77.16
N ALA B 394 19.01 -27.91 78.23
CA ALA B 394 19.36 -27.55 79.59
C ALA B 394 18.97 -28.70 80.51
N GLN B 395 19.72 -28.86 81.60
CA GLN B 395 19.58 -30.03 82.45
C GLN B 395 18.84 -29.67 83.74
N LEU B 396 18.05 -30.63 84.22
CA LEU B 396 17.34 -30.53 85.49
C LEU B 396 17.78 -31.65 86.40
N GLU B 397 18.25 -31.29 87.60
CA GLU B 397 18.67 -32.22 88.62
C GLU B 397 17.80 -32.01 89.85
N VAL B 398 17.13 -33.09 90.29
CA VAL B 398 16.24 -33.01 91.44
C VAL B 398 16.95 -33.55 92.67
N THR B 399 16.66 -32.98 93.84
CA THR B 399 17.36 -33.33 95.06
C THR B 399 16.35 -33.57 96.19
N ASP B 400 16.74 -34.28 97.27
CA ASP B 400 15.81 -34.76 98.30
C ASP B 400 15.88 -33.93 99.58
N VAL B 401 15.14 -34.40 100.60
CA VAL B 401 14.95 -33.73 101.88
C VAL B 401 16.17 -32.88 102.24
N LEU B 402 17.33 -33.54 102.40
CA LEU B 402 18.61 -32.86 102.48
C LEU B 402 19.70 -33.79 101.96
N THR B 403 19.77 -33.92 100.62
CA THR B 403 20.80 -34.69 99.94
C THR B 403 22.16 -34.34 100.51
N ASP B 404 22.37 -33.05 100.79
CA ASP B 404 23.57 -32.52 101.42
C ASP B 404 23.28 -31.33 102.35
N ARG B 405 24.07 -31.18 103.42
CA ARG B 405 24.03 -29.98 104.25
C ARG B 405 25.39 -29.28 104.19
N PRO B 406 25.44 -27.93 104.27
CA PRO B 406 26.70 -27.19 104.17
C PRO B 406 27.49 -27.27 105.49
N PRO B 407 28.84 -27.19 105.44
CA PRO B 407 29.66 -27.31 106.64
C PRO B 407 29.49 -26.10 107.55
N PRO B 408 29.76 -26.21 108.86
CA PRO B 408 29.56 -25.10 109.80
C PRO B 408 30.26 -23.81 109.38
N ILE B 409 29.71 -22.67 109.79
CA ILE B 409 30.20 -21.37 109.36
C ILE B 409 30.59 -20.57 110.58
N ILE B 410 31.75 -19.92 110.49
CA ILE B 410 32.22 -19.01 111.51
C ILE B 410 31.87 -17.61 111.04
N LEU B 411 30.89 -16.99 111.71
CA LEU B 411 30.49 -15.63 111.39
C LEU B 411 31.63 -14.65 111.65
N GLN B 412 31.99 -14.50 112.94
CA GLN B 412 33.11 -13.70 113.37
C GLN B 412 33.98 -14.50 114.33
N GLY B 413 35.27 -14.62 114.01
CA GLY B 413 36.22 -15.28 114.89
C GLY B 413 37.01 -14.27 115.72
N PRO B 414 38.03 -14.72 116.48
CA PRO B 414 38.82 -13.82 117.33
C PRO B 414 39.58 -12.78 116.50
N ALA B 415 39.80 -11.62 117.10
CA ALA B 415 40.54 -10.55 116.46
C ALA B 415 41.94 -10.46 117.06
N ASN B 416 42.81 -9.72 116.36
CA ASN B 416 44.21 -9.61 116.72
C ASN B 416 44.32 -8.76 117.98
N GLN B 417 44.10 -9.37 119.16
CA GLN B 417 44.30 -8.68 120.43
C GLN B 417 45.78 -8.53 120.73
N THR B 418 46.09 -7.52 121.53
CA THR B 418 47.46 -7.24 121.97
C THR B 418 47.37 -6.71 123.41
N LEU B 419 47.63 -7.60 124.38
CA LEU B 419 47.29 -7.36 125.77
C LEU B 419 48.53 -7.33 126.64
N ALA B 420 48.42 -6.59 127.76
CA ALA B 420 49.50 -6.45 128.74
C ALA B 420 49.55 -7.65 129.69
N VAL B 421 50.75 -7.93 130.22
CA VAL B 421 51.03 -9.09 131.06
C VAL B 421 50.05 -9.15 132.22
N ASP B 422 49.84 -10.38 132.72
CA ASP B 422 49.23 -10.61 134.02
C ASP B 422 47.72 -10.39 133.98
N GLY B 423 47.23 -9.86 132.86
CA GLY B 423 45.82 -9.57 132.70
C GLY B 423 44.99 -10.84 132.50
N THR B 424 43.87 -10.68 131.78
CA THR B 424 42.95 -11.77 131.51
C THR B 424 42.39 -11.61 130.10
N ALA B 425 42.73 -12.57 129.22
CA ALA B 425 42.51 -12.44 127.78
C ALA B 425 41.37 -13.35 127.33
N LEU B 426 40.37 -12.77 126.68
CA LEU B 426 39.25 -13.49 126.11
C LEU B 426 39.25 -13.35 124.60
N LEU B 427 38.95 -14.46 123.92
CA LEU B 427 38.98 -14.57 122.47
C LEU B 427 37.66 -15.14 121.97
N LYS B 428 36.86 -14.29 121.29
CA LYS B 428 35.50 -14.61 120.87
C LYS B 428 35.51 -15.47 119.60
N CYS B 429 34.34 -16.07 119.27
CA CYS B 429 34.15 -16.88 118.08
C CYS B 429 32.68 -17.22 117.89
N LYS B 430 32.08 -16.69 116.81
CA LYS B 430 30.66 -16.78 116.52
C LYS B 430 30.37 -17.78 115.40
N ALA B 431 29.57 -18.80 115.74
CA ALA B 431 29.33 -19.95 114.87
C ALA B 431 27.87 -20.00 114.37
N THR B 432 27.62 -20.90 113.42
CA THR B 432 26.33 -21.16 112.78
C THR B 432 26.37 -22.54 112.12
N GLY B 433 25.20 -23.14 111.91
CA GLY B 433 25.12 -24.33 111.07
C GLY B 433 24.23 -25.42 111.66
N ASP B 434 23.98 -26.45 110.83
CA ASP B 434 23.16 -27.58 111.19
C ASP B 434 23.83 -28.88 110.74
N PRO B 435 24.20 -29.79 111.68
CA PRO B 435 23.88 -29.65 113.09
C PRO B 435 24.67 -28.49 113.69
N LEU B 436 24.31 -28.10 114.93
CA LEU B 436 25.01 -27.02 115.59
C LEU B 436 26.43 -27.48 115.93
N PRO B 437 27.45 -26.62 115.71
CA PRO B 437 28.86 -27.03 115.80
C PRO B 437 29.54 -26.90 117.16
N VAL B 438 30.59 -27.70 117.39
CA VAL B 438 31.36 -27.70 118.63
C VAL B 438 32.63 -26.88 118.41
N ILE B 439 32.84 -25.84 119.24
CA ILE B 439 33.97 -24.95 119.08
C ILE B 439 35.15 -25.45 119.91
N SER B 440 36.29 -25.67 119.24
CA SER B 440 37.54 -26.10 119.85
C SER B 440 38.63 -25.09 119.52
N TRP B 441 39.79 -25.20 120.19
CA TRP B 441 40.85 -24.24 119.94
C TRP B 441 42.19 -24.92 119.67
N LEU B 442 43.09 -24.15 119.04
CA LEU B 442 44.47 -24.54 118.80
C LEU B 442 45.39 -23.36 119.07
N LYS B 443 46.55 -23.67 119.65
CA LYS B 443 47.64 -22.72 119.81
C LYS B 443 48.76 -23.17 118.89
N GLU B 444 49.15 -22.28 117.98
CA GLU B 444 50.17 -22.55 117.00
C GLU B 444 50.04 -23.97 116.47
N GLY B 445 48.85 -24.56 116.56
CA GLY B 445 48.66 -25.81 115.86
C GLY B 445 48.23 -26.93 116.78
N PHE B 446 48.78 -26.98 118.00
CA PHE B 446 48.44 -28.06 118.91
C PHE B 446 47.20 -27.72 119.73
N THR B 447 46.61 -28.74 120.35
CA THR B 447 45.36 -28.63 121.09
C THR B 447 45.50 -27.63 122.21
N PHE B 448 44.41 -26.95 122.51
CA PHE B 448 44.38 -25.96 123.58
C PHE B 448 43.06 -26.14 124.32
N PRO B 449 43.00 -25.88 125.64
CA PRO B 449 44.14 -25.40 126.40
C PRO B 449 45.20 -26.44 126.71
N GLY B 450 44.90 -27.72 126.45
CA GLY B 450 45.92 -28.74 126.64
C GLY B 450 46.20 -29.04 128.12
N ARG B 451 47.26 -28.45 128.70
CA ARG B 451 47.71 -28.85 130.03
C ARG B 451 47.59 -27.71 131.04
N ASP B 452 47.50 -26.47 130.54
CA ASP B 452 47.54 -25.31 131.42
C ASP B 452 46.15 -25.01 131.94
N PRO B 453 45.96 -24.98 133.27
CA PRO B 453 44.67 -24.66 133.87
C PRO B 453 44.24 -23.20 133.80
N ARG B 454 45.18 -22.29 133.56
CA ARG B 454 44.89 -20.85 133.56
C ARG B 454 43.96 -20.44 132.43
N ALA B 455 43.79 -21.32 131.42
CA ALA B 455 43.01 -21.03 130.23
C ALA B 455 41.84 -22.01 130.12
N THR B 456 40.68 -21.52 129.66
CA THR B 456 39.47 -22.33 129.64
C THR B 456 38.48 -21.86 128.58
N ILE B 457 37.63 -22.80 128.14
CA ILE B 457 36.62 -22.60 127.11
C ILE B 457 35.32 -22.11 127.73
N GLN B 458 34.78 -21.01 127.20
CA GLN B 458 33.69 -20.29 127.81
C GLN B 458 32.36 -20.72 127.19
N GLU B 459 31.35 -19.83 127.27
CA GLU B 459 29.97 -20.18 126.96
C GLU B 459 29.81 -20.35 125.45
N GLN B 460 29.81 -19.21 124.74
CA GLN B 460 29.63 -19.20 123.29
C GLN B 460 30.97 -19.54 122.65
N GLY B 461 31.59 -20.61 123.19
CA GLY B 461 32.83 -21.16 122.66
C GLY B 461 34.03 -20.24 122.83
N THR B 462 33.81 -19.02 123.36
CA THR B 462 34.85 -18.04 123.64
C THR B 462 35.94 -18.62 124.55
N LEU B 463 37.20 -18.23 124.30
CA LEU B 463 38.33 -18.76 125.06
C LEU B 463 38.89 -17.70 126.00
N GLN B 464 38.96 -18.06 127.29
CA GLN B 464 39.37 -17.15 128.34
C GLN B 464 40.64 -17.66 129.00
N ILE B 465 41.64 -16.77 129.04
CA ILE B 465 42.89 -17.02 129.75
C ILE B 465 43.05 -15.99 130.87
N LYS B 466 42.96 -16.48 132.12
CA LYS B 466 43.27 -15.71 133.32
C LYS B 466 44.79 -15.65 133.45
N ASN B 467 45.30 -14.53 134.00
CA ASN B 467 46.69 -14.40 134.42
C ASN B 467 47.61 -14.55 133.23
N LEU B 468 47.71 -13.47 132.44
CA LEU B 468 48.52 -13.49 131.23
C LEU B 468 50.00 -13.61 131.58
N ARG B 469 50.76 -14.15 130.61
CA ARG B 469 52.21 -14.09 130.60
C ARG B 469 52.69 -13.95 129.16
N ILE B 470 53.98 -13.63 129.02
CA ILE B 470 54.66 -13.54 127.73
C ILE B 470 54.52 -14.87 127.01
N SER B 471 54.55 -15.96 127.79
CA SER B 471 54.59 -17.32 127.30
C SER B 471 53.30 -17.70 126.55
N ASP B 472 52.31 -16.79 126.55
CA ASP B 472 51.00 -17.10 126.01
C ASP B 472 50.77 -16.34 124.70
N THR B 473 51.70 -15.48 124.30
CA THR B 473 51.60 -14.83 123.01
C THR B 473 51.72 -15.87 121.90
N GLY B 474 50.88 -15.73 120.88
CA GLY B 474 50.95 -16.62 119.73
C GLY B 474 49.73 -16.54 118.81
N THR B 475 49.65 -17.54 117.91
CA THR B 475 48.57 -17.69 116.96
C THR B 475 47.55 -18.69 117.46
N TYR B 476 46.33 -18.20 117.66
CA TYR B 476 45.26 -19.00 118.22
C TYR B 476 44.22 -19.17 117.14
N THR B 477 43.63 -20.37 117.07
CA THR B 477 42.74 -20.78 115.99
C THR B 477 41.46 -21.38 116.55
N CYS B 478 40.32 -20.84 116.11
CA CYS B 478 39.01 -21.29 116.55
C CYS B 478 38.48 -22.28 115.53
N VAL B 479 38.07 -23.47 115.99
CA VAL B 479 37.65 -24.53 115.11
C VAL B 479 36.23 -24.95 115.47
N ALA B 480 35.29 -24.75 114.54
CA ALA B 480 33.95 -25.25 114.64
C ALA B 480 33.83 -26.56 113.87
N THR B 481 33.22 -27.58 114.50
CA THR B 481 33.12 -28.92 113.96
C THR B 481 31.77 -29.55 114.26
N SER B 482 31.10 -30.03 113.21
CA SER B 482 29.91 -30.87 113.30
C SER B 482 30.08 -32.10 112.39
N SER B 483 28.99 -32.84 112.15
CA SER B 483 29.03 -34.02 111.32
C SER B 483 29.11 -33.59 109.86
N SER B 484 28.78 -32.32 109.60
CA SER B 484 28.64 -31.79 108.25
C SER B 484 29.93 -31.15 107.76
N GLY B 485 30.93 -31.02 108.62
CA GLY B 485 32.22 -30.50 108.23
C GLY B 485 32.87 -29.66 109.34
N GLU B 486 33.89 -28.87 108.97
CA GLU B 486 34.66 -28.11 109.94
C GLU B 486 35.34 -26.91 109.31
N THR B 487 35.25 -25.77 110.01
CA THR B 487 35.86 -24.52 109.59
C THR B 487 36.74 -24.01 110.72
N SER B 488 37.74 -23.20 110.37
CA SER B 488 38.66 -22.64 111.34
C SER B 488 38.87 -21.14 111.10
N TRP B 489 39.12 -20.39 112.17
CA TRP B 489 39.45 -18.98 112.10
C TRP B 489 40.53 -18.68 113.13
N SER B 490 41.68 -18.18 112.68
CA SER B 490 42.79 -17.95 113.58
C SER B 490 43.18 -16.48 113.64
N ALA B 491 43.68 -16.06 114.80
CA ALA B 491 44.15 -14.71 115.07
C ALA B 491 45.46 -14.80 115.85
N VAL B 492 46.09 -13.64 116.04
CA VAL B 492 47.40 -13.53 116.66
C VAL B 492 47.29 -12.70 117.93
N LEU B 493 47.65 -13.30 119.08
CA LEU B 493 47.61 -12.62 120.35
C LEU B 493 49.03 -12.20 120.72
N ASP B 494 49.19 -10.98 121.27
CA ASP B 494 50.50 -10.49 121.68
C ASP B 494 50.46 -10.05 123.15
N VAL B 495 51.46 -10.51 123.94
CA VAL B 495 51.58 -10.22 125.36
C VAL B 495 52.92 -9.58 125.71
N THR B 496 52.91 -8.26 125.93
CA THR B 496 54.07 -7.54 126.45
C THR B 496 53.72 -6.92 127.80
N GLU B 497 54.73 -6.31 128.43
CA GLU B 497 54.61 -5.65 129.71
C GLU B 497 53.58 -4.53 129.62
N SER B 498 53.85 -3.54 128.75
CA SER B 498 53.00 -2.37 128.60
C SER B 498 51.75 -2.68 127.79
N GLY B 499 51.95 -3.34 126.64
CA GLY B 499 50.86 -3.82 125.80
C GLY B 499 49.84 -2.73 125.48
N ALA B 500 50.35 -1.54 125.11
CA ALA B 500 49.53 -0.38 124.84
C ALA B 500 50.02 0.25 123.54
N THR B 501 49.60 -0.36 122.44
CA THR B 501 50.11 -0.12 121.10
C THR B 501 49.71 1.28 120.63
N ILE B 502 48.52 1.75 121.06
CA ILE B 502 47.92 3.01 120.68
C ILE B 502 47.57 3.01 119.19
N SER B 503 48.17 2.10 118.41
CA SER B 503 47.93 2.01 116.98
C SER B 503 46.80 1.04 116.69
N LYS B 504 46.63 0.02 117.54
CA LYS B 504 45.55 -0.94 117.45
C LYS B 504 44.84 -1.06 118.81
N ASN B 505 43.81 -0.23 119.00
CA ASN B 505 42.91 -0.25 120.16
C ASN B 505 41.62 -0.99 119.84
N TYR B 506 40.78 -1.14 120.87
CA TYR B 506 39.72 -2.13 120.87
C TYR B 506 38.51 -1.64 120.09
N ASP B 507 37.94 -2.54 119.30
CA ASP B 507 36.69 -2.33 118.57
C ASP B 507 35.83 -3.58 118.71
N LEU B 508 34.51 -3.39 118.87
CA LEU B 508 33.56 -4.48 118.76
C LEU B 508 32.43 -4.08 117.83
N SER B 509 32.34 -4.83 116.72
CA SER B 509 31.30 -4.73 115.70
C SER B 509 31.13 -3.31 115.19
N ASP B 510 32.22 -2.75 114.65
CA ASP B 510 32.26 -1.47 113.96
C ASP B 510 32.24 -1.70 112.45
N LEU B 511 32.58 -2.93 112.05
CA LEU B 511 32.88 -3.32 110.68
C LEU B 511 31.58 -3.47 109.88
N PRO B 512 31.60 -3.11 108.57
CA PRO B 512 30.41 -3.21 107.71
C PRO B 512 29.69 -4.56 107.83
N GLY B 513 28.36 -4.51 107.89
CA GLY B 513 27.54 -5.72 107.97
C GLY B 513 27.44 -6.47 106.65
N PRO B 514 26.88 -7.72 106.65
CA PRO B 514 26.88 -8.59 105.47
C PRO B 514 26.38 -7.93 104.17
N PRO B 515 26.81 -8.42 102.99
CA PRO B 515 26.24 -7.96 101.71
C PRO B 515 25.12 -8.88 101.18
N SER B 516 24.66 -8.55 99.96
CA SER B 516 23.59 -9.25 99.26
C SER B 516 23.96 -10.71 99.03
N LYS B 517 22.96 -11.60 99.12
CA LYS B 517 23.18 -12.98 98.73
C LYS B 517 23.68 -13.01 97.29
N PRO B 518 24.82 -13.68 97.02
CA PRO B 518 25.41 -13.70 95.69
C PRO B 518 24.53 -14.43 94.69
N GLN B 519 24.39 -13.77 93.55
CA GLN B 519 23.56 -14.25 92.46
C GLN B 519 24.50 -14.76 91.38
N VAL B 520 24.29 -16.02 90.95
CA VAL B 520 25.04 -16.65 89.89
C VAL B 520 24.70 -15.96 88.56
N THR B 521 25.68 -15.73 87.70
CA THR B 521 25.40 -15.24 86.37
C THR B 521 25.76 -16.36 85.42
N ASP B 522 26.89 -16.21 84.72
CA ASP B 522 27.39 -17.18 83.78
C ASP B 522 28.05 -18.31 84.55
N VAL B 523 28.16 -19.49 83.94
CA VAL B 523 28.85 -20.63 84.53
C VAL B 523 29.47 -21.44 83.40
N THR B 524 30.73 -21.84 83.54
CA THR B 524 31.39 -22.73 82.61
C THR B 524 31.75 -24.04 83.32
N LYS B 525 32.94 -24.57 83.01
CA LYS B 525 33.41 -25.82 83.59
C LYS B 525 34.45 -25.51 84.66
N ASN B 526 35.00 -24.30 84.62
CA ASN B 526 36.03 -23.90 85.55
C ASN B 526 35.81 -22.46 85.97
N SER B 527 34.58 -21.96 85.76
CA SER B 527 34.23 -20.60 86.12
C SER B 527 32.80 -20.57 86.64
N VAL B 528 32.49 -19.53 87.41
CA VAL B 528 31.16 -19.19 87.88
C VAL B 528 31.20 -17.74 88.28
N THR B 529 30.40 -16.93 87.61
CA THR B 529 30.36 -15.49 87.84
C THR B 529 29.29 -15.13 88.86
N LEU B 530 29.66 -14.27 89.81
CA LEU B 530 28.78 -13.92 90.91
C LEU B 530 28.46 -12.43 90.87
N SER B 531 27.32 -12.09 91.48
CA SER B 531 26.85 -10.73 91.63
C SER B 531 26.21 -10.56 93.01
N TRP B 532 26.51 -9.44 93.66
CA TRP B 532 26.07 -9.10 95.00
C TRP B 532 26.16 -7.59 95.16
N GLN B 533 25.34 -7.04 96.07
CA GLN B 533 25.36 -5.62 96.36
C GLN B 533 25.83 -5.41 97.80
N PRO B 534 26.44 -4.24 98.13
CA PRO B 534 26.97 -3.99 99.47
C PRO B 534 25.93 -4.09 100.59
N GLY B 535 26.34 -3.83 101.83
CA GLY B 535 25.44 -3.88 102.98
C GLY B 535 25.47 -2.57 103.78
N THR B 536 25.49 -2.71 105.11
CA THR B 536 25.66 -1.60 106.04
C THR B 536 27.14 -1.16 106.02
N PRO B 537 27.51 0.02 105.44
CA PRO B 537 28.91 0.48 105.48
C PRO B 537 29.54 0.69 106.87
N GLY B 538 28.85 0.23 107.93
CA GLY B 538 29.40 0.03 109.25
C GLY B 538 29.97 1.33 109.83
N THR B 539 31.28 1.51 109.63
CA THR B 539 31.99 2.70 110.09
C THR B 539 32.82 3.25 108.92
N LEU B 540 33.98 2.62 108.69
CA LEU B 540 34.85 2.99 107.60
C LEU B 540 34.33 2.38 106.29
N PRO B 541 34.80 2.86 105.11
CA PRO B 541 34.35 2.30 103.82
C PRO B 541 35.08 1.01 103.44
N ALA B 542 34.34 0.11 102.77
CA ALA B 542 34.87 -1.14 102.29
C ALA B 542 35.84 -0.90 101.12
N SER B 543 36.92 -1.68 101.07
CA SER B 543 37.97 -1.49 100.10
C SER B 543 37.94 -2.59 99.03
N ALA B 544 37.62 -3.83 99.44
CA ALA B 544 37.54 -4.98 98.55
C ALA B 544 36.72 -6.11 99.18
N TYR B 545 36.66 -7.25 98.46
CA TYR B 545 35.79 -8.35 98.81
C TYR B 545 36.54 -9.69 98.81
N ILE B 546 35.99 -10.69 99.50
CA ILE B 546 36.60 -12.00 99.67
C ILE B 546 35.55 -13.09 99.54
N ILE B 547 35.70 -13.95 98.53
CA ILE B 547 34.68 -14.93 98.22
C ILE B 547 35.08 -16.32 98.74
N GLU B 548 34.37 -16.79 99.76
CA GLU B 548 34.46 -18.16 100.23
C GLU B 548 33.58 -19.06 99.38
N ALA B 549 33.84 -20.38 99.39
CA ALA B 549 33.12 -21.35 98.58
C ALA B 549 33.18 -22.77 99.18
N PHE B 550 32.29 -23.67 98.76
CA PHE B 550 32.23 -25.01 99.30
C PHE B 550 31.77 -26.01 98.25
N SER B 551 32.29 -27.24 98.35
CA SER B 551 31.89 -28.34 97.49
C SER B 551 31.96 -29.65 98.27
N GLN B 552 30.88 -30.42 98.23
CA GLN B 552 30.74 -31.71 98.88
C GLN B 552 31.80 -32.67 98.34
N SER B 553 32.27 -32.42 97.13
CA SER B 553 33.25 -33.28 96.50
C SER B 553 34.65 -32.86 96.92
N VAL B 554 35.10 -31.67 96.50
CA VAL B 554 36.49 -31.25 96.60
C VAL B 554 36.94 -31.03 98.05
N SER B 555 36.00 -30.90 98.99
CA SER B 555 36.38 -30.53 100.34
C SER B 555 35.35 -30.95 101.38
N ASN B 556 35.66 -30.62 102.61
CA ASN B 556 34.81 -30.90 103.75
C ASN B 556 34.69 -29.63 104.58
N SER B 557 34.99 -28.49 103.95
CA SER B 557 35.12 -27.21 104.63
C SER B 557 35.14 -26.05 103.65
N TRP B 558 35.07 -24.84 104.19
CA TRP B 558 34.89 -23.61 103.43
C TRP B 558 36.24 -23.03 103.04
N GLN B 559 36.41 -22.72 101.77
CA GLN B 559 37.68 -22.24 101.27
C GLN B 559 37.50 -20.93 100.53
N THR B 560 38.54 -20.12 100.56
CA THR B 560 38.59 -18.91 99.76
C THR B 560 38.84 -19.28 98.30
N VAL B 561 38.29 -18.50 97.37
CA VAL B 561 38.51 -18.77 95.96
C VAL B 561 38.85 -17.48 95.22
N ALA B 562 38.76 -16.36 95.94
CA ALA B 562 39.30 -15.12 95.43
C ALA B 562 39.27 -14.09 96.54
N ASN B 563 40.36 -13.31 96.63
CA ASN B 563 40.52 -12.31 97.66
C ASN B 563 40.86 -10.98 97.01
N HIS B 564 40.56 -9.89 97.72
CA HIS B 564 40.91 -8.53 97.30
C HIS B 564 40.31 -8.21 95.95
N VAL B 565 38.98 -8.34 95.86
CA VAL B 565 38.26 -8.07 94.64
C VAL B 565 37.62 -6.70 94.77
N LYS B 566 37.81 -5.87 93.74
CA LYS B 566 37.47 -4.45 93.79
C LYS B 566 36.23 -4.16 92.93
N THR B 567 35.40 -5.18 92.74
CA THR B 567 34.16 -5.06 91.97
C THR B 567 33.04 -5.83 92.67
N THR B 568 31.81 -5.75 92.15
CA THR B 568 30.69 -6.49 92.72
C THR B 568 30.09 -7.43 91.68
N LEU B 569 30.93 -7.86 90.75
CA LEU B 569 30.56 -8.74 89.67
C LEU B 569 31.84 -9.44 89.22
N TYR B 570 32.19 -10.53 89.90
CA TYR B 570 33.47 -11.16 89.69
C TYR B 570 33.27 -12.57 89.15
N THR B 571 34.23 -13.00 88.32
CA THR B 571 34.26 -14.34 87.78
C THR B 571 35.35 -15.11 88.50
N VAL B 572 34.93 -16.07 89.33
CA VAL B 572 35.81 -16.94 90.07
C VAL B 572 36.28 -18.04 89.13
N ARG B 573 37.60 -18.06 88.85
CA ARG B 573 38.17 -18.96 87.84
C ARG B 573 38.86 -20.14 88.50
N GLY B 574 38.99 -21.24 87.75
CA GLY B 574 39.71 -22.43 88.17
C GLY B 574 38.98 -23.20 89.26
N LEU B 575 37.94 -23.94 88.86
CA LEU B 575 37.21 -24.82 89.76
C LEU B 575 37.08 -26.21 89.14
N ARG B 576 36.81 -27.20 89.98
CA ARG B 576 36.69 -28.58 89.58
C ARG B 576 35.46 -28.72 88.68
N PRO B 577 35.58 -29.30 87.47
CA PRO B 577 34.46 -29.35 86.53
C PRO B 577 33.53 -30.50 86.89
N ASN B 578 32.25 -30.31 86.60
CA ASN B 578 31.21 -31.26 86.94
C ASN B 578 31.10 -31.38 88.46
N THR B 579 31.21 -30.24 89.14
CA THR B 579 31.13 -30.19 90.60
C THR B 579 30.17 -29.10 91.04
N ILE B 580 29.35 -29.40 92.05
CA ILE B 580 28.36 -28.48 92.59
C ILE B 580 29.08 -27.58 93.58
N TYR B 581 28.66 -26.33 93.69
CA TYR B 581 29.34 -25.34 94.49
C TYR B 581 28.37 -24.37 95.15
N LEU B 582 28.71 -23.90 96.34
CA LEU B 582 27.98 -22.86 97.04
C LEU B 582 28.99 -21.75 97.33
N PHE B 583 28.53 -20.51 97.54
CA PHE B 583 29.46 -19.41 97.75
C PHE B 583 29.04 -18.51 98.91
N VAL B 585 30.10 -14.23 100.32
CA VAL B 585 30.91 -13.04 100.07
C VAL B 585 31.04 -12.25 101.37
N ARG B 586 32.19 -11.56 101.50
CA ARG B 586 32.56 -10.75 102.66
C ARG B 586 33.28 -9.50 102.16
N ALA B 587 33.30 -8.47 103.00
CA ALA B 587 33.89 -7.17 102.67
C ALA B 587 35.10 -6.87 103.56
N ILE B 588 36.17 -6.41 102.90
CA ILE B 588 37.41 -6.06 103.58
C ILE B 588 37.46 -4.55 103.73
N ASN B 589 37.76 -4.12 104.96
CA ASN B 589 38.07 -2.74 105.28
C ASN B 589 39.07 -2.74 106.43
N PRO B 590 39.89 -1.69 106.61
CA PRO B 590 40.89 -1.66 107.69
C PRO B 590 40.47 -2.14 109.08
N GLN B 591 39.18 -2.00 109.43
CA GLN B 591 38.69 -2.36 110.76
C GLN B 591 38.64 -3.88 110.96
N GLY B 592 38.79 -4.63 109.87
CA GLY B 592 38.77 -6.08 109.90
C GLY B 592 38.03 -6.67 108.70
N LEU B 593 37.11 -7.59 108.98
CA LEU B 593 36.35 -8.27 107.95
C LEU B 593 34.87 -8.22 108.29
N SER B 594 34.06 -8.31 107.24
CA SER B 594 32.61 -8.30 107.36
C SER B 594 32.08 -9.67 107.78
N ASP B 595 30.80 -9.70 108.16
CA ASP B 595 30.07 -10.94 108.35
C ASP B 595 29.81 -11.54 106.97
N PRO B 596 29.53 -12.86 106.86
CA PRO B 596 29.29 -13.50 105.56
C PRO B 596 27.87 -13.29 105.06
N SER B 597 27.75 -12.99 103.76
CA SER B 597 26.48 -12.94 103.05
C SER B 597 25.83 -14.32 103.13
N PRO B 598 24.52 -14.49 102.80
CA PRO B 598 23.90 -15.81 102.81
C PRO B 598 24.46 -16.64 101.67
N SER B 600 25.11 -18.95 98.33
CA SER B 600 24.68 -18.97 96.95
C SER B 600 23.73 -20.15 96.73
N ASP B 601 23.05 -20.15 95.60
CA ASP B 601 22.18 -21.24 95.24
C ASP B 601 23.01 -22.29 94.50
N PRO B 602 22.91 -23.55 94.91
CA PRO B 602 23.67 -24.65 94.31
C PRO B 602 23.80 -24.56 92.80
N VAL B 603 25.02 -24.69 92.27
CA VAL B 603 25.25 -24.63 90.84
C VAL B 603 26.39 -25.57 90.46
N ARG B 604 26.23 -26.28 89.34
CA ARG B 604 27.20 -27.26 88.88
C ARG B 604 28.07 -26.63 87.79
N THR B 605 29.33 -27.05 87.71
CA THR B 605 30.24 -26.52 86.71
C THR B 605 30.19 -27.37 85.44
N GLN B 606 29.37 -26.95 84.49
CA GLN B 606 29.32 -27.54 83.16
C GLN B 606 29.28 -26.40 82.15
N ASP B 607 29.79 -26.67 80.95
CA ASP B 607 29.67 -25.74 79.85
C ASP B 607 28.30 -25.92 79.21
N ILE B 608 27.62 -24.80 78.92
CA ILE B 608 26.32 -24.81 78.27
C ILE B 608 26.41 -25.59 76.96
N SER B 609 25.38 -26.38 76.66
CA SER B 609 25.21 -26.92 75.32
C SER B 609 24.83 -25.79 74.38
N PRO B 610 25.82 -25.25 73.63
CA PRO B 610 25.63 -23.98 72.90
C PRO B 610 24.55 -24.17 71.84
N PRO B 611 23.80 -23.11 71.48
CA PRO B 611 22.68 -23.25 70.55
C PRO B 611 23.10 -24.01 69.30
N ALA B 612 22.26 -24.96 68.86
CA ALA B 612 22.57 -25.78 67.70
C ALA B 612 21.38 -25.79 66.75
N GLN B 613 21.63 -26.26 65.53
CA GLN B 613 20.60 -26.32 64.51
C GLN B 613 19.77 -27.58 64.71
N GLY B 614 18.45 -27.43 64.62
CA GLY B 614 17.50 -28.52 64.76
C GLY B 614 17.32 -29.28 63.44
N VAL B 615 16.24 -30.06 63.35
CA VAL B 615 15.94 -30.76 62.12
C VAL B 615 15.37 -29.75 61.14
N ASP B 616 15.63 -29.96 59.85
CA ASP B 616 15.40 -28.94 58.83
C ASP B 616 13.93 -28.92 58.42
N HIS B 617 13.43 -27.73 58.03
CA HIS B 617 12.02 -27.51 57.77
C HIS B 617 11.59 -28.37 56.59
N ARG B 618 12.48 -28.52 55.60
CA ARG B 618 12.22 -29.29 54.41
C ARG B 618 11.88 -30.72 54.82
N GLN B 619 12.60 -31.22 55.83
CA GLN B 619 12.56 -32.62 56.16
C GLN B 619 11.32 -32.93 56.99
N VAL B 620 10.78 -31.92 57.69
CA VAL B 620 9.55 -32.12 58.44
C VAL B 620 8.36 -31.96 57.49
N GLN B 621 8.52 -31.04 56.54
CA GLN B 621 7.59 -30.89 55.45
C GLN B 621 7.41 -32.24 54.79
N LYS B 622 8.54 -32.87 54.46
CA LYS B 622 8.61 -34.10 53.71
C LYS B 622 7.88 -35.21 54.46
N GLU B 623 7.94 -35.17 55.80
CA GLU B 623 7.30 -36.18 56.60
C GLU B 623 5.80 -35.93 56.64
N LEU B 624 5.41 -34.66 56.75
CA LEU B 624 4.01 -34.29 56.91
C LEU B 624 3.28 -34.52 55.59
N GLY B 625 4.00 -34.34 54.48
CA GLY B 625 3.51 -34.58 53.15
C GLY B 625 3.12 -36.04 52.97
N ASP B 626 4.01 -36.95 53.40
CA ASP B 626 3.87 -38.38 53.15
C ASP B 626 2.89 -39.02 54.12
N VAL B 627 2.26 -38.22 54.98
CA VAL B 627 1.24 -38.73 55.88
C VAL B 627 -0.07 -38.80 55.11
N LEU B 628 -0.70 -39.98 55.12
CA LEU B 628 -1.95 -40.19 54.39
C LEU B 628 -3.07 -40.46 55.39
N VAL B 629 -3.91 -39.45 55.61
CA VAL B 629 -5.01 -39.52 56.55
C VAL B 629 -6.22 -40.09 55.83
N ARG B 630 -6.58 -41.33 56.18
CA ARG B 630 -7.78 -41.97 55.67
C ARG B 630 -8.96 -41.59 56.55
N LEU B 631 -9.93 -40.89 55.95
CA LEU B 631 -11.19 -40.55 56.61
C LEU B 631 -12.21 -41.62 56.26
N HIS B 632 -13.00 -42.02 57.27
CA HIS B 632 -14.00 -43.07 57.11
C HIS B 632 -15.24 -42.49 56.43
N ASN B 633 -16.09 -41.81 57.21
CA ASN B 633 -17.39 -41.37 56.77
C ASN B 633 -18.07 -40.59 57.90
N PRO B 634 -18.50 -39.34 57.63
CA PRO B 634 -19.15 -38.52 58.65
C PRO B 634 -20.43 -39.15 59.19
N VAL B 635 -20.47 -39.35 60.50
CA VAL B 635 -21.62 -39.92 61.19
C VAL B 635 -22.33 -38.79 61.94
N VAL B 636 -23.59 -38.52 61.58
CA VAL B 636 -24.35 -37.41 62.13
C VAL B 636 -24.88 -37.78 63.52
N LEU B 637 -24.67 -36.89 64.48
CA LEU B 637 -25.12 -37.13 65.84
C LEU B 637 -26.56 -36.65 65.95
N THR B 638 -26.74 -35.33 65.92
CA THR B 638 -28.04 -34.72 65.78
C THR B 638 -27.97 -33.74 64.61
N PRO B 639 -29.10 -33.14 64.15
CA PRO B 639 -29.05 -32.20 63.02
C PRO B 639 -28.30 -30.89 63.32
N THR B 640 -27.49 -30.90 64.39
CA THR B 640 -26.61 -29.79 64.73
C THR B 640 -25.20 -30.32 65.01
N THR B 641 -24.95 -31.60 64.70
CA THR B 641 -23.75 -32.29 65.19
C THR B 641 -23.39 -33.48 64.31
N VAL B 642 -22.11 -33.53 63.93
CA VAL B 642 -21.52 -34.66 63.23
C VAL B 642 -20.18 -35.00 63.90
N GLN B 643 -19.98 -36.29 64.17
CA GLN B 643 -18.69 -36.80 64.64
C GLN B 643 -17.88 -37.31 63.46
N VAL B 644 -16.67 -36.78 63.30
CA VAL B 644 -15.82 -37.16 62.20
C VAL B 644 -14.74 -38.10 62.73
N THR B 645 -14.41 -39.14 61.96
CA THR B 645 -13.41 -40.12 62.36
C THR B 645 -12.47 -40.40 61.19
N TRP B 646 -11.16 -40.25 61.46
CA TRP B 646 -10.10 -40.47 60.50
C TRP B 646 -9.18 -41.58 61.00
N THR B 647 -8.15 -41.88 60.21
CA THR B 647 -7.08 -42.79 60.59
C THR B 647 -5.80 -42.37 59.88
N VAL B 648 -4.65 -42.66 60.51
CA VAL B 648 -3.38 -42.16 60.03
C VAL B 648 -2.53 -43.31 59.52
N ASP B 649 -1.92 -43.07 58.36
CA ASP B 649 -1.02 -44.01 57.69
C ASP B 649 0.08 -44.38 58.67
N ARG B 650 0.92 -43.40 58.97
CA ARG B 650 2.04 -43.53 59.89
C ARG B 650 2.38 -42.14 60.43
N GLN B 651 2.10 -41.91 61.71
CA GLN B 651 2.27 -40.62 62.35
C GLN B 651 3.74 -40.41 62.70
N PRO B 652 4.40 -39.34 62.17
CA PRO B 652 5.82 -39.11 62.41
C PRO B 652 6.01 -38.29 63.68
N GLN B 653 7.26 -37.89 63.97
CA GLN B 653 7.55 -37.22 65.22
C GLN B 653 7.02 -35.79 65.17
N PHE B 654 7.20 -35.14 64.02
CA PHE B 654 6.93 -33.71 63.92
C PHE B 654 5.53 -33.45 63.37
N ILE B 655 4.62 -33.14 64.31
CA ILE B 655 3.19 -33.02 64.06
C ILE B 655 2.53 -32.43 65.30
N GLN B 656 1.70 -31.41 65.12
CA GLN B 656 1.06 -30.79 66.27
C GLN B 656 -0.32 -31.37 66.47
N GLY B 657 -0.96 -31.75 65.36
CA GLY B 657 -2.30 -32.29 65.39
C GLY B 657 -2.96 -32.34 64.02
N TYR B 658 -4.29 -32.50 64.00
CA TYR B 658 -4.99 -32.57 62.74
C TYR B 658 -5.96 -31.39 62.63
N ARG B 659 -5.99 -30.79 61.43
CA ARG B 659 -6.84 -29.67 61.08
C ARG B 659 -7.95 -30.18 60.17
N VAL B 660 -9.20 -30.05 60.63
CA VAL B 660 -10.33 -30.61 59.93
C VAL B 660 -11.21 -29.47 59.44
N TYR B 662 -14.53 -28.09 56.91
CA TYR B 662 -15.81 -28.43 56.32
C TYR B 662 -16.40 -27.20 55.64
N ARG B 663 -17.19 -27.45 54.59
CA ARG B 663 -17.79 -26.40 53.77
C ARG B 663 -19.26 -26.73 53.50
N GLN B 664 -20.10 -25.69 53.44
CA GLN B 664 -21.52 -25.79 53.13
C GLN B 664 -21.73 -25.91 51.63
N THR B 665 -22.45 -26.95 51.22
CA THR B 665 -22.73 -27.18 49.80
C THR B 665 -24.23 -27.37 49.59
N SER B 666 -25.07 -26.57 50.26
CA SER B 666 -26.52 -26.68 50.11
C SER B 666 -27.26 -25.38 50.42
N GLY B 667 -27.08 -24.83 51.64
CA GLY B 667 -27.94 -23.77 52.16
C GLY B 667 -27.74 -22.42 51.47
N LEU B 668 -28.01 -21.33 52.21
CA LEU B 668 -27.71 -19.97 51.80
C LEU B 668 -26.20 -19.77 51.70
N GLN B 669 -25.72 -19.42 50.49
CA GLN B 669 -24.29 -19.25 50.20
C GLN B 669 -23.55 -20.57 50.31
N ALA B 670 -23.80 -21.46 49.34
CA ALA B 670 -23.11 -22.73 49.21
C ALA B 670 -21.84 -22.56 48.38
N THR B 671 -20.86 -23.45 48.62
CA THR B 671 -19.57 -23.48 47.93
C THR B 671 -18.82 -22.17 48.12
N SER B 672 -18.88 -21.62 49.36
CA SER B 672 -18.09 -20.45 49.74
C SER B 672 -16.77 -20.90 50.38
N SER B 673 -16.48 -20.38 51.57
CA SER B 673 -15.24 -20.69 52.27
C SER B 673 -15.40 -21.98 53.09
N TRP B 674 -14.29 -22.47 53.65
CA TRP B 674 -14.34 -23.61 54.56
C TRP B 674 -14.41 -23.13 56.01
N GLN B 675 -15.26 -23.79 56.81
CA GLN B 675 -15.25 -23.58 58.24
C GLN B 675 -14.10 -24.38 58.82
N ASN B 676 -13.29 -23.73 59.65
CA ASN B 676 -12.08 -24.31 60.21
C ASN B 676 -12.26 -24.58 61.70
N LEU B 677 -11.86 -25.80 62.12
CA LEU B 677 -11.66 -26.13 63.51
C LEU B 677 -10.76 -27.35 63.57
N ASP B 678 -9.71 -27.28 64.42
CA ASP B 678 -8.61 -28.25 64.42
C ASP B 678 -8.41 -28.92 65.78
N ALA B 679 -7.89 -30.16 65.73
CA ALA B 679 -7.68 -31.00 66.89
C ALA B 679 -6.23 -30.90 67.29
N LYS B 680 -5.99 -30.35 68.48
CA LYS B 680 -4.70 -29.82 68.89
C LYS B 680 -3.80 -30.94 69.44
N VAL B 681 -4.33 -32.17 69.53
CA VAL B 681 -3.59 -33.27 70.15
C VAL B 681 -3.34 -34.35 69.12
N PRO B 682 -2.08 -34.73 68.83
CA PRO B 682 -1.74 -35.58 67.69
C PRO B 682 -2.27 -37.00 67.76
N THR B 683 -2.59 -37.47 68.97
CA THR B 683 -3.01 -38.85 69.16
C THR B 683 -4.52 -38.97 69.03
N GLU B 684 -5.16 -37.87 68.62
CA GLU B 684 -6.60 -37.81 68.40
C GLU B 684 -6.97 -38.66 67.19
N ARG B 685 -8.26 -39.00 67.07
CA ARG B 685 -8.72 -39.81 65.96
C ARG B 685 -10.21 -39.50 65.69
N SER B 686 -10.77 -38.52 66.42
CA SER B 686 -12.18 -38.21 66.37
C SER B 686 -12.43 -36.76 66.75
N ALA B 687 -13.50 -36.18 66.19
CA ALA B 687 -13.87 -34.79 66.43
C ALA B 687 -15.35 -34.55 66.13
N VAL B 688 -15.99 -33.69 66.94
CA VAL B 688 -17.42 -33.42 66.85
C VAL B 688 -17.66 -31.95 66.48
N LEU B 689 -18.36 -31.71 65.36
CA LEU B 689 -18.60 -30.35 64.86
C LEU B 689 -19.83 -29.77 65.56
N VAL B 690 -19.89 -28.43 65.65
CA VAL B 690 -20.86 -27.77 66.52
C VAL B 690 -21.58 -26.65 65.78
N ASN B 691 -22.90 -26.55 66.01
CA ASN B 691 -23.74 -25.43 65.63
C ASN B 691 -23.91 -25.32 64.11
N LEU B 692 -24.08 -26.46 63.44
CA LEU B 692 -24.25 -26.48 61.99
C LEU B 692 -25.74 -26.57 61.65
N LYS B 693 -26.04 -26.50 60.33
CA LYS B 693 -27.39 -26.40 59.80
C LYS B 693 -27.95 -27.77 59.42
N LYS B 694 -29.13 -28.07 59.96
CA LYS B 694 -29.85 -29.31 59.72
C LYS B 694 -30.23 -29.41 58.25
N GLY B 695 -30.28 -30.64 57.75
CA GLY B 695 -30.66 -30.92 56.38
C GLY B 695 -29.49 -30.76 55.41
N VAL B 696 -28.65 -29.75 55.67
CA VAL B 696 -27.65 -29.28 54.73
C VAL B 696 -26.53 -30.31 54.61
N THR B 697 -25.91 -30.37 53.43
CA THR B 697 -24.82 -31.27 53.09
C THR B 697 -23.48 -30.53 53.24
N TYR B 698 -22.47 -31.23 53.78
CA TYR B 698 -21.19 -30.62 54.06
C TYR B 698 -20.06 -31.54 53.57
N GLU B 699 -18.98 -30.94 53.07
CA GLU B 699 -17.80 -31.66 52.59
C GLU B 699 -16.68 -31.57 53.63
N ILE B 700 -16.04 -32.71 53.90
CA ILE B 700 -15.08 -32.83 54.99
C ILE B 700 -13.71 -33.22 54.44
N LYS B 701 -12.69 -32.52 54.97
CA LYS B 701 -11.29 -32.70 54.62
C LYS B 701 -10.48 -32.70 55.91
N VAL B 702 -9.54 -33.66 56.03
CA VAL B 702 -8.70 -33.76 57.22
C VAL B 702 -7.25 -33.55 56.80
N ARG B 703 -6.59 -32.59 57.47
CA ARG B 703 -5.21 -32.23 57.17
C ARG B 703 -4.36 -32.31 58.43
N PRO B 704 -3.19 -33.00 58.39
CA PRO B 704 -2.24 -32.97 59.51
C PRO B 704 -1.39 -31.71 59.44
N TYR B 705 -1.21 -31.03 60.59
CA TYR B 705 -0.53 -29.75 60.60
C TYR B 705 0.56 -29.73 61.67
N PHE B 706 1.62 -28.93 61.45
CA PHE B 706 2.70 -28.81 62.43
C PHE B 706 2.61 -27.51 63.23
N ASN B 707 3.00 -26.40 62.62
CA ASN B 707 2.87 -25.15 63.33
C ASN B 707 2.14 -24.15 62.45
N GLU B 708 2.89 -23.27 61.79
CA GLU B 708 2.25 -22.52 60.72
C GLU B 708 2.36 -23.38 59.47
N PHE B 709 2.80 -24.63 59.65
CA PHE B 709 2.89 -25.58 58.55
C PHE B 709 1.62 -26.41 58.39
N GLN B 710 1.51 -27.02 57.20
CA GLN B 710 0.35 -27.78 56.78
C GLN B 710 0.82 -28.98 55.98
N GLY B 711 0.14 -30.11 56.14
CA GLY B 711 0.41 -31.31 55.38
C GLY B 711 -0.49 -31.41 54.15
N ASP B 713 -4.09 -33.02 52.28
CA ASP B 713 -5.47 -33.29 52.64
C ASP B 713 -5.82 -34.76 52.40
N SER B 714 -6.80 -35.24 53.17
CA SER B 714 -7.39 -36.55 53.00
C SER B 714 -8.39 -36.51 51.86
N GLU B 715 -8.84 -37.70 51.43
CA GLU B 715 -9.96 -37.82 50.50
C GLU B 715 -11.20 -37.16 51.10
N SER B 716 -11.85 -36.31 50.30
CA SER B 716 -13.02 -35.58 50.76
C SER B 716 -14.19 -36.53 50.94
N LYS B 717 -14.98 -36.29 51.98
CA LYS B 717 -16.27 -36.96 52.18
C LYS B 717 -17.37 -35.91 52.30
N THR B 718 -18.55 -36.25 51.77
CA THR B 718 -19.72 -35.39 51.85
C THR B 718 -20.86 -36.18 52.49
N VAL B 719 -21.57 -35.54 53.42
CA VAL B 719 -22.69 -36.14 54.13
C VAL B 719 -23.60 -35.01 54.61
N ARG B 720 -24.92 -35.30 54.67
CA ARG B 720 -25.91 -34.30 55.04
C ARG B 720 -26.49 -34.62 56.42
N THR B 721 -26.95 -33.56 57.10
CA THR B 721 -27.60 -33.65 58.40
C THR B 721 -29.02 -34.18 58.23
N THR B 722 -29.66 -34.60 59.33
CA THR B 722 -31.06 -35.01 59.39
C THR B 722 -31.99 -33.82 59.10
N GLU B 723 -33.21 -34.14 58.65
CA GLU B 723 -34.21 -33.17 58.20
C GLU B 723 -35.12 -32.73 59.35
N GLU B 724 -35.40 -31.42 59.42
CA GLU B 724 -36.13 -30.84 60.55
C GLU B 724 -37.31 -30.03 60.03
N ALA B 725 -38.43 -30.03 60.78
CA ALA B 725 -39.66 -29.35 60.39
C ALA B 725 -39.56 -27.86 60.68
N PRO B 726 -40.13 -26.98 59.82
CA PRO B 726 -39.91 -25.53 59.92
C PRO B 726 -40.48 -24.90 61.19
N SER B 727 -40.01 -23.68 61.49
CA SER B 727 -40.44 -22.93 62.67
C SER B 727 -41.30 -21.74 62.28
N ALA B 728 -41.14 -21.24 61.04
CA ALA B 728 -41.97 -20.16 60.52
C ALA B 728 -42.37 -20.44 59.07
N PRO B 729 -43.68 -20.46 58.74
CA PRO B 729 -44.14 -20.73 57.38
C PRO B 729 -44.23 -19.48 56.52
N PRO B 730 -44.56 -19.57 55.20
CA PRO B 730 -44.86 -18.40 54.40
C PRO B 730 -46.25 -17.81 54.67
N GLN B 731 -46.35 -16.48 54.78
CA GLN B 731 -47.60 -15.79 55.10
C GLN B 731 -48.04 -14.91 53.93
N SER B 732 -49.11 -14.13 54.15
CA SER B 732 -49.60 -13.10 53.26
C SER B 732 -50.47 -13.70 52.14
N VAL B 733 -51.69 -14.06 52.51
CA VAL B 733 -52.60 -14.81 51.65
C VAL B 733 -53.45 -13.84 50.81
N THR B 734 -53.37 -13.99 49.47
CA THR B 734 -54.12 -13.21 48.49
C THR B 734 -55.22 -14.06 47.87
N VAL B 735 -56.38 -13.45 47.61
CA VAL B 735 -57.53 -14.13 47.01
C VAL B 735 -57.95 -13.35 45.75
N LEU B 736 -57.84 -14.02 44.59
CA LEU B 736 -58.27 -13.49 43.31
C LEU B 736 -59.80 -13.65 43.22
N THR B 737 -60.43 -12.88 42.31
CA THR B 737 -61.87 -12.95 42.11
C THR B 737 -62.16 -13.69 40.81
N VAL B 738 -63.11 -14.63 40.87
CA VAL B 738 -63.33 -15.55 39.76
C VAL B 738 -64.47 -15.02 38.89
N GLY B 739 -64.14 -14.68 37.63
CA GLY B 739 -65.10 -14.19 36.66
C GLY B 739 -64.45 -13.26 35.63
N THR B 744 -65.83 -17.45 42.81
CA THR B 744 -66.63 -18.67 43.12
C THR B 744 -65.82 -19.62 44.00
N SER B 745 -64.57 -19.86 43.62
CA SER B 745 -63.67 -20.76 44.33
C SER B 745 -62.49 -19.98 44.88
N ILE B 746 -62.16 -20.24 46.16
CA ILE B 746 -61.15 -19.48 46.88
C ILE B 746 -59.77 -19.68 46.24
N SER B 747 -58.85 -18.77 46.56
CA SER B 747 -57.49 -18.77 46.03
C SER B 747 -56.48 -18.68 47.17
N VAL B 748 -55.26 -19.14 46.89
CA VAL B 748 -54.15 -19.22 47.83
C VAL B 748 -52.86 -18.78 47.12
N SER B 749 -52.17 -17.80 47.69
CA SER B 749 -50.94 -17.25 47.13
C SER B 749 -50.03 -16.78 48.27
N TRP B 750 -48.72 -17.06 48.16
CA TRP B 750 -47.81 -16.75 49.25
C TRP B 750 -46.45 -16.26 48.74
N ASP B 751 -45.68 -15.66 49.66
CA ASP B 751 -44.33 -15.16 49.41
C ASP B 751 -43.32 -16.20 49.90
N PRO B 752 -42.15 -16.34 49.24
CA PRO B 752 -41.09 -17.25 49.70
C PRO B 752 -40.86 -17.17 51.22
N PRO B 753 -40.97 -18.30 51.97
CA PRO B 753 -40.70 -18.31 53.42
C PRO B 753 -39.20 -18.25 53.74
N PRO B 754 -38.80 -17.83 54.97
CA PRO B 754 -37.40 -17.53 55.28
C PRO B 754 -36.43 -18.70 55.14
N PRO B 755 -35.13 -18.43 54.79
CA PRO B 755 -34.14 -19.49 54.56
C PRO B 755 -33.85 -20.36 55.79
N ASP B 756 -33.64 -19.72 56.95
CA ASP B 756 -33.27 -20.43 58.17
C ASP B 756 -34.52 -21.05 58.81
N HIS B 757 -35.67 -20.38 58.66
CA HIS B 757 -36.92 -20.84 59.24
C HIS B 757 -37.48 -22.04 58.49
N GLN B 758 -36.84 -22.41 57.37
CA GLN B 758 -37.27 -23.53 56.53
C GLN B 758 -36.92 -24.85 57.21
N ASN B 759 -35.84 -24.86 57.98
CA ASN B 759 -35.40 -25.99 58.80
C ASN B 759 -35.11 -27.23 57.95
N GLY B 760 -34.94 -27.05 56.63
CA GLY B 760 -34.60 -28.14 55.75
C GLY B 760 -35.11 -27.90 54.34
N ILE B 761 -34.93 -28.90 53.47
CA ILE B 761 -35.37 -28.80 52.08
C ILE B 761 -36.90 -28.96 52.04
N ILE B 762 -37.57 -27.95 51.47
CA ILE B 762 -39.02 -27.88 51.40
C ILE B 762 -39.55 -29.07 50.60
N GLN B 763 -40.59 -29.71 51.15
CA GLN B 763 -41.11 -30.96 50.62
C GLN B 763 -42.42 -30.71 49.86
N GLU B 764 -43.38 -30.04 50.53
CA GLU B 764 -44.72 -29.84 50.00
C GLU B 764 -45.40 -28.64 50.70
N TYR B 765 -46.69 -28.45 50.38
CA TYR B 765 -47.50 -27.36 50.90
C TYR B 765 -48.95 -27.83 51.07
N LYS B 766 -49.44 -27.79 52.30
CA LYS B 766 -50.76 -28.30 52.66
C LYS B 766 -51.71 -27.16 53.02
N ILE B 767 -52.90 -27.16 52.38
CA ILE B 767 -53.93 -26.16 52.58
C ILE B 767 -55.11 -26.81 53.31
N TRP B 768 -55.58 -26.16 54.38
CA TRP B 768 -56.75 -26.61 55.13
C TRP B 768 -57.90 -25.62 54.95
N CYS B 769 -59.13 -26.16 55.01
CA CYS B 769 -60.34 -25.37 54.83
C CYS B 769 -61.39 -25.79 55.85
N LEU B 770 -61.07 -25.62 57.14
CA LEU B 770 -62.03 -25.77 58.22
C LEU B 770 -62.62 -24.39 58.52
N GLY B 771 -63.68 -24.03 57.78
CA GLY B 771 -64.27 -22.71 57.82
C GLY B 771 -65.62 -22.68 58.54
N ASN B 772 -66.67 -22.27 57.80
CA ASN B 772 -68.02 -22.20 58.34
C ASN B 772 -68.61 -23.62 58.44
N GLU B 773 -67.96 -24.57 57.78
CA GLU B 773 -68.30 -25.98 57.85
C GLU B 773 -67.37 -26.68 58.84
N THR B 774 -67.90 -27.07 60.00
CA THR B 774 -67.12 -27.77 61.00
C THR B 774 -67.45 -29.28 60.97
N ARG B 775 -67.87 -29.76 59.80
CA ARG B 775 -67.94 -31.18 59.51
C ARG B 775 -67.72 -31.41 58.01
N PHE B 776 -66.96 -30.51 57.40
CA PHE B 776 -66.47 -30.61 56.03
C PHE B 776 -65.17 -29.80 55.90
N HIS B 777 -64.01 -30.49 55.87
CA HIS B 777 -62.72 -29.82 55.76
C HIS B 777 -61.93 -30.31 54.54
N ILE B 778 -61.58 -29.35 53.67
CA ILE B 778 -60.93 -29.59 52.38
C ILE B 778 -59.43 -29.82 52.61
N ASN B 779 -58.85 -30.79 51.89
CA ASN B 779 -57.46 -31.23 52.05
C ASN B 779 -56.81 -31.40 50.68
N LYS B 780 -55.70 -30.66 50.43
CA LYS B 780 -55.01 -30.65 49.15
C LYS B 780 -53.49 -30.72 49.38
N THR B 781 -52.82 -31.67 48.71
CA THR B 781 -51.41 -31.95 48.93
C THR B 781 -50.63 -31.76 47.63
N VAL B 782 -50.01 -30.57 47.46
CA VAL B 782 -49.15 -30.31 46.31
C VAL B 782 -47.69 -30.58 46.68
N ASP B 783 -46.75 -30.04 45.88
CA ASP B 783 -45.32 -30.20 46.15
C ASP B 783 -44.71 -28.84 46.47
N ALA B 784 -43.37 -28.79 46.47
CA ALA B 784 -42.61 -27.62 46.88
C ALA B 784 -42.72 -26.52 45.83
N ALA B 785 -42.41 -26.87 44.57
CA ALA B 785 -42.26 -25.93 43.46
C ALA B 785 -43.48 -25.03 43.36
N ILE B 786 -44.60 -25.52 43.89
CA ILE B 786 -45.91 -24.87 43.86
C ILE B 786 -45.83 -23.51 44.54
N ARG B 787 -46.46 -22.50 43.93
CA ARG B 787 -46.49 -21.15 44.47
C ARG B 787 -47.93 -20.74 44.80
N SER B 788 -48.81 -20.76 43.78
CA SER B 788 -50.22 -20.40 43.91
C SER B 788 -51.12 -21.34 43.12
N VAL B 789 -52.27 -21.72 43.72
CA VAL B 789 -53.17 -22.73 43.19
C VAL B 789 -54.59 -22.46 43.67
N ILE B 790 -55.59 -22.88 42.88
CA ILE B 790 -56.99 -22.63 43.17
C ILE B 790 -57.65 -23.92 43.69
N ILE B 791 -58.54 -23.75 44.68
CA ILE B 791 -59.18 -24.86 45.39
C ILE B 791 -60.35 -25.40 44.58
N GLY B 792 -60.46 -26.75 44.54
CA GLY B 792 -61.42 -27.47 43.73
C GLY B 792 -62.83 -27.41 44.31
N GLY B 793 -63.29 -28.57 44.82
CA GLY B 793 -64.66 -28.71 45.33
C GLY B 793 -64.91 -27.82 46.55
N LEU B 794 -65.60 -26.70 46.31
CA LEU B 794 -65.93 -25.74 47.35
C LEU B 794 -67.45 -25.67 47.53
N PHE B 795 -67.88 -25.63 48.79
CA PHE B 795 -69.30 -25.51 49.14
C PHE B 795 -69.78 -24.09 48.81
N PRO B 796 -70.85 -23.95 47.99
CA PRO B 796 -71.32 -22.63 47.55
C PRO B 796 -71.67 -21.73 48.73
N GLY B 797 -71.25 -20.46 48.64
CA GLY B 797 -71.62 -19.44 49.62
C GLY B 797 -70.76 -19.50 50.88
N ILE B 798 -70.77 -20.67 51.53
CA ILE B 798 -70.15 -20.92 52.83
C ILE B 798 -68.76 -20.29 52.86
N GLN B 799 -68.50 -19.50 53.91
CA GLN B 799 -67.25 -18.79 54.11
C GLN B 799 -66.22 -19.73 54.74
N TYR B 800 -65.09 -19.92 54.04
CA TYR B 800 -64.06 -20.85 54.47
C TYR B 800 -62.83 -20.08 54.94
N ARG B 801 -61.89 -20.83 55.56
CA ARG B 801 -60.64 -20.29 56.11
C ARG B 801 -59.45 -20.96 55.43
N VAL B 802 -58.36 -20.19 55.25
CA VAL B 802 -57.20 -20.62 54.50
C VAL B 802 -55.96 -20.55 55.39
N GLU B 803 -55.27 -21.69 55.57
CA GLU B 803 -54.11 -21.80 56.45
C GLU B 803 -53.02 -22.67 55.82
N VAL B 804 -52.11 -21.99 55.10
CA VAL B 804 -51.00 -22.63 54.40
C VAL B 804 -49.97 -23.09 55.43
N ALA B 805 -49.14 -24.07 55.02
CA ALA B 805 -48.09 -24.61 55.86
C ALA B 805 -46.87 -24.98 55.02
N ALA B 806 -45.67 -24.64 55.51
CA ALA B 806 -44.43 -25.17 54.96
C ALA B 806 -44.26 -26.58 55.51
N SER B 807 -43.64 -27.46 54.72
CA SER B 807 -43.41 -28.83 55.15
C SER B 807 -42.01 -29.30 54.79
N THR B 808 -41.61 -30.45 55.34
CA THR B 808 -40.27 -31.00 55.21
C THR B 808 -40.33 -32.52 55.08
N SER B 809 -39.18 -33.17 55.25
CA SER B 809 -39.15 -34.62 55.26
C SER B 809 -39.46 -35.15 56.66
N ALA B 810 -39.67 -34.24 57.61
CA ALA B 810 -40.10 -34.60 58.95
C ALA B 810 -41.59 -34.92 58.90
N GLY B 811 -42.35 -34.07 58.19
CA GLY B 811 -43.79 -34.18 58.05
C GLY B 811 -44.50 -32.89 58.44
N VAL B 812 -45.34 -32.97 59.48
CA VAL B 812 -46.15 -31.87 60.00
C VAL B 812 -45.35 -30.57 59.94
N GLY B 813 -45.96 -29.54 59.35
CA GLY B 813 -45.34 -28.23 59.19
C GLY B 813 -45.90 -27.24 60.21
N VAL B 814 -46.04 -25.98 59.78
CA VAL B 814 -46.48 -24.90 60.65
C VAL B 814 -47.54 -24.06 59.95
N LYS B 815 -48.62 -23.75 60.66
CA LYS B 815 -49.74 -22.98 60.15
C LYS B 815 -49.39 -21.50 60.13
N SER B 816 -49.91 -20.78 59.12
CA SER B 816 -49.58 -19.36 58.92
C SER B 816 -50.79 -18.47 59.19
N GLU B 817 -50.86 -17.36 58.44
CA GLU B 817 -51.86 -16.32 58.63
C GLU B 817 -53.23 -16.80 58.13
N PRO B 818 -54.23 -16.89 59.04
CA PRO B 818 -55.60 -17.28 58.65
C PRO B 818 -56.28 -16.19 57.80
N GLN B 819 -57.18 -16.62 56.90
CA GLN B 819 -57.87 -15.71 56.00
C GLN B 819 -59.34 -16.13 55.90
N PRO B 820 -60.24 -15.52 56.71
CA PRO B 820 -61.68 -15.82 56.63
C PRO B 820 -62.43 -14.94 55.61
N ILE B 821 -62.05 -15.07 54.33
CA ILE B 821 -62.52 -14.21 53.24
C ILE B 821 -63.95 -14.61 52.88
N ILE B 822 -64.75 -13.62 52.46
CA ILE B 822 -66.16 -13.80 52.13
C ILE B 822 -66.29 -14.19 50.67
N ILE B 823 -66.98 -15.31 50.41
CA ILE B 823 -67.20 -15.86 49.08
C ILE B 823 -68.62 -15.53 48.65
N GLY B 824 -68.87 -15.55 47.34
CA GLY B 824 -70.16 -15.21 46.77
C GLY B 824 -71.01 -16.44 46.49
N ARG B 825 -71.62 -16.45 45.30
CA ARG B 825 -72.61 -17.44 44.91
C ARG B 825 -72.05 -18.32 43.79
N ARG B 826 -72.72 -18.32 42.63
CA ARG B 826 -72.35 -19.17 41.50
C ARG B 826 -71.88 -18.32 40.33
N ASN B 827 -70.60 -18.48 39.96
CA ASN B 827 -70.00 -17.94 38.75
C ASN B 827 -69.68 -16.46 38.92
N GLU B 828 -69.80 -15.96 40.17
CA GLU B 828 -69.53 -14.57 40.54
C GLU B 828 -69.34 -14.50 42.05
N VAL B 829 -68.87 -13.34 42.54
CA VAL B 829 -68.65 -13.15 43.96
C VAL B 829 -69.44 -11.92 44.43
N VAL B 830 -70.70 -12.14 44.85
CA VAL B 830 -71.48 -11.10 45.52
C VAL B 830 -71.71 -11.49 46.99
N SER C 12 -50.20 46.24 -100.72
CA SER C 12 -51.63 46.38 -101.12
C SER C 12 -51.96 45.38 -102.22
N ARG C 13 -51.61 44.10 -102.00
CA ARG C 13 -51.93 43.04 -102.94
C ARG C 13 -52.89 42.03 -102.31
N LEU C 14 -54.19 42.35 -102.28
CA LEU C 14 -55.20 41.59 -101.53
C LEU C 14 -55.42 40.22 -102.16
N ARG C 15 -55.47 39.19 -101.32
CA ARG C 15 -55.55 37.79 -101.66
C ARG C 15 -55.91 37.09 -100.35
N GLN C 16 -56.83 36.12 -100.41
CA GLN C 16 -57.10 35.33 -99.22
C GLN C 16 -56.08 34.19 -99.16
N GLU C 17 -54.81 34.58 -99.26
CA GLU C 17 -53.64 33.74 -99.03
C GLU C 17 -52.69 34.52 -98.10
N ASP C 18 -52.87 35.84 -98.04
CA ASP C 18 -52.03 36.79 -97.33
C ASP C 18 -52.48 36.95 -95.89
N PHE C 19 -51.54 36.79 -94.94
CA PHE C 19 -51.88 36.83 -93.54
C PHE C 19 -50.89 37.70 -92.80
N PRO C 20 -51.35 38.44 -91.76
CA PRO C 20 -50.50 39.34 -90.96
C PRO C 20 -49.51 38.51 -90.13
N PRO C 21 -48.37 39.11 -89.66
CA PRO C 21 -47.20 38.33 -89.22
C PRO C 21 -47.31 37.72 -87.82
N ARG C 22 -46.70 36.54 -87.66
CA ARG C 22 -46.75 35.76 -86.42
C ARG C 22 -45.33 35.37 -86.05
N ILE C 23 -44.87 35.79 -84.87
CA ILE C 23 -43.54 35.47 -84.36
C ILE C 23 -43.61 34.06 -83.79
N VAL C 24 -42.89 33.12 -84.40
CA VAL C 24 -42.92 31.74 -83.97
C VAL C 24 -41.87 31.50 -82.90
N GLU C 25 -40.63 31.94 -83.14
CA GLU C 25 -39.58 31.89 -82.14
C GLU C 25 -39.42 33.26 -81.47
N HIS C 26 -39.71 33.30 -80.17
CA HIS C 26 -39.54 34.51 -79.38
C HIS C 26 -38.12 34.58 -78.82
N PRO C 27 -37.53 35.78 -78.68
CA PRO C 27 -36.23 35.92 -78.01
C PRO C 27 -36.43 35.72 -76.50
N SER C 28 -35.43 35.13 -75.85
CA SER C 28 -35.47 34.94 -74.41
C SER C 28 -34.35 35.72 -73.71
N ASP C 29 -34.62 36.13 -72.47
CA ASP C 29 -33.67 36.85 -71.64
C ASP C 29 -32.35 36.14 -71.69
N VAL C 30 -31.26 36.91 -71.79
CA VAL C 30 -29.94 36.31 -71.73
C VAL C 30 -29.01 37.23 -70.94
N ILE C 31 -28.16 36.64 -70.08
CA ILE C 31 -27.01 37.28 -69.50
C ILE C 31 -25.80 36.85 -70.33
N VAL C 32 -24.99 37.83 -70.76
CA VAL C 32 -23.79 37.51 -71.50
C VAL C 32 -22.71 38.54 -71.16
N SER C 33 -21.47 38.14 -71.42
CA SER C 33 -20.28 38.87 -71.02
C SER C 33 -19.85 39.85 -72.11
N LYS C 34 -19.19 40.92 -71.67
CA LYS C 34 -18.64 41.96 -72.52
C LYS C 34 -17.66 41.37 -73.53
N GLY C 35 -17.58 41.99 -74.70
CA GLY C 35 -16.58 41.67 -75.71
C GLY C 35 -16.81 40.33 -76.40
N GLU C 36 -17.97 39.71 -76.16
CA GLU C 36 -18.25 38.38 -76.68
C GLU C 36 -19.47 38.40 -77.62
N PRO C 37 -19.54 37.48 -78.61
CA PRO C 37 -20.71 37.36 -79.48
C PRO C 37 -21.94 36.91 -78.72
N THR C 38 -23.11 37.24 -79.29
CA THR C 38 -24.39 36.75 -78.85
C THR C 38 -25.42 37.01 -79.96
N THR C 39 -26.50 36.21 -79.93
CA THR C 39 -27.54 36.21 -80.95
C THR C 39 -28.89 36.16 -80.26
N LEU C 40 -29.70 37.21 -80.46
CA LEU C 40 -31.05 37.22 -79.94
C LEU C 40 -31.96 36.57 -80.96
N ASN C 41 -32.60 35.45 -80.58
CA ASN C 41 -33.33 34.61 -81.49
C ASN C 41 -34.67 35.27 -81.81
N CYS C 42 -35.06 35.27 -83.10
CA CYS C 42 -36.33 35.78 -83.59
C CYS C 42 -36.64 35.14 -84.94
N LYS C 43 -37.90 34.73 -85.10
CA LYS C 43 -38.39 34.11 -86.31
C LYS C 43 -39.90 34.34 -86.44
N ALA C 44 -40.32 34.93 -87.57
CA ALA C 44 -41.71 35.32 -87.80
C ALA C 44 -42.21 34.74 -89.12
N GLU C 45 -43.53 34.49 -89.19
CA GLU C 45 -44.18 34.09 -90.42
C GLU C 45 -45.07 35.24 -90.89
N GLY C 46 -45.21 35.35 -92.22
CA GLY C 46 -46.09 36.34 -92.84
C GLY C 46 -46.21 36.12 -94.34
N ARG C 47 -47.19 36.79 -94.96
CA ARG C 47 -47.30 36.77 -96.40
C ARG C 47 -47.95 38.08 -96.81
N PRO C 48 -47.20 39.02 -97.44
CA PRO C 48 -45.79 38.82 -97.78
C PRO C 48 -44.96 38.60 -96.52
N THR C 49 -43.84 37.88 -96.65
CA THR C 49 -42.88 37.69 -95.58
C THR C 49 -42.59 39.07 -94.98
N PRO C 50 -42.49 39.18 -93.63
CA PRO C 50 -42.40 40.49 -92.98
C PRO C 50 -40.95 40.98 -92.83
N THR C 51 -40.81 42.28 -92.64
CA THR C 51 -39.51 42.87 -92.35
C THR C 51 -39.41 43.10 -90.84
N ILE C 52 -38.37 42.48 -90.24
CA ILE C 52 -38.15 42.49 -88.81
C ILE C 52 -37.27 43.69 -88.48
N GLU C 53 -37.47 44.25 -87.28
CA GLU C 53 -36.69 45.36 -86.75
C GLU C 53 -36.81 45.40 -85.22
N TRP C 54 -35.73 45.77 -84.52
CA TRP C 54 -35.66 45.57 -83.08
C TRP C 54 -35.72 46.88 -82.32
N TYR C 55 -36.24 46.79 -81.10
CA TYR C 55 -36.43 47.96 -80.24
C TYR C 55 -35.98 47.65 -78.82
N LYS C 56 -35.00 48.41 -78.35
CA LYS C 56 -34.43 48.25 -77.02
C LYS C 56 -34.99 49.40 -76.19
N ASP C 57 -35.77 49.06 -75.16
CA ASP C 57 -36.50 50.01 -74.33
C ASP C 57 -37.54 50.74 -75.16
N GLY C 58 -37.11 51.75 -75.92
CA GLY C 58 -37.99 52.43 -76.86
C GLY C 58 -37.39 52.43 -78.26
N GLU C 59 -36.15 52.89 -78.34
CA GLU C 59 -35.50 53.30 -79.58
C GLU C 59 -35.34 52.12 -80.53
N ARG C 60 -35.19 52.47 -81.79
CA ARG C 60 -34.96 51.53 -82.86
C ARG C 60 -33.51 51.09 -82.76
N VAL C 61 -33.29 49.78 -82.88
CA VAL C 61 -31.94 49.24 -82.84
C VAL C 61 -31.31 49.34 -84.22
N GLU C 62 -30.19 50.07 -84.30
CA GLU C 62 -29.55 50.34 -85.57
C GLU C 62 -28.67 49.14 -85.95
N THR C 63 -29.08 48.38 -86.95
CA THR C 63 -28.30 47.23 -87.40
C THR C 63 -27.26 47.70 -88.40
N ASP C 64 -26.60 46.74 -89.08
CA ASP C 64 -25.51 47.03 -90.00
C ASP C 64 -26.04 47.55 -91.33
N LYS C 65 -27.34 47.35 -91.56
CA LYS C 65 -28.04 47.88 -92.72
C LYS C 65 -28.06 49.40 -92.63
N ASP C 66 -28.54 49.94 -91.51
CA ASP C 66 -28.67 51.38 -91.32
C ASP C 66 -27.32 52.08 -91.37
N ASP C 67 -26.24 51.30 -91.17
CA ASP C 67 -24.87 51.81 -91.16
C ASP C 67 -23.89 50.63 -91.22
N PRO C 68 -22.97 50.57 -92.21
CA PRO C 68 -22.01 49.46 -92.27
C PRO C 68 -20.92 49.52 -91.20
N ARG C 69 -20.95 50.54 -90.34
CA ARG C 69 -19.96 50.78 -89.29
C ARG C 69 -20.41 50.16 -87.94
N SER C 70 -21.67 49.69 -87.88
CA SER C 70 -22.24 49.16 -86.66
C SER C 70 -21.77 47.73 -86.45
N HIS C 71 -21.96 47.25 -85.22
CA HIS C 71 -21.45 45.95 -84.80
C HIS C 71 -22.54 44.89 -84.79
N ARG C 72 -23.81 45.32 -84.77
CA ARG C 72 -24.97 44.43 -84.76
C ARG C 72 -25.30 44.06 -86.20
N LEU C 74 -28.49 41.89 -88.49
CA LEU C 74 -29.74 41.15 -88.61
C LEU C 74 -29.51 39.96 -89.53
N LEU C 75 -29.80 38.77 -89.03
CA LEU C 75 -29.51 37.56 -89.79
C LEU C 75 -30.57 37.35 -90.84
N PRO C 76 -30.36 36.39 -91.77
CA PRO C 76 -31.42 35.93 -92.67
C PRO C 76 -32.65 35.51 -91.88
N SER C 77 -32.42 34.74 -90.80
CA SER C 77 -33.48 34.26 -89.94
C SER C 77 -34.30 35.40 -89.35
N GLY C 78 -33.61 36.44 -88.85
CA GLY C 78 -34.24 37.57 -88.18
C GLY C 78 -33.65 37.82 -86.80
N SER C 79 -32.92 36.82 -86.31
CA SER C 79 -32.15 36.91 -85.09
C SER C 79 -31.18 38.10 -85.17
N LEU C 80 -31.12 38.89 -84.08
CA LEU C 80 -30.15 39.97 -83.96
C LEU C 80 -28.86 39.41 -83.38
N PHE C 81 -27.80 39.40 -84.19
CA PHE C 81 -26.51 38.87 -83.81
C PHE C 81 -25.52 40.00 -83.60
N PHE C 82 -25.01 40.08 -82.37
CA PHE C 82 -23.93 40.99 -82.04
C PHE C 82 -22.62 40.22 -82.16
N LEU C 83 -21.58 40.88 -82.69
CA LEU C 83 -20.27 40.25 -82.90
C LEU C 83 -19.50 40.22 -81.59
N ARG C 84 -19.39 41.38 -80.97
CA ARG C 84 -18.93 41.52 -79.60
C ARG C 84 -19.85 42.47 -78.86
N ILE C 85 -20.31 42.05 -77.69
CA ILE C 85 -21.16 42.90 -76.87
C ILE C 85 -20.35 44.12 -76.44
N VAL C 86 -21.00 45.26 -76.40
CA VAL C 86 -20.28 46.48 -76.09
C VAL C 86 -20.85 47.03 -74.78
N HIS C 87 -19.93 47.35 -73.86
CA HIS C 87 -20.32 47.92 -72.57
C HIS C 87 -19.20 48.78 -71.99
N GLY C 88 -19.59 49.93 -71.43
CA GLY C 88 -18.70 50.86 -70.77
C GLY C 88 -19.30 51.37 -69.47
N ARG C 89 -18.73 52.45 -68.95
CA ARG C 89 -19.19 53.01 -67.68
C ARG C 89 -20.30 54.01 -67.95
N ARG C 90 -20.15 54.83 -69.00
CA ARG C 90 -21.13 55.83 -69.38
C ARG C 90 -22.05 55.30 -70.46
N SER C 91 -21.50 55.00 -71.64
CA SER C 91 -22.27 54.51 -72.77
C SER C 91 -22.46 53.00 -72.69
N LYS C 92 -23.72 52.58 -72.54
CA LYS C 92 -24.09 51.18 -72.45
C LYS C 92 -25.07 50.87 -73.56
N PRO C 93 -24.58 50.57 -74.78
CA PRO C 93 -25.46 50.45 -75.95
C PRO C 93 -26.20 49.13 -76.14
N ASP C 94 -25.72 48.05 -75.52
CA ASP C 94 -26.30 46.74 -75.75
C ASP C 94 -27.12 46.28 -74.55
N GLU C 95 -26.82 46.85 -73.38
CA GLU C 95 -27.56 46.52 -72.17
C GLU C 95 -28.91 47.23 -72.18
N GLY C 96 -29.99 46.43 -72.23
CA GLY C 96 -31.34 46.97 -72.25
C GLY C 96 -32.39 45.88 -72.48
N SER C 97 -33.58 46.29 -72.97
CA SER C 97 -34.73 45.43 -73.11
C SER C 97 -35.14 45.36 -74.58
N TYR C 98 -34.87 44.21 -75.21
CA TYR C 98 -35.03 44.02 -76.64
C TYR C 98 -36.40 43.43 -76.93
N VAL C 99 -36.86 43.66 -78.18
CA VAL C 99 -38.08 43.10 -78.76
C VAL C 99 -37.97 43.12 -80.28
N CYS C 100 -38.35 42.02 -80.95
CA CYS C 100 -38.30 42.03 -82.40
C CYS C 100 -39.70 42.18 -82.93
N VAL C 101 -39.84 42.97 -84.01
CA VAL C 101 -41.11 43.42 -84.55
C VAL C 101 -41.12 43.14 -86.06
N ALA C 102 -41.98 42.21 -86.47
CA ALA C 102 -42.13 41.85 -87.86
C ALA C 102 -43.43 42.44 -88.41
N ARG C 103 -43.38 43.03 -89.61
CA ARG C 103 -44.53 43.75 -90.15
C ARG C 103 -44.61 43.57 -91.66
N ASN C 104 -45.86 43.63 -92.18
CA ASN C 104 -46.19 43.76 -93.60
C ASN C 104 -47.35 44.75 -93.76
N TYR C 105 -48.05 44.68 -94.89
CA TYR C 105 -49.12 45.63 -95.21
C TYR C 105 -50.36 45.31 -94.38
N LEU C 106 -50.47 44.07 -93.90
CA LEU C 106 -51.64 43.61 -93.16
C LEU C 106 -51.57 44.12 -91.73
N GLY C 107 -50.37 44.04 -91.12
CA GLY C 107 -50.19 44.54 -89.77
C GLY C 107 -48.83 44.22 -89.17
N GLU C 108 -48.67 44.53 -87.86
CA GLU C 108 -47.45 44.41 -87.08
C GLU C 108 -47.55 43.21 -86.15
N ALA C 109 -46.43 42.89 -85.48
CA ALA C 109 -46.37 41.82 -84.50
C ALA C 109 -45.13 41.97 -83.61
N VAL C 110 -45.34 42.52 -82.40
CA VAL C 110 -44.28 42.73 -81.42
C VAL C 110 -44.08 41.46 -80.59
N SER C 111 -42.81 41.07 -80.38
CA SER C 111 -42.47 39.88 -79.63
C SER C 111 -42.56 40.16 -78.13
N ARG C 112 -42.20 39.17 -77.34
CA ARG C 112 -42.11 39.34 -75.91
C ARG C 112 -40.83 40.11 -75.54
N ASN C 113 -40.76 40.56 -74.28
CA ASN C 113 -39.57 41.16 -73.69
C ASN C 113 -38.44 40.13 -73.63
N ALA C 114 -37.25 40.57 -74.06
CA ALA C 114 -36.02 39.90 -73.71
C ALA C 114 -35.02 40.96 -73.30
N SER C 115 -34.47 40.82 -72.08
CA SER C 115 -33.44 41.73 -71.63
C SER C 115 -32.08 41.09 -71.77
N LEU C 116 -31.13 41.90 -72.25
CA LEU C 116 -29.75 41.48 -72.34
C LEU C 116 -29.03 42.23 -71.24
N GLU C 117 -28.41 41.45 -70.32
CA GLU C 117 -27.66 41.92 -69.17
C GLU C 117 -26.19 41.51 -69.31
N VAL C 118 -25.30 42.50 -69.04
CA VAL C 118 -23.86 42.30 -69.08
C VAL C 118 -23.46 41.62 -67.78
N ALA C 119 -22.49 40.71 -67.88
CA ALA C 119 -22.14 39.85 -66.77
C ALA C 119 -21.35 40.63 -65.71
N LEU C 120 -21.57 40.27 -64.43
CA LEU C 120 -21.00 40.99 -63.30
C LEU C 120 -20.33 40.04 -62.32
N LEU C 121 -19.29 40.54 -61.63
CA LEU C 121 -18.50 39.80 -60.64
C LEU C 121 -17.67 40.77 -59.79
N ARG C 122 -18.07 40.96 -58.52
CA ARG C 122 -17.45 41.95 -57.65
C ARG C 122 -16.09 41.45 -57.18
N ASP C 123 -15.47 42.21 -56.27
CA ASP C 123 -14.13 41.93 -55.80
C ASP C 123 -14.19 41.33 -54.39
N ASP C 124 -14.83 42.05 -53.47
CA ASP C 124 -14.86 41.68 -52.06
C ASP C 124 -15.75 40.48 -51.85
N PHE C 125 -15.22 39.45 -51.16
CA PHE C 125 -15.90 38.19 -50.92
C PHE C 125 -16.98 38.36 -49.85
N ARG C 126 -18.04 37.57 -49.94
CA ARG C 126 -19.09 37.60 -48.94
C ARG C 126 -18.55 37.09 -47.61
N GLN C 127 -17.69 36.07 -47.65
CA GLN C 127 -17.02 35.57 -46.46
C GLN C 127 -15.67 34.95 -46.84
N ASN C 128 -14.58 35.56 -46.36
CA ASN C 128 -13.23 35.16 -46.72
C ASN C 128 -12.80 33.99 -45.85
N PRO C 129 -12.07 33.00 -46.39
CA PRO C 129 -11.63 31.87 -45.58
C PRO C 129 -10.73 32.35 -44.46
N THR C 130 -10.90 31.79 -43.25
CA THR C 130 -10.20 32.23 -42.06
C THR C 130 -9.19 31.17 -41.63
N ASP C 131 -8.12 31.59 -40.92
CA ASP C 131 -7.00 30.74 -40.56
C ASP C 131 -7.45 29.65 -39.59
N VAL C 132 -6.93 28.43 -39.77
CA VAL C 132 -7.33 27.30 -38.95
C VAL C 132 -6.11 26.53 -38.49
N VAL C 133 -6.14 26.08 -37.23
CA VAL C 133 -5.07 25.39 -36.53
C VAL C 133 -5.59 24.06 -36.02
N VAL C 134 -4.94 22.96 -36.43
CA VAL C 134 -5.44 21.64 -36.12
C VAL C 134 -4.29 20.69 -35.81
N ALA C 135 -4.63 19.53 -35.23
CA ALA C 135 -3.67 18.53 -34.78
C ALA C 135 -3.80 17.30 -35.64
N ALA C 136 -2.67 16.87 -36.20
CA ALA C 136 -2.57 15.79 -37.16
C ALA C 136 -3.52 14.65 -36.78
N GLY C 137 -4.43 14.30 -37.70
CA GLY C 137 -5.41 13.27 -37.47
C GLY C 137 -6.81 13.84 -37.27
N GLU C 138 -6.89 15.10 -36.86
CA GLU C 138 -8.17 15.77 -36.66
C GLU C 138 -8.69 16.36 -37.97
N PRO C 139 -10.02 16.55 -38.11
CA PRO C 139 -10.61 17.17 -39.29
C PRO C 139 -10.53 18.69 -39.24
N ALA C 140 -10.26 19.31 -40.39
CA ALA C 140 -10.16 20.75 -40.53
C ALA C 140 -11.22 21.26 -41.50
N ILE C 141 -11.90 22.33 -41.09
CA ILE C 141 -12.97 22.89 -41.92
C ILE C 141 -12.65 24.34 -42.25
N LEU C 142 -12.51 24.61 -43.55
CA LEU C 142 -12.39 25.95 -44.10
C LEU C 142 -13.66 26.30 -44.86
N GLU C 143 -14.18 27.51 -44.63
CA GLU C 143 -15.40 27.97 -45.27
C GLU C 143 -15.11 29.23 -46.09
N CYS C 144 -15.99 29.53 -47.05
CA CYS C 144 -15.83 30.62 -48.01
C CYS C 144 -17.15 30.96 -48.69
N GLN C 145 -17.31 32.24 -49.02
CA GLN C 145 -18.47 32.73 -49.75
C GLN C 145 -18.04 33.79 -50.76
N PRO C 146 -18.23 33.54 -52.07
CA PRO C 146 -17.68 34.40 -53.11
C PRO C 146 -18.38 35.74 -53.10
N PRO C 147 -17.89 36.75 -53.86
CA PRO C 147 -18.60 38.01 -54.00
C PRO C 147 -19.94 37.80 -54.69
N ARG C 148 -20.80 38.82 -54.70
CA ARG C 148 -22.02 38.76 -55.46
C ARG C 148 -21.64 38.75 -56.94
N GLY C 149 -22.47 38.14 -57.77
CA GLY C 149 -22.28 38.13 -59.21
C GLY C 149 -23.59 37.97 -59.97
N HIS C 150 -23.49 37.94 -61.29
CA HIS C 150 -24.62 37.64 -62.15
C HIS C 150 -24.06 37.05 -63.44
N PRO C 151 -24.14 35.71 -63.64
CA PRO C 151 -24.89 34.83 -62.74
C PRO C 151 -24.21 34.71 -61.38
N GLU C 152 -24.85 34.04 -60.43
CA GLU C 152 -24.25 33.79 -59.13
C GLU C 152 -23.00 32.95 -59.34
N PRO C 153 -21.87 33.29 -58.68
CA PRO C 153 -20.60 32.59 -58.85
C PRO C 153 -20.60 31.24 -58.13
N THR C 154 -19.60 30.43 -58.46
CA THR C 154 -19.40 29.14 -57.80
C THR C 154 -17.92 28.97 -57.50
N ILE C 155 -17.59 28.35 -56.36
CA ILE C 155 -16.24 28.41 -55.82
C ILE C 155 -15.49 27.08 -56.01
N TYR C 156 -14.16 27.17 -55.95
CA TYR C 156 -13.27 26.04 -55.82
C TYR C 156 -12.08 26.48 -54.96
N TRP C 157 -11.18 25.54 -54.62
CA TRP C 157 -10.09 25.87 -53.70
C TRP C 157 -8.71 25.60 -54.30
N LYS C 158 -7.79 26.50 -53.98
CA LYS C 158 -6.39 26.37 -54.35
C LYS C 158 -5.57 26.14 -53.08
N LYS C 159 -4.61 25.24 -53.17
CA LYS C 159 -3.60 25.08 -52.15
C LYS C 159 -2.25 25.46 -52.75
N ASP C 160 -1.67 26.55 -52.25
CA ASP C 160 -0.41 27.10 -52.71
C ASP C 160 -0.45 27.27 -54.23
N LYS C 161 -1.49 27.95 -54.71
CA LYS C 161 -1.67 28.20 -56.14
C LYS C 161 -1.67 26.89 -56.93
N VAL C 162 -2.39 25.89 -56.41
CA VAL C 162 -2.61 24.64 -57.11
C VAL C 162 -4.03 24.19 -56.81
N ARG C 163 -4.80 23.92 -57.86
CA ARG C 163 -6.17 23.48 -57.69
C ARG C 163 -6.17 22.17 -56.91
N ILE C 164 -7.21 21.97 -56.10
CA ILE C 164 -7.36 20.73 -55.35
C ILE C 164 -8.72 20.13 -55.68
N ASP C 165 -8.74 18.83 -56.00
CA ASP C 165 -9.96 18.14 -56.41
C ASP C 165 -10.60 17.42 -55.23
N ASP C 166 -11.94 17.47 -55.21
CA ASP C 166 -12.74 16.84 -54.16
C ASP C 166 -12.93 15.37 -54.53
N LYS C 167 -11.94 14.78 -55.20
CA LYS C 167 -12.05 13.46 -55.79
C LYS C 167 -12.11 12.41 -54.67
N GLU C 168 -11.30 12.59 -53.62
CA GLU C 168 -11.17 11.62 -52.56
C GLU C 168 -12.34 11.68 -51.56
N GLU C 169 -12.16 10.89 -50.50
CA GLU C 169 -13.09 10.74 -49.39
C GLU C 169 -12.54 11.51 -48.19
N ARG C 170 -11.27 11.92 -48.31
CA ARG C 170 -10.60 12.74 -47.31
C ARG C 170 -11.01 14.20 -47.52
N ILE C 171 -11.00 14.61 -48.80
CA ILE C 171 -11.38 15.93 -49.24
C ILE C 171 -12.80 15.86 -49.80
N SER C 172 -13.68 16.76 -49.32
CA SER C 172 -15.00 16.90 -49.90
C SER C 172 -15.50 18.34 -49.71
N ILE C 173 -15.75 19.00 -50.86
CA ILE C 173 -16.26 20.35 -50.89
C ILE C 173 -17.80 20.30 -50.92
N ARG C 174 -18.44 20.97 -49.96
CA ARG C 174 -19.88 20.99 -49.88
C ARG C 174 -20.31 22.41 -49.54
N GLY C 175 -21.15 22.97 -50.40
CA GLY C 175 -21.48 24.38 -50.30
C GLY C 175 -20.21 25.21 -50.32
N GLY C 176 -20.11 26.12 -49.33
CA GLY C 176 -18.95 26.94 -49.16
C GLY C 176 -17.84 26.27 -48.36
N LYS C 177 -18.16 25.10 -47.78
CA LYS C 177 -17.28 24.40 -46.85
C LYS C 177 -16.34 23.44 -47.58
N LEU C 178 -15.06 23.49 -47.19
CA LEU C 178 -14.03 22.53 -47.56
C LEU C 178 -13.55 21.80 -46.30
N ILE C 180 -10.83 18.54 -44.96
CA ILE C 180 -9.89 17.44 -44.96
C ILE C 180 -10.01 16.72 -43.62
N SER C 181 -10.06 15.38 -43.66
CA SER C 181 -10.01 14.57 -42.44
C SER C 181 -8.67 13.86 -42.38
N ASN C 182 -8.22 13.51 -41.17
CA ASN C 182 -6.96 12.80 -41.01
C ASN C 182 -5.82 13.63 -41.58
N THR C 183 -5.72 14.87 -41.08
CA THR C 183 -4.79 15.87 -41.59
C THR C 183 -3.36 15.40 -41.37
N ARG C 184 -2.47 15.71 -42.33
CA ARG C 184 -1.03 15.48 -42.21
C ARG C 184 -0.32 16.80 -42.49
N LYS C 185 0.99 16.85 -42.26
CA LYS C 185 1.73 18.09 -42.45
C LYS C 185 1.90 18.42 -43.93
N SER C 186 1.47 17.51 -44.81
CA SER C 186 1.42 17.74 -46.24
C SER C 186 0.37 18.80 -46.54
N ASP C 187 -0.61 18.96 -45.64
CA ASP C 187 -1.81 19.75 -45.85
C ASP C 187 -1.63 21.16 -45.29
N ALA C 188 -0.48 21.43 -44.70
CA ALA C 188 -0.24 22.77 -44.19
C ALA C 188 0.13 23.68 -45.36
N GLY C 189 -0.47 24.87 -45.37
CA GLY C 189 -0.05 25.90 -46.31
C GLY C 189 -1.13 26.93 -46.58
N TYR C 191 -4.20 28.55 -48.31
CA TYR C 191 -5.40 28.10 -48.98
C TYR C 191 -6.18 29.32 -49.42
N THR C 192 -6.50 29.38 -50.72
CA THR C 192 -7.35 30.42 -51.29
C THR C 192 -8.60 29.79 -51.88
N CYS C 193 -9.70 30.53 -51.75
CA CYS C 193 -10.98 30.13 -52.32
C CYS C 193 -11.26 31.02 -53.52
N VAL C 194 -11.40 30.40 -54.69
CA VAL C 194 -11.51 31.13 -55.94
C VAL C 194 -12.94 30.99 -56.43
N GLY C 195 -13.59 32.13 -56.65
CA GLY C 195 -14.96 32.16 -57.14
C GLY C 195 -15.05 32.57 -58.62
N THR C 196 -15.54 31.67 -59.47
CA THR C 196 -15.62 31.93 -60.90
C THR C 196 -17.05 32.24 -61.29
N ASN C 197 -17.20 32.48 -62.60
CA ASN C 197 -18.29 33.14 -63.27
C ASN C 197 -18.02 33.05 -64.75
N VAL C 199 -17.59 35.92 -66.12
CA VAL C 199 -16.78 37.11 -66.17
C VAL C 199 -15.34 36.66 -66.12
N GLY C 200 -15.02 35.93 -65.04
CA GLY C 200 -13.68 35.47 -64.75
C GLY C 200 -13.62 34.80 -63.38
N GLU C 201 -12.54 35.04 -62.64
CA GLU C 201 -12.41 34.51 -61.31
C GLU C 201 -11.69 35.51 -60.42
N ARG C 202 -12.11 35.56 -59.15
CA ARG C 202 -11.46 36.35 -58.13
C ARG C 202 -10.93 35.41 -57.03
N ASP C 203 -9.72 35.68 -56.54
CA ASP C 203 -9.13 34.88 -55.48
C ASP C 203 -9.42 35.57 -54.15
N SER C 204 -9.50 34.76 -53.09
CA SER C 204 -9.84 35.23 -51.76
C SER C 204 -8.57 35.56 -50.98
N ASP C 205 -8.77 36.20 -49.82
CA ASP C 205 -7.71 36.41 -48.84
C ASP C 205 -7.24 35.04 -48.40
N PRO C 206 -5.92 34.77 -48.43
CA PRO C 206 -5.39 33.43 -48.17
C PRO C 206 -5.59 33.09 -46.69
N ALA C 207 -6.08 31.87 -46.43
CA ALA C 207 -6.14 31.34 -45.09
C ALA C 207 -5.10 30.24 -44.97
N GLU C 208 -4.28 30.31 -43.92
CA GLU C 208 -3.26 29.30 -43.69
C GLU C 208 -3.76 28.23 -42.73
N LEU C 209 -3.39 26.98 -43.03
CA LEU C 209 -3.71 25.85 -42.20
C LEU C 209 -2.40 25.32 -41.62
N THR C 210 -2.31 25.37 -40.29
CA THR C 210 -1.19 24.81 -39.54
C THR C 210 -1.61 23.46 -38.95
N VAL C 211 -0.75 22.46 -39.17
CA VAL C 211 -1.00 21.12 -38.67
C VAL C 211 0.10 20.76 -37.69
N PHE C 212 -0.18 21.02 -36.41
CA PHE C 212 0.70 20.61 -35.32
C PHE C 212 0.47 19.12 -35.09
N GLU C 213 1.44 18.43 -34.48
CA GLU C 213 1.22 17.04 -34.10
C GLU C 213 1.26 16.94 -32.58
N ARG C 214 0.32 16.21 -31.98
CA ARG C 214 0.25 16.02 -30.54
C ARG C 214 1.45 15.20 -30.08
N PRO C 215 1.82 15.20 -28.78
CA PRO C 215 3.06 14.56 -28.35
C PRO C 215 3.01 13.04 -28.46
N THR C 216 4.15 12.48 -28.88
CA THR C 216 4.30 11.06 -29.11
C THR C 216 5.56 10.59 -28.41
N PHE C 217 5.52 9.37 -27.84
CA PHE C 217 6.62 8.81 -27.10
C PHE C 217 7.54 8.02 -28.03
N LEU C 218 8.82 8.44 -28.10
CA LEU C 218 9.83 7.72 -28.87
C LEU C 218 10.46 6.64 -28.00
N ARG C 219 10.98 7.06 -26.84
CA ARG C 219 11.41 6.17 -25.78
C ARG C 219 10.53 6.36 -24.56
N ARG C 220 9.79 5.32 -24.19
CA ARG C 220 8.92 5.30 -23.03
C ARG C 220 9.70 4.73 -21.84
N PRO C 221 9.48 5.21 -20.59
CA PRO C 221 10.18 4.67 -19.43
C PRO C 221 9.68 3.25 -19.14
N ILE C 222 10.60 2.42 -18.63
CA ILE C 222 10.37 1.01 -18.36
C ILE C 222 10.43 0.78 -16.86
N ASN C 223 9.63 -0.19 -16.37
CA ASN C 223 9.60 -0.57 -14.97
C ASN C 223 10.97 -1.11 -14.55
N GLN C 224 11.44 -0.68 -13.36
CA GLN C 224 12.69 -1.14 -12.81
C GLN C 224 12.53 -1.59 -11.36
N VAL C 225 13.40 -2.52 -10.96
CA VAL C 225 13.47 -3.13 -9.64
C VAL C 225 14.88 -2.95 -9.12
N VAL C 226 15.06 -2.32 -7.96
CA VAL C 226 16.42 -2.02 -7.54
C VAL C 226 16.53 -1.99 -6.02
N LEU C 227 17.73 -2.38 -5.52
CA LEU C 227 18.06 -2.45 -4.10
C LEU C 227 18.31 -1.06 -3.52
N GLU C 228 18.05 -0.93 -2.23
CA GLU C 228 18.03 0.36 -1.57
C GLU C 228 19.39 1.00 -1.72
N GLU C 229 19.40 2.34 -1.62
CA GLU C 229 20.56 3.21 -1.54
C GLU C 229 21.34 3.22 -2.86
N GLU C 230 20.97 2.34 -3.80
CA GLU C 230 21.51 2.34 -5.15
C GLU C 230 21.06 3.60 -5.87
N ALA C 231 21.37 3.70 -7.17
CA ALA C 231 20.87 4.78 -8.00
C ALA C 231 19.98 4.24 -9.10
N VAL C 232 18.93 4.97 -9.49
CA VAL C 232 18.03 4.51 -10.54
C VAL C 232 17.60 5.67 -11.43
N GLU C 233 17.37 5.37 -12.72
CA GLU C 233 16.98 6.37 -13.69
C GLU C 233 15.94 5.81 -14.66
N PHE C 234 14.99 6.65 -15.09
CA PHE C 234 13.99 6.28 -16.08
C PHE C 234 14.11 7.21 -17.27
N ARG C 235 14.07 6.61 -18.48
CA ARG C 235 14.30 7.35 -19.69
C ARG C 235 12.95 7.78 -20.24
N CYS C 236 12.90 8.92 -20.94
CA CYS C 236 11.68 9.41 -21.57
C CYS C 236 11.99 10.39 -22.69
N GLN C 237 11.79 9.93 -23.93
CA GLN C 237 12.03 10.72 -25.12
C GLN C 237 10.71 10.95 -25.85
N VAL C 238 10.44 12.22 -26.18
CA VAL C 238 9.19 12.60 -26.82
C VAL C 238 9.45 13.27 -28.17
N GLN C 239 8.35 13.50 -28.89
CA GLN C 239 8.36 14.09 -30.21
C GLN C 239 7.00 14.73 -30.42
N GLY C 240 6.98 15.79 -31.22
CA GLY C 240 5.76 16.50 -31.51
C GLY C 240 6.01 17.89 -32.07
N ASP C 241 4.95 18.55 -32.49
CA ASP C 241 4.98 19.87 -33.10
C ASP C 241 3.87 20.69 -32.46
N PRO C 242 4.19 21.73 -31.66
CA PRO C 242 5.57 22.11 -31.38
C PRO C 242 6.23 21.12 -30.44
N GLN C 243 7.50 21.41 -30.11
CA GLN C 243 8.32 20.60 -29.23
C GLN C 243 7.65 20.56 -27.88
N PRO C 244 7.24 19.38 -27.35
CA PRO C 244 6.53 19.29 -26.10
C PRO C 244 7.45 19.53 -24.92
N THR C 245 6.87 19.95 -23.79
CA THR C 245 7.62 20.02 -22.55
C THR C 245 7.33 18.79 -21.70
N VAL C 246 8.40 18.16 -21.21
CA VAL C 246 8.32 16.95 -20.41
C VAL C 246 8.33 17.38 -18.95
N ARG C 247 7.53 16.69 -18.13
CA ARG C 247 7.56 16.86 -16.68
C ARG C 247 7.28 15.53 -16.03
N TRP C 248 7.81 15.31 -14.82
CA TRP C 248 7.59 14.07 -14.12
C TRP C 248 6.69 14.25 -12.90
N LYS C 249 6.00 13.17 -12.54
CA LYS C 249 5.22 13.03 -11.32
C LYS C 249 5.36 11.62 -10.78
N LYS C 250 5.20 11.45 -9.46
CA LYS C 250 5.16 10.13 -8.86
C LYS C 250 3.82 9.95 -8.16
N ASP C 251 3.12 8.86 -8.49
CA ASP C 251 1.81 8.57 -7.93
C ASP C 251 0.94 9.82 -8.00
N ASP C 252 0.96 10.47 -9.16
CA ASP C 252 0.13 11.61 -9.51
C ASP C 252 0.43 12.83 -8.66
N ALA C 253 1.44 12.74 -7.78
CA ALA C 253 1.89 13.90 -7.04
C ALA C 253 3.27 14.30 -7.55
N ASP C 254 3.68 15.54 -7.26
CA ASP C 254 4.97 16.06 -7.66
C ASP C 254 6.08 15.41 -6.85
N LEU C 255 7.28 15.33 -7.45
CA LEU C 255 8.40 14.62 -6.87
C LEU C 255 8.93 15.38 -5.67
N PRO C 256 8.88 14.79 -4.45
CA PRO C 256 9.53 15.40 -3.28
C PRO C 256 11.01 15.64 -3.57
N ARG C 257 11.39 16.92 -3.69
CA ARG C 257 12.72 17.36 -4.07
C ARG C 257 13.76 16.73 -3.16
N GLY C 258 14.96 16.47 -3.69
CA GLY C 258 15.97 15.81 -2.90
C GLY C 258 16.93 14.97 -3.73
N ARG C 259 16.56 13.69 -3.95
CA ARG C 259 17.43 12.75 -4.64
C ARG C 259 17.11 12.68 -6.13
N TYR C 260 15.94 13.22 -6.52
CA TYR C 260 15.53 13.28 -7.91
C TYR C 260 16.45 14.24 -8.66
N ASP C 261 16.74 13.91 -9.92
CA ASP C 261 17.50 14.81 -10.77
C ASP C 261 17.02 14.70 -12.21
N ILE C 262 16.68 15.86 -12.80
CA ILE C 262 16.17 15.93 -14.15
C ILE C 262 17.32 16.26 -15.09
N LYS C 263 17.65 15.31 -15.97
CA LYS C 263 18.75 15.50 -16.92
C LYS C 263 18.23 16.30 -18.12
N ASP C 264 19.16 16.69 -18.99
CA ASP C 264 18.86 17.50 -20.17
C ASP C 264 18.00 16.69 -21.13
N ASP C 265 18.36 15.41 -21.28
CA ASP C 265 17.68 14.51 -22.18
C ASP C 265 16.39 14.02 -21.51
N TYR C 266 16.02 14.64 -20.39
CA TYR C 266 14.76 14.40 -19.70
C TYR C 266 14.76 13.09 -18.89
N THR C 267 15.90 12.40 -18.81
CA THR C 267 16.00 11.24 -17.97
C THR C 267 15.87 11.69 -16.53
N LEU C 268 15.24 10.84 -15.72
CA LEU C 268 15.04 11.11 -14.31
C LEU C 268 15.93 10.17 -13.49
N ARG C 269 16.85 10.75 -12.71
CA ARG C 269 17.79 9.99 -11.91
C ARG C 269 17.50 10.18 -10.43
N ILE C 270 17.34 9.03 -9.76
CA ILE C 270 17.32 8.94 -8.31
C ILE C 270 18.71 8.49 -7.89
N LYS C 271 19.45 9.35 -7.16
CA LYS C 271 20.83 9.03 -6.87
C LYS C 271 20.92 8.10 -5.67
N LYS C 272 20.14 8.37 -4.62
CA LYS C 272 20.11 7.50 -3.46
C LYS C 272 18.73 6.92 -3.29
N THR C 273 18.61 5.61 -3.55
CA THR C 273 17.33 4.92 -3.52
C THR C 273 16.93 4.66 -2.08
N SER C 275 13.39 2.98 0.40
CA SER C 275 12.12 2.28 0.50
C SER C 275 10.97 3.21 0.15
N THR C 276 11.10 4.50 0.51
CA THR C 276 10.03 5.47 0.40
C THR C 276 9.96 6.05 -1.01
N ASP C 277 11.01 5.85 -1.83
CA ASP C 277 11.09 6.36 -3.19
C ASP C 277 10.25 5.50 -4.15
N GLU C 278 9.90 4.30 -3.69
CA GLU C 278 9.09 3.33 -4.41
C GLU C 278 7.81 3.98 -4.89
N GLY C 279 7.30 3.53 -6.04
CA GLY C 279 6.05 4.04 -6.57
C GLY C 279 5.97 3.97 -8.09
N THR C 280 4.94 4.59 -8.65
CA THR C 280 4.65 4.58 -10.07
C THR C 280 4.95 5.97 -10.60
N TYR C 281 6.10 6.10 -11.25
CA TYR C 281 6.56 7.35 -11.83
C TYR C 281 5.98 7.50 -13.23
N CYS C 283 5.75 10.14 -16.93
CA CYS C 283 6.36 11.13 -17.80
C CYS C 283 5.26 11.80 -18.57
N ILE C 284 5.12 13.11 -18.42
CA ILE C 284 4.03 13.84 -19.07
C ILE C 284 4.59 14.83 -20.08
N ALA C 285 4.13 14.71 -21.34
CA ALA C 285 4.53 15.56 -22.46
C ALA C 285 3.36 16.41 -22.92
N GLU C 286 3.62 17.72 -23.11
CA GLU C 286 2.55 18.65 -23.39
C GLU C 286 3.04 19.76 -24.31
N ASN C 287 2.22 20.04 -25.35
CA ASN C 287 2.33 21.21 -26.20
C ASN C 287 0.95 21.82 -26.37
N ARG C 288 0.79 22.69 -27.37
CA ARG C 288 -0.44 23.43 -27.54
C ARG C 288 -1.58 22.51 -27.95
N VAL C 289 -1.30 21.37 -28.55
CA VAL C 289 -2.40 20.59 -29.10
C VAL C 289 -2.78 19.45 -28.15
N GLY C 290 -2.24 19.49 -26.91
CA GLY C 290 -2.67 18.59 -25.86
C GLY C 290 -1.50 17.87 -25.22
N LYS C 291 -1.81 16.94 -24.30
CA LYS C 291 -0.83 16.26 -23.46
C LYS C 291 -0.99 14.75 -23.57
N GLU C 293 0.65 11.02 -21.30
CA GLU C 293 1.47 10.53 -20.22
C GLU C 293 1.65 9.02 -20.29
N ALA C 294 2.84 8.56 -19.90
CA ALA C 294 3.15 7.14 -19.76
C ALA C 294 3.96 6.92 -18.48
N SER C 295 3.61 5.84 -17.78
CA SER C 295 4.09 5.55 -16.45
C SER C 295 5.01 4.35 -16.49
N ALA C 296 5.71 4.16 -15.37
CA ALA C 296 6.51 2.98 -15.07
C ALA C 296 6.68 2.85 -13.56
N THR C 297 6.95 1.63 -13.09
CA THR C 297 7.01 1.42 -11.67
C THR C 297 8.46 1.19 -11.24
N LEU C 298 8.72 1.61 -10.02
CA LEU C 298 9.95 1.38 -9.28
C LEU C 298 9.61 0.52 -8.08
N THR C 299 10.44 -0.49 -7.86
CA THR C 299 10.33 -1.29 -6.67
C THR C 299 11.71 -1.33 -6.00
N VAL C 300 11.74 -1.08 -4.69
CA VAL C 300 12.97 -1.07 -3.91
C VAL C 300 13.04 -2.32 -3.02
N ARG C 301 14.18 -3.00 -3.09
CA ARG C 301 14.44 -4.18 -2.30
C ARG C 301 15.37 -3.78 -1.16
N ALA C 302 14.85 -3.82 0.07
CA ALA C 302 15.70 -3.74 1.26
C ALA C 302 15.80 -5.13 1.91
N PRO C 303 16.98 -5.75 1.90
CA PRO C 303 17.13 -7.11 2.43
C PRO C 303 16.91 -7.03 3.93
N PRO C 304 16.31 -8.07 4.55
CA PRO C 304 15.92 -7.99 5.95
C PRO C 304 17.16 -7.82 6.80
N GLN C 305 17.03 -7.07 7.90
CA GLN C 305 18.11 -6.84 8.84
C GLN C 305 17.55 -6.69 10.26
N PHE C 306 18.30 -7.17 11.26
CA PHE C 306 17.81 -7.10 12.62
C PHE C 306 18.04 -5.71 13.21
N VAL C 307 16.97 -5.08 13.70
CA VAL C 307 17.09 -3.86 14.47
C VAL C 307 17.50 -4.25 15.88
N VAL C 308 16.74 -5.14 16.51
CA VAL C 308 17.16 -5.83 17.73
C VAL C 308 17.18 -7.32 17.47
N ARG C 309 18.22 -8.00 17.94
CA ARG C 309 18.33 -9.43 17.81
C ARG C 309 18.39 -9.98 19.20
N PRO C 310 17.95 -11.24 19.44
CA PRO C 310 17.87 -11.79 20.77
C PRO C 310 19.26 -12.25 21.19
N ARG C 311 19.56 -12.06 22.50
CA ARG C 311 20.79 -12.47 23.14
C ARG C 311 20.46 -13.49 24.22
N ASP C 312 21.46 -14.27 24.65
CA ASP C 312 21.26 -15.42 25.52
C ASP C 312 20.85 -14.99 26.93
N GLN C 313 20.10 -15.85 27.62
CA GLN C 313 19.66 -15.56 28.97
C GLN C 313 19.71 -16.82 29.85
N ILE C 314 20.29 -16.67 31.04
CA ILE C 314 20.32 -17.71 32.04
C ILE C 314 19.31 -17.27 33.10
N VAL C 315 18.23 -18.00 33.19
CA VAL C 315 17.16 -17.55 34.05
C VAL C 315 16.61 -18.75 34.83
N ALA C 316 16.02 -18.49 36.00
CA ALA C 316 15.67 -19.55 36.92
C ALA C 316 14.19 -19.92 36.80
N GLN C 317 13.94 -21.23 36.95
CA GLN C 317 12.67 -21.91 36.76
C GLN C 317 11.53 -21.10 37.36
N GLY C 318 10.40 -21.07 36.67
CA GLY C 318 9.17 -20.50 37.21
C GLY C 318 9.01 -19.02 36.91
N ARG C 319 10.01 -18.41 36.26
CA ARG C 319 9.96 -17.00 35.95
C ARG C 319 9.40 -16.81 34.53
N THR C 320 9.62 -15.63 33.93
CA THR C 320 9.20 -15.27 32.59
C THR C 320 10.37 -14.74 31.76
N VAL C 321 10.51 -15.21 30.52
CA VAL C 321 11.61 -14.86 29.63
C VAL C 321 11.08 -14.07 28.44
N THR C 322 11.92 -13.16 27.94
CA THR C 322 11.57 -12.37 26.77
C THR C 322 12.79 -12.20 25.90
N PHE C 323 12.73 -12.74 24.70
CA PHE C 323 13.77 -12.61 23.73
C PHE C 323 13.32 -11.64 22.65
N PRO C 324 13.93 -10.45 22.56
CA PRO C 324 13.50 -9.44 21.60
C PRO C 324 13.97 -9.82 20.21
N CYS C 325 13.18 -9.45 19.20
CA CYS C 325 13.50 -9.64 17.81
C CYS C 325 12.68 -8.62 17.02
N GLU C 326 13.34 -7.55 16.61
CA GLU C 326 12.77 -6.47 15.82
C GLU C 326 13.48 -6.48 14.50
N THR C 327 12.76 -6.22 13.41
CA THR C 327 13.31 -6.51 12.11
C THR C 327 12.89 -5.48 11.07
N LYS C 328 13.84 -4.99 10.28
CA LYS C 328 13.56 -3.99 9.27
C LYS C 328 13.91 -4.51 7.88
N GLY C 329 13.23 -3.95 6.86
CA GLY C 329 13.41 -4.32 5.47
C GLY C 329 12.27 -3.86 4.57
N ASN C 330 12.27 -4.36 3.33
CA ASN C 330 11.28 -4.01 2.34
C ASN C 330 11.10 -5.22 1.44
N PRO C 331 9.93 -5.90 1.47
CA PRO C 331 8.84 -5.55 2.37
C PRO C 331 9.24 -5.69 3.83
N GLN C 332 8.42 -5.14 4.72
CA GLN C 332 8.56 -5.40 6.14
C GLN C 332 8.62 -6.90 6.31
N PRO C 333 9.65 -7.45 6.96
CA PRO C 333 9.78 -8.89 7.15
C PRO C 333 8.95 -9.38 8.32
N ALA C 334 8.39 -10.58 8.16
CA ALA C 334 7.60 -11.17 9.23
C ALA C 334 8.49 -12.03 10.09
N VAL C 335 8.44 -11.80 11.40
CA VAL C 335 9.27 -12.50 12.38
C VAL C 335 8.61 -13.80 12.76
N PHE C 336 9.41 -14.84 12.85
CA PHE C 336 8.88 -16.09 13.35
C PHE C 336 9.97 -16.92 14.01
N TRP C 337 9.61 -17.71 15.04
CA TRP C 337 10.56 -18.39 15.90
C TRP C 337 10.52 -19.91 15.74
N GLN C 338 11.57 -20.57 16.20
CA GLN C 338 11.79 -21.98 16.04
C GLN C 338 12.84 -22.39 17.04
N LYS C 339 12.61 -23.50 17.77
CA LYS C 339 13.59 -24.00 18.73
C LYS C 339 14.49 -25.05 18.08
N GLU C 340 15.81 -24.82 18.10
CA GLU C 340 16.80 -25.63 17.43
C GLU C 340 16.50 -27.09 17.72
N GLY C 341 16.33 -27.87 16.64
CA GLY C 341 15.91 -29.26 16.71
C GLY C 341 14.44 -29.40 17.11
N SER C 342 13.57 -28.90 16.24
CA SER C 342 12.11 -28.94 16.40
C SER C 342 11.48 -28.34 15.16
N GLN C 343 10.47 -29.04 14.63
CA GLN C 343 9.94 -28.68 13.33
C GLN C 343 8.93 -27.55 13.41
N ASN C 344 8.25 -27.40 14.56
CA ASN C 344 7.21 -26.40 14.76
C ASN C 344 7.77 -24.98 14.66
N LEU C 345 6.92 -24.05 14.19
CA LEU C 345 7.26 -22.64 14.13
C LEU C 345 6.25 -21.88 14.97
N LEU C 346 6.62 -20.69 15.42
CA LEU C 346 5.73 -19.83 16.17
C LEU C 346 5.55 -18.50 15.45
N PHE C 347 4.30 -18.06 15.27
CA PHE C 347 4.01 -16.82 14.58
C PHE C 347 3.26 -15.87 15.50
N PRO C 348 3.33 -14.54 15.29
CA PRO C 348 2.80 -13.56 16.22
C PRO C 348 1.31 -13.65 16.55
N ASN C 349 0.46 -13.04 15.73
CA ASN C 349 -0.92 -12.80 16.14
C ASN C 349 -1.65 -14.11 16.42
N GLN C 350 -1.14 -15.23 15.88
CA GLN C 350 -1.70 -16.57 16.03
C GLN C 350 -1.96 -16.84 17.51
N PRO C 351 -3.18 -17.24 17.91
CA PRO C 351 -3.43 -17.69 19.28
C PRO C 351 -3.21 -19.19 19.41
N GLN C 352 -2.98 -19.64 20.64
CA GLN C 352 -2.93 -21.06 21.00
C GLN C 352 -3.83 -21.28 22.21
N GLN C 353 -3.98 -22.54 22.62
CA GLN C 353 -4.82 -22.93 23.76
C GLN C 353 -4.15 -22.47 25.06
N PRO C 354 -4.91 -22.13 26.13
CA PRO C 354 -4.34 -21.50 27.33
C PRO C 354 -3.42 -22.42 28.13
N ASN C 355 -2.77 -23.37 27.43
CA ASN C 355 -2.04 -24.48 28.04
C ASN C 355 -0.56 -24.45 27.62
N SER C 356 -0.24 -23.54 26.68
CA SER C 356 1.14 -23.30 26.30
C SER C 356 1.58 -21.91 26.75
N ARG C 357 2.90 -21.73 26.84
CA ARG C 357 3.46 -20.56 27.49
C ARG C 357 4.29 -19.77 26.49
N CYS C 358 4.60 -20.40 25.35
CA CYS C 358 5.20 -19.71 24.23
C CYS C 358 4.19 -18.74 23.64
N SER C 359 4.65 -17.59 23.12
CA SER C 359 3.79 -16.56 22.52
C SER C 359 4.62 -15.42 21.94
N VAL C 360 4.20 -14.92 20.79
CA VAL C 360 5.03 -14.03 20.01
C VAL C 360 4.32 -12.69 19.85
N SER C 361 5.06 -11.62 20.09
CA SER C 361 4.61 -10.25 20.01
C SER C 361 4.43 -9.88 18.55
N PRO C 362 3.51 -8.96 18.21
CA PRO C 362 3.45 -8.42 16.85
C PRO C 362 4.81 -7.83 16.51
N THR C 363 5.44 -7.20 17.50
CA THR C 363 6.78 -6.65 17.37
C THR C 363 7.73 -7.73 16.90
N GLY C 364 7.59 -8.94 17.46
CA GLY C 364 8.42 -10.08 17.14
C GLY C 364 9.13 -10.68 18.36
N ASP C 365 8.81 -10.18 19.54
CA ASP C 365 9.44 -10.62 20.77
C ASP C 365 8.82 -11.94 21.24
N LEU C 366 9.66 -12.93 21.59
CA LEU C 366 9.21 -14.22 22.09
C LEU C 366 9.19 -14.24 23.61
N THR C 367 8.13 -14.75 24.20
CA THR C 367 7.95 -14.74 25.64
C THR C 367 7.52 -16.11 26.11
N ILE C 368 8.25 -16.67 27.08
CA ILE C 368 7.87 -17.93 27.70
C ILE C 368 7.66 -17.70 29.19
N THR C 369 6.46 -18.02 29.68
CA THR C 369 6.12 -17.85 31.09
C THR C 369 6.38 -19.17 31.82
N ASN C 370 6.57 -19.08 33.14
CA ASN C 370 6.66 -20.24 34.02
C ASN C 370 7.60 -21.29 33.41
N ILE C 371 8.90 -20.97 33.33
CA ILE C 371 9.87 -21.75 32.60
C ILE C 371 10.06 -23.09 33.27
N GLN C 372 10.28 -24.14 32.47
CA GLN C 372 10.62 -25.48 32.92
C GLN C 372 12.03 -25.81 32.48
N ARG C 373 12.65 -26.78 33.13
CA ARG C 373 13.93 -27.31 32.70
C ARG C 373 13.81 -27.78 31.27
N SER C 374 12.57 -28.08 30.91
CA SER C 374 12.22 -28.61 29.60
C SER C 374 12.51 -27.59 28.51
N ASP C 375 12.35 -26.30 28.84
CA ASP C 375 12.35 -25.20 27.90
C ASP C 375 13.77 -24.85 27.47
N ALA C 376 14.75 -25.23 28.28
CA ALA C 376 16.15 -24.89 28.03
C ALA C 376 16.57 -25.34 26.65
N GLY C 377 17.48 -24.58 26.04
CA GLY C 377 18.01 -24.85 24.71
C GLY C 377 18.24 -23.54 23.93
N TYR C 378 18.51 -23.68 22.62
CA TYR C 378 18.63 -22.52 21.74
C TYR C 378 17.28 -22.20 21.11
N TYR C 379 17.06 -20.91 20.77
CA TYR C 379 15.88 -20.40 20.08
C TYR C 379 16.31 -19.52 18.92
N ILE C 380 15.50 -19.46 17.86
CA ILE C 380 15.89 -18.75 16.66
C ILE C 380 14.72 -17.93 16.14
N CYS C 381 14.92 -16.62 15.99
CA CYS C 381 13.97 -15.82 15.27
C CYS C 381 14.44 -15.55 13.84
N GLN C 382 13.53 -15.67 12.90
CA GLN C 382 13.79 -15.67 11.48
C GLN C 382 12.89 -14.65 10.78
N ALA C 383 13.47 -14.02 9.75
CA ALA C 383 12.77 -13.08 8.90
C ALA C 383 12.97 -13.52 7.46
N LEU C 384 11.92 -13.44 6.66
CA LEU C 384 11.95 -13.97 5.31
C LEU C 384 10.98 -13.20 4.43
N THR C 385 11.58 -12.50 3.45
CA THR C 385 10.91 -11.78 2.39
C THR C 385 11.56 -12.16 1.07
N VAL C 386 11.05 -11.60 -0.02
CA VAL C 386 11.58 -11.79 -1.35
C VAL C 386 12.95 -11.14 -1.47
N ALA C 387 13.31 -10.28 -0.51
CA ALA C 387 14.55 -9.52 -0.56
C ALA C 387 15.66 -10.30 0.12
N GLY C 388 15.32 -11.46 0.68
CA GLY C 388 16.31 -12.29 1.37
C GLY C 388 15.77 -12.81 2.70
N SER C 389 16.63 -13.49 3.46
CA SER C 389 16.28 -14.13 4.72
C SER C 389 17.41 -14.01 5.74
N ILE C 390 17.02 -13.84 7.00
CA ILE C 390 17.99 -13.78 8.07
C ILE C 390 17.46 -14.55 9.25
N LEU C 391 18.37 -14.87 10.17
CA LEU C 391 18.07 -15.53 11.41
C LEU C 391 19.11 -15.12 12.44
N ALA C 392 18.78 -15.30 13.73
CA ALA C 392 19.74 -15.18 14.80
C ALA C 392 19.32 -16.08 15.94
N LYS C 393 20.27 -16.76 16.58
CA LYS C 393 19.92 -17.69 17.62
C LYS C 393 20.51 -17.24 18.94
N ALA C 394 19.78 -17.52 20.00
CA ALA C 394 20.15 -17.20 21.36
C ALA C 394 19.83 -18.38 22.25
N GLN C 395 20.63 -18.56 23.31
CA GLN C 395 20.51 -19.74 24.15
C GLN C 395 19.80 -19.41 25.46
N LEU C 396 19.02 -20.38 25.96
CA LEU C 396 18.33 -20.30 27.23
C LEU C 396 18.80 -21.44 28.09
N GLU C 397 19.32 -21.10 29.29
CA GLU C 397 19.66 -22.07 30.31
C GLU C 397 18.78 -21.84 31.53
N VAL C 398 18.09 -22.91 31.95
CA VAL C 398 17.19 -22.84 33.09
C VAL C 398 17.92 -23.40 34.31
N THR C 399 17.62 -22.84 35.48
CA THR C 399 18.27 -23.25 36.71
C THR C 399 17.24 -23.61 37.77
N ASP C 400 17.62 -24.60 38.59
CA ASP C 400 16.74 -25.32 39.51
C ASP C 400 17.07 -24.94 40.96
N VAL C 401 16.46 -25.71 41.90
CA VAL C 401 16.51 -25.51 43.34
C VAL C 401 17.82 -24.81 43.73
N LEU C 402 18.95 -25.48 43.47
CA LEU C 402 20.27 -24.88 43.54
C LEU C 402 21.20 -25.68 42.61
N THR C 403 21.02 -25.49 41.29
CA THR C 403 21.85 -26.14 40.28
C THR C 403 23.33 -25.96 40.67
N ASP C 404 23.67 -24.76 41.15
CA ASP C 404 24.96 -24.42 41.72
C ASP C 404 24.86 -23.17 42.59
N ARG C 405 24.78 -23.39 43.89
CA ARG C 405 24.71 -22.32 44.85
C ARG C 405 26.01 -21.51 44.76
N PRO C 406 25.99 -20.21 45.15
CA PRO C 406 27.22 -19.43 45.29
C PRO C 406 27.98 -19.82 46.56
N PRO C 407 29.33 -19.71 46.59
CA PRO C 407 30.11 -20.05 47.77
C PRO C 407 29.86 -19.03 48.88
N PRO C 408 30.07 -19.39 50.17
CA PRO C 408 29.79 -18.50 51.29
C PRO C 408 30.42 -17.12 51.16
N ILE C 409 29.76 -16.13 51.75
CA ILE C 409 30.20 -14.75 51.62
C ILE C 409 30.46 -14.23 53.01
N ILE C 410 31.61 -13.59 53.17
CA ILE C 410 31.95 -12.91 54.41
C ILE C 410 31.59 -11.44 54.20
N LEU C 411 30.53 -11.00 54.89
CA LEU C 411 30.03 -9.64 54.73
C LEU C 411 31.06 -8.65 55.26
N GLN C 412 31.31 -8.72 56.58
CA GLN C 412 32.40 -8.02 57.22
C GLN C 412 33.23 -8.99 58.06
N GLY C 413 34.53 -9.03 57.82
CA GLY C 413 35.48 -9.82 58.60
C GLY C 413 36.19 -8.96 59.64
N PRO C 414 37.22 -9.49 60.33
CA PRO C 414 37.93 -8.72 61.36
C PRO C 414 38.65 -7.51 60.77
N ALA C 415 38.77 -6.44 61.56
CA ALA C 415 39.50 -5.26 61.11
C ALA C 415 40.83 -5.21 61.84
N ASN C 416 41.70 -4.31 61.37
CA ASN C 416 43.04 -4.20 61.91
C ASN C 416 42.97 -3.61 63.33
N GLN C 417 42.70 -4.46 64.33
CA GLN C 417 42.74 -4.03 65.72
C GLN C 417 44.19 -3.90 66.17
N THR C 418 44.39 -3.06 67.18
CA THR C 418 45.71 -2.78 67.73
C THR C 418 45.55 -2.54 69.23
N LEU C 419 45.87 -3.57 70.04
CA LEU C 419 45.44 -3.64 71.43
C LEU C 419 46.66 -3.68 72.38
N ALA C 420 46.46 -3.21 73.62
CA ALA C 420 47.49 -3.21 74.63
C ALA C 420 47.59 -4.58 75.33
N VAL C 421 48.78 -4.90 75.87
CA VAL C 421 49.12 -6.18 76.46
C VAL C 421 48.12 -6.52 77.57
N ASP C 422 47.97 -7.82 77.80
CA ASP C 422 47.34 -8.36 79.00
C ASP C 422 45.81 -8.22 78.94
N GLY C 423 45.32 -7.51 77.92
CA GLY C 423 43.90 -7.30 77.76
C GLY C 423 43.19 -8.55 77.27
N THR C 424 42.08 -8.34 76.55
CA THR C 424 41.27 -9.40 76.00
C THR C 424 40.77 -8.96 74.62
N ALA C 425 41.22 -9.68 73.59
CA ALA C 425 41.02 -9.27 72.20
C ALA C 425 39.93 -10.10 71.53
N LEU C 426 38.95 -9.40 70.93
CA LEU C 426 37.84 -10.03 70.24
C LEU C 426 37.91 -9.62 68.77
N LEU C 427 37.76 -10.60 67.86
CA LEU C 427 37.88 -10.40 66.42
C LEU C 427 36.66 -10.95 65.73
N LYS C 428 35.84 -10.02 65.21
CA LYS C 428 34.52 -10.29 64.65
C LYS C 428 34.65 -10.91 63.23
N CYS C 429 33.56 -11.57 62.78
CA CYS C 429 33.47 -12.09 61.42
C CYS C 429 32.03 -12.46 61.09
N LYS C 430 31.45 -11.75 60.09
CA LYS C 430 30.07 -11.93 59.67
C LYS C 430 29.98 -12.67 58.33
N ALA C 431 29.44 -13.89 58.39
CA ALA C 431 29.31 -14.76 57.24
C ALA C 431 27.84 -14.97 56.89
N THR C 432 27.59 -15.49 55.67
CA THR C 432 26.28 -15.63 55.06
C THR C 432 26.36 -16.69 53.97
N GLY C 433 25.20 -17.26 53.61
CA GLY C 433 25.13 -18.15 52.48
C GLY C 433 24.29 -19.39 52.77
N ASP C 434 24.15 -20.23 51.74
CA ASP C 434 23.38 -21.45 51.81
C ASP C 434 24.17 -22.60 51.16
N PRO C 435 24.53 -23.66 51.93
CA PRO C 435 24.11 -23.80 53.32
C PRO C 435 24.82 -22.77 54.19
N LEU C 436 24.40 -22.65 55.45
CA LEU C 436 25.04 -21.70 56.34
C LEU C 436 26.47 -22.17 56.64
N PRO C 437 27.46 -21.26 56.61
CA PRO C 437 28.88 -21.63 56.70
C PRO C 437 29.49 -21.70 58.11
N VAL C 438 30.52 -22.54 58.29
CA VAL C 438 31.18 -22.69 59.58
C VAL C 438 32.47 -21.87 59.56
N ILE C 439 32.62 -21.00 60.56
CA ILE C 439 33.76 -20.11 60.67
C ILE C 439 34.91 -20.79 61.42
N SER C 440 36.09 -20.82 60.78
CA SER C 440 37.33 -21.28 61.37
C SER C 440 38.37 -20.16 61.34
N TRP C 441 39.48 -20.31 62.08
CA TRP C 441 40.47 -19.26 62.10
C TRP C 441 41.87 -19.77 61.81
N LEU C 442 42.75 -18.84 61.40
CA LEU C 442 44.16 -19.11 61.15
C LEU C 442 45.00 -17.97 61.69
N LYS C 443 46.16 -18.31 62.25
CA LYS C 443 47.15 -17.36 62.69
C LYS C 443 48.37 -17.57 61.80
N GLU C 444 48.81 -16.48 61.15
CA GLU C 444 49.96 -16.52 60.27
C GLU C 444 49.88 -17.78 59.40
N GLY C 445 48.69 -18.34 59.23
CA GLY C 445 48.56 -19.39 58.25
C GLY C 445 48.07 -20.68 58.88
N PHE C 446 48.54 -21.01 60.08
CA PHE C 446 48.25 -22.31 60.67
C PHE C 446 46.98 -22.24 61.50
N THR C 447 46.47 -23.42 61.86
CA THR C 447 45.21 -23.61 62.55
C THR C 447 45.22 -22.84 63.86
N PHE C 448 44.06 -22.31 64.21
CA PHE C 448 43.90 -21.57 65.44
C PHE C 448 42.53 -21.91 66.03
N PRO C 449 42.37 -21.92 67.37
CA PRO C 449 43.46 -21.62 68.28
C PRO C 449 44.53 -22.70 68.37
N GLY C 450 44.22 -23.92 67.93
CA GLY C 450 45.19 -25.00 68.03
C GLY C 450 45.50 -25.44 69.46
N ARG C 451 46.62 -24.94 70.02
CA ARG C 451 47.18 -25.47 71.24
C ARG C 451 47.15 -24.45 72.39
N ASP C 452 46.95 -23.18 72.08
CA ASP C 452 46.86 -22.17 73.11
C ASP C 452 45.45 -22.13 73.71
N PRO C 453 45.31 -22.34 75.04
CA PRO C 453 43.99 -22.30 75.68
C PRO C 453 43.40 -20.91 75.87
N ARG C 454 44.24 -19.87 75.82
CA ARG C 454 43.83 -18.51 76.12
C ARG C 454 42.89 -17.97 75.07
N ALA C 455 42.80 -18.63 73.91
CA ALA C 455 42.02 -18.17 72.77
C ALA C 455 40.91 -19.17 72.47
N THR C 456 39.72 -18.66 72.10
CA THR C 456 38.67 -19.53 71.62
C THR C 456 37.78 -18.85 70.58
N ILE C 457 37.19 -19.68 69.70
CA ILE C 457 36.18 -19.30 68.72
C ILE C 457 34.81 -19.42 69.37
N GLN C 458 34.01 -18.35 69.27
CA GLN C 458 32.77 -18.28 70.03
C GLN C 458 31.61 -18.81 69.22
N GLU C 459 30.37 -18.53 69.65
CA GLU C 459 29.18 -19.00 68.96
C GLU C 459 29.03 -18.23 67.65
N GLN C 460 28.99 -16.91 67.75
CA GLN C 460 28.78 -16.02 66.62
C GLN C 460 30.07 -15.88 65.82
N GLY C 461 30.84 -16.97 65.73
CA GLY C 461 31.98 -17.07 64.85
C GLY C 461 33.19 -16.25 65.33
N THR C 462 32.95 -15.24 66.15
CA THR C 462 33.99 -14.31 66.56
C THR C 462 35.07 -15.02 67.42
N LEU C 463 36.32 -14.55 67.30
CA LEU C 463 37.44 -15.12 67.99
C LEU C 463 37.91 -14.24 69.15
N GLN C 464 37.95 -14.85 70.33
CA GLN C 464 38.24 -14.18 71.57
C GLN C 464 39.53 -14.75 72.17
N ILE C 465 40.45 -13.83 72.45
CA ILE C 465 41.69 -14.12 73.15
C ILE C 465 41.74 -13.34 74.48
N LYS C 466 41.64 -14.10 75.59
CA LYS C 466 41.83 -13.60 76.93
C LYS C 466 43.34 -13.46 77.17
N ASN C 467 43.74 -12.46 77.97
CA ASN C 467 45.10 -12.32 78.47
C ASN C 467 46.06 -12.15 77.31
N LEU C 468 46.11 -10.92 76.79
CA LEU C 468 46.95 -10.63 75.64
C LEU C 468 48.43 -10.72 76.02
N ARG C 469 49.25 -10.98 75.01
CA ARG C 469 50.69 -10.84 75.08
C ARG C 469 51.22 -10.40 73.72
N ILE C 470 52.48 -9.97 73.72
CA ILE C 470 53.22 -9.58 72.53
C ILE C 470 53.22 -10.72 71.53
N SER C 471 53.30 -11.94 72.07
CA SER C 471 53.45 -13.16 71.32
C SER C 471 52.22 -13.46 70.46
N ASP C 472 51.19 -12.64 70.56
CA ASP C 472 49.91 -12.90 69.90
C ASP C 472 49.69 -11.93 68.74
N THR C 473 50.57 -10.93 68.61
CA THR C 473 50.46 -10.03 67.47
C THR C 473 50.72 -10.81 66.18
N GLY C 474 49.94 -10.52 65.15
CA GLY C 474 50.15 -11.10 63.83
C GLY C 474 48.94 -10.97 62.88
N THR C 475 48.97 -11.80 61.82
CA THR C 475 47.93 -11.83 60.80
C THR C 475 46.96 -12.98 61.04
N TYR C 476 45.70 -12.61 61.26
CA TYR C 476 44.66 -13.55 61.65
C TYR C 476 43.65 -13.58 60.52
N THR C 477 43.14 -14.79 60.21
CA THR C 477 42.33 -15.04 59.02
C THR C 477 41.05 -15.78 59.39
N CYS C 478 39.91 -15.25 58.97
CA CYS C 478 38.61 -15.83 59.21
C CYS C 478 38.22 -16.63 57.97
N VAL C 479 37.87 -17.90 58.17
CA VAL C 479 37.55 -18.76 57.06
C VAL C 479 36.14 -19.32 57.25
N ALA C 480 35.22 -18.91 56.36
CA ALA C 480 33.88 -19.44 56.31
C ALA C 480 33.81 -20.53 55.25
N THR C 481 33.26 -21.69 55.62
CA THR C 481 33.27 -22.88 54.80
C THR C 481 31.95 -23.63 54.92
N SER C 482 31.34 -23.90 53.76
CA SER C 482 30.20 -24.78 53.60
C SER C 482 30.49 -25.81 52.49
N SER C 483 29.45 -26.55 52.08
CA SER C 483 29.58 -27.55 51.04
C SER C 483 29.71 -26.86 49.70
N SER C 484 29.33 -25.58 49.67
CA SER C 484 29.21 -24.81 48.44
C SER C 484 30.48 -24.02 48.14
N GLY C 485 31.44 -24.03 49.06
CA GLY C 485 32.70 -23.35 48.87
C GLY C 485 33.23 -22.71 50.14
N GLU C 486 34.21 -21.82 49.99
CA GLU C 486 34.94 -21.27 51.12
C GLU C 486 35.55 -19.92 50.76
N THR C 487 35.39 -18.96 51.65
CA THR C 487 35.99 -17.64 51.54
C THR C 487 36.79 -17.39 52.80
N SER C 488 37.79 -16.52 52.68
CA SER C 488 38.63 -16.14 53.80
C SER C 488 38.77 -14.62 53.87
N TRP C 489 38.90 -14.12 55.09
CA TRP C 489 39.11 -12.71 55.36
C TRP C 489 40.11 -12.55 56.49
N SER C 490 41.26 -11.92 56.18
CA SER C 490 42.31 -11.81 57.17
C SER C 490 42.61 -10.36 57.50
N ALA C 491 43.03 -10.13 58.75
CA ALA C 491 43.40 -8.84 59.30
C ALA C 491 44.69 -9.01 60.09
N VAL C 492 45.22 -7.87 60.58
CA VAL C 492 46.46 -7.85 61.34
C VAL C 492 46.17 -7.30 62.74
N LEU C 493 46.52 -8.09 63.77
CA LEU C 493 46.36 -7.68 65.14
C LEU C 493 47.72 -7.24 65.68
N ASP C 494 47.75 -6.14 66.45
CA ASP C 494 49.00 -5.63 67.00
C ASP C 494 48.91 -5.49 68.52
N VAL C 495 49.90 -6.04 69.25
CA VAL C 495 49.95 -6.06 70.71
C VAL C 495 51.24 -5.45 71.26
N THR C 496 51.17 -4.20 71.76
CA THR C 496 52.26 -3.58 72.48
C THR C 496 51.78 -3.26 73.89
N GLU C 497 52.73 -2.75 74.70
CA GLU C 497 52.49 -2.38 76.07
C GLU C 497 51.41 -1.31 76.14
N SER C 498 51.69 -0.15 75.51
CA SER C 498 50.77 0.98 75.55
C SER C 498 49.61 0.78 74.58
N GLY C 499 49.92 0.41 73.34
CA GLY C 499 48.96 -0.10 72.38
C GLY C 499 47.76 0.82 72.21
N ALA C 500 48.05 2.11 72.02
CA ALA C 500 47.02 3.12 71.84
C ALA C 500 47.41 4.07 70.71
N THR C 501 46.66 4.06 69.59
CA THR C 501 46.67 5.16 68.62
C THR C 501 45.50 6.10 68.88
N ILE C 502 44.32 5.54 69.21
CA ILE C 502 43.13 6.24 69.66
C ILE C 502 42.57 7.14 68.55
N SER C 503 43.06 7.01 67.30
CA SER C 503 42.82 7.99 66.26
C SER C 503 41.56 7.71 65.40
N LYS C 504 40.39 8.10 65.94
CA LYS C 504 39.07 7.86 65.39
C LYS C 504 38.71 6.38 65.59
N ASN C 505 39.38 5.74 66.56
CA ASN C 505 39.51 4.29 66.71
C ASN C 505 38.28 3.55 66.19
N TYR C 506 37.20 3.55 66.99
CA TYR C 506 36.00 2.80 66.65
C TYR C 506 35.17 3.55 65.60
N ASP C 507 34.66 2.78 64.63
CA ASP C 507 33.72 3.27 63.63
C ASP C 507 32.58 2.27 63.55
N LEU C 508 31.34 2.78 63.60
CA LEU C 508 30.14 1.95 63.53
C LEU C 508 29.81 1.74 62.06
N SER C 509 28.79 2.45 61.57
CA SER C 509 28.45 2.48 60.15
C SER C 509 29.01 3.76 59.52
N ASP C 510 30.34 3.86 59.52
CA ASP C 510 31.05 4.97 58.93
C ASP C 510 31.55 4.58 57.55
N LEU C 511 31.66 3.26 57.31
CA LEU C 511 31.95 2.74 55.96
C LEU C 511 30.68 2.82 55.12
N PRO C 512 30.78 3.18 53.82
CA PRO C 512 29.64 3.13 52.92
C PRO C 512 28.94 1.77 53.01
N GLY C 513 27.60 1.80 52.96
CA GLY C 513 26.77 0.61 52.76
C GLY C 513 26.91 0.06 51.33
N PRO C 514 26.42 -1.17 51.06
CA PRO C 514 26.56 -1.81 49.74
C PRO C 514 26.18 -0.91 48.57
N PRO C 515 26.69 -1.18 47.34
CA PRO C 515 26.19 -0.53 46.14
C PRO C 515 25.13 -1.35 45.40
N SER C 516 24.70 -0.84 44.23
CA SER C 516 23.64 -1.42 43.41
C SER C 516 24.06 -2.79 42.93
N LYS C 517 23.09 -3.70 42.81
CA LYS C 517 23.39 -4.98 42.20
C LYS C 517 23.93 -4.74 40.80
N PRO C 518 25.09 -5.32 40.45
CA PRO C 518 25.71 -5.09 39.17
C PRO C 518 24.88 -5.66 38.03
N GLN C 519 24.72 -4.84 36.99
CA GLN C 519 23.94 -5.16 35.82
C GLN C 519 24.91 -5.46 34.69
N VAL C 520 24.73 -6.61 34.05
CA VAL C 520 25.55 -7.02 32.92
C VAL C 520 25.19 -6.20 31.71
N THR C 521 26.17 -5.84 30.90
CA THR C 521 25.87 -5.17 29.64
C THR C 521 26.29 -6.13 28.54
N ASP C 522 27.38 -5.82 27.84
CA ASP C 522 27.87 -6.63 26.74
C ASP C 522 28.64 -7.81 27.33
N VAL C 523 28.76 -8.89 26.56
CA VAL C 523 29.46 -10.10 26.98
C VAL C 523 30.11 -10.74 25.76
N THR C 524 31.39 -11.12 25.88
CA THR C 524 32.09 -11.86 24.84
C THR C 524 32.48 -13.23 25.37
N LYS C 525 33.69 -13.68 25.02
CA LYS C 525 34.20 -14.98 25.41
C LYS C 525 35.22 -14.80 26.52
N ASN C 526 35.72 -13.58 26.67
CA ASN C 526 36.72 -13.28 27.66
C ASN C 526 36.46 -11.92 28.29
N SER C 527 35.21 -11.44 28.15
CA SER C 527 34.82 -10.15 28.69
C SER C 527 33.38 -10.23 29.18
N VAL C 528 33.04 -9.32 30.10
CA VAL C 528 31.70 -9.11 30.61
C VAL C 528 31.67 -7.73 31.24
N THR C 529 30.86 -6.83 30.72
CA THR C 529 30.80 -5.45 31.17
C THR C 529 29.71 -5.28 32.24
N LEU C 530 30.05 -4.56 33.30
CA LEU C 530 29.16 -4.42 34.44
C LEU C 530 28.79 -2.97 34.67
N SER C 531 27.64 -2.75 35.31
CA SER C 531 27.14 -1.44 35.67
C SER C 531 26.45 -1.53 37.02
N TRP C 532 26.67 -0.52 37.88
CA TRP C 532 26.13 -0.46 39.23
C TRP C 532 26.17 0.99 39.70
N GLN C 533 25.31 1.34 40.69
CA GLN C 533 25.31 2.68 41.24
C GLN C 533 25.78 2.64 42.69
N PRO C 534 26.35 3.75 43.21
CA PRO C 534 26.87 3.81 44.58
C PRO C 534 25.86 3.47 45.67
N GLY C 535 26.27 3.54 46.95
CA GLY C 535 25.34 3.27 48.04
C GLY C 535 25.27 4.40 49.07
N THR C 536 25.14 4.01 50.35
CA THR C 536 25.10 4.90 51.50
C THR C 536 26.51 5.45 51.74
N PRO C 537 26.80 6.75 51.48
CA PRO C 537 28.14 7.31 51.71
C PRO C 537 28.70 7.21 53.14
N GLY C 538 28.00 6.47 54.04
CA GLY C 538 28.54 6.10 55.33
C GLY C 538 28.95 7.32 56.16
N THR C 539 30.25 7.64 56.14
CA THR C 539 30.83 8.82 56.78
C THR C 539 31.75 9.50 55.77
N LEU C 540 32.93 8.91 55.54
CA LEU C 540 33.91 9.41 54.59
C LEU C 540 33.48 9.04 53.16
N PRO C 541 34.05 9.67 52.11
CA PRO C 541 33.67 9.38 50.74
C PRO C 541 34.35 8.13 50.16
N ALA C 542 33.61 7.41 49.32
CA ALA C 542 34.12 6.23 48.64
C ALA C 542 35.11 6.64 47.55
N SER C 543 36.20 5.88 47.40
CA SER C 543 37.28 6.30 46.51
C SER C 543 37.30 5.45 45.26
N ALA C 544 37.06 4.14 45.42
CA ALA C 544 37.10 3.18 44.32
C ALA C 544 36.33 1.91 44.68
N TYR C 545 36.39 0.95 43.75
CA TYR C 545 35.58 -0.25 43.83
C TYR C 545 36.42 -1.50 43.61
N ILE C 546 35.90 -2.62 44.13
CA ILE C 546 36.57 -3.91 44.05
C ILE C 546 35.55 -4.96 43.65
N ILE C 547 35.77 -5.54 42.46
CA ILE C 547 34.82 -6.49 41.89
C ILE C 547 35.31 -7.92 42.11
N GLU C 548 34.63 -8.61 43.04
CA GLU C 548 34.78 -10.04 43.28
C GLU C 548 33.96 -10.78 42.21
N ALA C 549 34.35 -12.01 41.91
CA ALA C 549 33.69 -12.86 40.94
C ALA C 549 33.75 -14.34 41.33
N PHE C 550 32.85 -15.14 40.78
CA PHE C 550 32.78 -16.55 41.09
C PHE C 550 32.40 -17.37 39.87
N SER C 551 32.96 -18.58 39.79
CA SER C 551 32.63 -19.54 38.76
C SER C 551 32.72 -20.95 39.33
N GLN C 552 31.65 -21.72 39.13
CA GLN C 552 31.52 -23.10 39.55
C GLN C 552 32.62 -23.94 38.93
N SER C 553 33.13 -23.49 37.80
CA SER C 553 34.15 -24.21 37.08
C SER C 553 35.51 -23.83 37.61
N VAL C 554 35.94 -22.58 37.39
CA VAL C 554 37.32 -22.14 37.60
C VAL C 554 37.71 -22.15 39.09
N SER C 555 36.74 -22.21 40.00
CA SER C 555 37.07 -22.06 41.41
C SER C 555 36.00 -22.66 42.31
N ASN C 556 36.23 -22.51 43.60
CA ASN C 556 35.36 -23.00 44.64
C ASN C 556 35.20 -21.88 45.65
N SER C 557 35.45 -20.65 45.23
CA SER C 557 35.53 -19.50 46.12
C SER C 557 35.54 -18.20 45.34
N TRP C 558 35.45 -17.08 46.05
CA TRP C 558 35.31 -15.75 45.48
C TRP C 558 36.66 -15.11 45.21
N GLN C 559 36.86 -14.60 44.01
CA GLN C 559 38.14 -14.02 43.65
C GLN C 559 37.95 -12.62 43.10
N THR C 560 38.94 -11.76 43.31
CA THR C 560 38.94 -10.42 42.75
C THR C 560 39.26 -10.49 41.27
N VAL C 561 38.68 -9.59 40.47
CA VAL C 561 38.91 -9.59 39.04
C VAL C 561 39.14 -8.16 38.57
N ALA C 562 39.02 -7.23 39.51
CA ALA C 562 39.50 -5.88 39.30
C ALA C 562 39.41 -5.13 40.62
N ASN C 563 40.48 -4.40 40.95
CA ASN C 563 40.56 -3.66 42.19
C ASN C 563 40.91 -2.23 41.85
N HIS C 564 40.51 -1.31 42.73
CA HIS C 564 40.78 0.12 42.60
C HIS C 564 40.22 0.63 41.28
N VAL C 565 38.91 0.44 41.13
CA VAL C 565 38.21 0.87 39.93
C VAL C 565 37.50 2.16 40.27
N LYS C 566 37.73 3.17 39.44
CA LYS C 566 37.32 4.53 39.71
C LYS C 566 36.15 4.91 38.81
N THR C 567 35.39 3.89 38.38
CA THR C 567 34.23 4.09 37.54
C THR C 567 33.10 3.19 38.03
N THR C 568 31.90 3.35 37.46
CA THR C 568 30.76 2.52 37.82
C THR C 568 30.24 1.83 36.56
N LEU C 569 31.13 1.59 35.60
CA LEU C 569 30.80 0.96 34.35
C LEU C 569 32.08 0.37 33.77
N TYR C 570 32.42 -0.84 34.21
CA TYR C 570 33.73 -1.42 33.97
C TYR C 570 33.59 -2.67 33.12
N THR C 571 34.64 -2.92 32.32
CA THR C 571 34.69 -4.14 31.52
C THR C 571 35.73 -5.05 32.14
N VAL C 572 35.30 -6.17 32.69
CA VAL C 572 36.19 -7.17 33.25
C VAL C 572 36.73 -8.02 32.12
N ARG C 573 38.04 -7.95 31.84
CA ARG C 573 38.66 -8.62 30.70
C ARG C 573 39.42 -9.85 31.16
N GLY C 574 39.60 -10.83 30.26
CA GLY C 574 40.38 -12.03 30.50
C GLY C 574 39.67 -12.99 31.44
N LEU C 575 38.66 -13.71 30.94
CA LEU C 575 37.96 -14.74 31.70
C LEU C 575 37.87 -16.02 30.88
N ARG C 576 37.62 -17.13 31.57
CA ARG C 576 37.53 -18.45 30.99
C ARG C 576 36.30 -18.50 30.08
N PRO C 577 36.44 -18.91 28.79
CA PRO C 577 35.33 -18.87 27.85
C PRO C 577 34.43 -20.09 28.05
N ASN C 578 33.13 -19.89 27.78
CA ASN C 578 32.11 -20.91 27.98
C ASN C 578 32.01 -21.24 29.46
N THR C 579 32.09 -20.20 30.28
CA THR C 579 32.01 -20.35 31.72
C THR C 579 31.02 -19.34 32.29
N ILE C 580 30.20 -19.82 33.23
CA ILE C 580 29.19 -19.01 33.89
C ILE C 580 29.88 -18.24 34.99
N TYR C 581 29.43 -17.02 35.28
CA TYR C 581 30.07 -16.13 36.23
C TYR C 581 29.05 -15.30 36.98
N LEU C 582 29.35 -15.03 38.24
CA LEU C 582 28.59 -14.15 39.09
C LEU C 582 29.56 -13.07 39.56
N PHE C 583 29.05 -11.90 39.91
CA PHE C 583 29.90 -10.82 40.36
C PHE C 583 29.40 -10.18 41.64
N VAL C 585 30.24 -6.36 43.94
CA VAL C 585 30.99 -5.12 43.98
C VAL C 585 31.01 -4.59 45.40
N ARG C 586 32.12 -3.93 45.75
CA ARG C 586 32.38 -3.37 47.07
C ARG C 586 33.06 -2.01 46.87
N ALA C 587 32.90 -1.14 47.87
CA ALA C 587 33.43 0.21 47.81
C ALA C 587 34.58 0.38 48.80
N ILE C 588 35.68 0.92 48.30
CA ILE C 588 36.86 1.14 49.10
C ILE C 588 36.90 2.61 49.51
N ASN C 589 37.14 2.83 50.80
CA ASN C 589 37.32 4.15 51.38
C ASN C 589 38.31 4.02 52.53
N PRO C 590 38.98 5.11 52.94
CA PRO C 590 39.90 5.09 54.07
C PRO C 590 39.55 4.24 55.31
N GLN C 591 38.27 4.12 55.63
CA GLN C 591 37.80 3.46 56.84
C GLN C 591 38.00 1.95 56.75
N GLY C 592 38.28 1.44 55.55
CA GLY C 592 38.29 0.02 55.28
C GLY C 592 37.51 -0.33 54.00
N LEU C 593 36.56 -1.28 54.09
CA LEU C 593 35.81 -1.74 52.93
C LEU C 593 34.32 -1.74 53.23
N SER C 594 33.52 -1.68 52.16
CA SER C 594 32.08 -1.73 52.23
C SER C 594 31.60 -3.18 52.36
N ASP C 595 30.30 -3.34 52.63
CA ASP C 595 29.62 -4.61 52.54
C ASP C 595 29.43 -4.93 51.06
N PRO C 596 29.20 -6.20 50.67
CA PRO C 596 29.08 -6.57 49.27
C PRO C 596 27.69 -6.33 48.71
N SER C 597 27.64 -5.79 47.50
CA SER C 597 26.42 -5.63 46.71
C SER C 597 25.83 -7.02 46.48
N PRO C 598 24.56 -7.14 46.06
CA PRO C 598 24.00 -8.47 45.79
C PRO C 598 24.67 -9.02 44.53
N SER C 600 25.52 -10.67 40.87
CA SER C 600 25.14 -10.44 39.49
C SER C 600 24.16 -11.52 39.05
N ASP C 601 23.53 -11.32 37.91
CA ASP C 601 22.69 -12.34 37.33
C ASP C 601 23.57 -13.25 36.49
N PRO C 602 23.48 -14.57 36.70
CA PRO C 602 24.32 -15.53 36.01
C PRO C 602 24.53 -15.20 34.55
N VAL C 603 25.76 -15.25 34.07
CA VAL C 603 26.03 -14.99 32.67
C VAL C 603 27.16 -15.87 32.18
N ARG C 604 27.04 -16.41 30.97
CA ARG C 604 28.02 -17.29 30.37
C ARG C 604 28.87 -16.51 29.38
N THR C 605 30.14 -16.89 29.25
CA THR C 605 31.04 -16.20 28.34
C THR C 605 31.03 -16.87 26.98
N GLN C 606 30.19 -16.34 26.08
CA GLN C 606 30.15 -16.76 24.69
C GLN C 606 30.12 -15.50 23.84
N ASP C 607 30.67 -15.62 22.63
CA ASP C 607 30.49 -14.59 21.61
C ASP C 607 29.17 -14.84 20.91
N ILE C 608 28.40 -13.76 20.69
CA ILE C 608 27.09 -13.79 20.05
C ILE C 608 27.15 -14.56 18.73
N SER C 609 26.13 -15.40 18.48
CA SER C 609 25.99 -16.08 17.21
C SER C 609 25.54 -15.08 16.16
N PRO C 610 26.47 -14.52 15.35
CA PRO C 610 26.21 -13.34 14.53
C PRO C 610 25.11 -13.65 13.53
N PRO C 611 24.30 -12.64 13.15
CA PRO C 611 23.20 -12.86 12.20
C PRO C 611 23.67 -13.66 10.99
N ALA C 612 22.87 -14.64 10.56
CA ALA C 612 23.17 -15.48 9.41
C ALA C 612 21.97 -15.56 8.47
N GLN C 613 22.19 -16.10 7.27
CA GLN C 613 21.14 -16.17 6.28
C GLN C 613 20.28 -17.41 6.54
N GLY C 614 18.95 -17.22 6.44
CA GLY C 614 17.97 -18.28 6.62
C GLY C 614 17.74 -19.04 5.33
N VAL C 615 16.63 -19.77 5.26
CA VAL C 615 16.29 -20.53 4.07
C VAL C 615 15.75 -19.54 3.05
N ASP C 616 15.96 -19.82 1.77
CA ASP C 616 15.68 -18.85 0.71
C ASP C 616 14.19 -18.87 0.33
N HIS C 617 13.69 -17.70 -0.11
CA HIS C 617 12.28 -17.48 -0.31
C HIS C 617 11.80 -18.36 -1.45
N ARG C 618 12.67 -18.54 -2.45
CA ARG C 618 12.34 -19.32 -3.63
C ARG C 618 12.02 -20.74 -3.18
N GLN C 619 12.76 -21.20 -2.19
CA GLN C 619 12.76 -22.60 -1.84
C GLN C 619 11.58 -22.90 -0.95
N VAL C 620 11.05 -21.88 -0.26
CA VAL C 620 9.85 -22.07 0.54
C VAL C 620 8.62 -21.97 -0.35
N GLN C 621 8.74 -21.09 -1.33
CA GLN C 621 7.76 -20.98 -2.40
C GLN C 621 7.57 -22.35 -3.00
N LYS C 622 8.70 -22.96 -3.35
CA LYS C 622 8.76 -24.22 -4.08
C LYS C 622 8.09 -25.32 -3.28
N GLU C 623 8.20 -25.25 -1.95
CA GLU C 623 7.60 -26.24 -1.08
C GLU C 623 6.10 -26.02 -1.00
N LEU C 624 5.70 -24.75 -0.90
CA LEU C 624 4.31 -24.42 -0.70
C LEU C 624 3.52 -24.71 -1.98
N GLY C 625 4.20 -24.54 -3.11
CA GLY C 625 3.66 -24.85 -4.43
C GLY C 625 3.28 -26.32 -4.54
N ASP C 626 4.19 -27.21 -4.10
CA ASP C 626 4.08 -28.64 -4.30
C ASP C 626 3.12 -29.26 -3.28
N VAL C 627 2.51 -28.44 -2.42
CA VAL C 627 1.55 -28.93 -1.46
C VAL C 627 0.21 -29.07 -2.14
N LEU C 628 -0.41 -30.27 -2.03
CA LEU C 628 -1.68 -30.55 -2.67
C LEU C 628 -2.76 -30.78 -1.60
N VAL C 629 -3.61 -29.77 -1.44
CA VAL C 629 -4.69 -29.79 -0.47
C VAL C 629 -5.92 -30.40 -1.13
N ARG C 630 -6.25 -31.63 -0.72
CA ARG C 630 -7.49 -32.27 -1.14
C ARG C 630 -8.62 -31.86 -0.21
N LEU C 631 -9.65 -31.21 -0.77
CA LEU C 631 -10.88 -30.87 -0.04
C LEU C 631 -11.90 -31.98 -0.29
N HIS C 632 -12.63 -32.34 0.78
CA HIS C 632 -13.62 -33.41 0.71
C HIS C 632 -14.91 -32.89 0.08
N ASN C 633 -15.73 -32.20 0.89
CA ASN C 633 -17.07 -31.80 0.51
C ASN C 633 -17.69 -31.00 1.64
N PRO C 634 -18.17 -29.77 1.36
CA PRO C 634 -18.77 -28.92 2.38
C PRO C 634 -20.02 -29.56 3.00
N VAL C 635 -20.00 -29.70 4.33
CA VAL C 635 -21.11 -30.25 5.09
C VAL C 635 -21.79 -29.11 5.84
N VAL C 636 -23.07 -28.87 5.53
CA VAL C 636 -23.82 -27.75 6.06
C VAL C 636 -24.27 -28.05 7.49
N LEU C 637 -24.02 -27.11 8.41
CA LEU C 637 -24.41 -27.28 9.80
C LEU C 637 -25.85 -26.81 9.96
N THR C 638 -26.04 -25.50 9.88
CA THR C 638 -27.36 -24.90 9.77
C THR C 638 -27.35 -23.99 8.55
N PRO C 639 -28.50 -23.44 8.09
CA PRO C 639 -28.52 -22.56 6.92
C PRO C 639 -27.80 -21.23 7.12
N THR C 640 -26.94 -21.17 8.14
CA THR C 640 -26.05 -20.03 8.37
C THR C 640 -24.63 -20.51 8.61
N THR C 641 -24.37 -21.80 8.36
CA THR C 641 -23.15 -22.45 8.82
C THR C 641 -22.81 -23.68 7.99
N VAL C 642 -21.54 -23.74 7.55
CA VAL C 642 -20.97 -24.90 6.87
C VAL C 642 -19.59 -25.19 7.47
N GLN C 643 -19.36 -26.47 7.79
CA GLN C 643 -18.05 -26.92 8.23
C GLN C 643 -17.30 -27.51 7.03
N VAL C 644 -16.12 -26.96 6.77
CA VAL C 644 -15.33 -27.38 5.63
C VAL C 644 -14.21 -28.26 6.13
N THR C 645 -13.89 -29.33 5.39
CA THR C 645 -12.85 -30.27 5.78
C THR C 645 -11.95 -30.58 4.58
N TRP C 646 -10.64 -30.40 4.78
CA TRP C 646 -9.62 -30.65 3.76
C TRP C 646 -8.65 -31.71 4.26
N THR C 647 -7.65 -32.04 3.43
CA THR C 647 -6.55 -32.91 3.80
C THR C 647 -5.32 -32.52 3.00
N VAL C 648 -4.14 -32.79 3.57
CA VAL C 648 -2.88 -32.44 2.93
C VAL C 648 -2.16 -33.72 2.54
N ASP C 649 -1.61 -33.72 1.34
CA ASP C 649 -0.68 -34.76 0.91
C ASP C 649 0.49 -34.81 1.89
N ARG C 650 1.26 -33.72 1.97
CA ARG C 650 2.44 -33.64 2.80
C ARG C 650 2.68 -32.19 3.21
N GLN C 651 2.48 -31.91 4.51
CA GLN C 651 2.71 -30.59 5.09
C GLN C 651 4.21 -30.39 5.32
N PRO C 652 4.83 -29.34 4.72
CA PRO C 652 6.27 -29.12 4.84
C PRO C 652 6.56 -28.24 6.06
N GLN C 653 7.82 -27.81 6.23
CA GLN C 653 8.18 -27.09 7.43
C GLN C 653 7.61 -25.68 7.38
N PHE C 654 7.72 -25.03 6.23
CA PHE C 654 7.43 -23.62 6.11
C PHE C 654 6.02 -23.38 5.60
N ILE C 655 5.14 -23.07 6.55
CA ILE C 655 3.70 -22.97 6.36
C ILE C 655 3.07 -22.36 7.60
N GLN C 656 2.24 -21.33 7.42
CA GLN C 656 1.66 -20.66 8.56
C GLN C 656 0.29 -21.23 8.85
N GLY C 657 -0.39 -21.66 7.79
CA GLY C 657 -1.74 -22.19 7.91
C GLY C 657 -2.46 -22.30 6.57
N TYR C 658 -3.78 -22.48 6.63
CA TYR C 658 -4.55 -22.59 5.41
C TYR C 658 -5.53 -21.43 5.32
N ARG C 659 -5.63 -20.87 4.11
CA ARG C 659 -6.50 -19.75 3.76
C ARG C 659 -7.64 -20.29 2.92
N VAL C 660 -8.87 -20.16 3.46
CA VAL C 660 -10.02 -20.81 2.86
C VAL C 660 -10.97 -19.72 2.38
N TYR C 662 -14.41 -18.46 -0.07
CA TYR C 662 -15.72 -18.83 -0.57
C TYR C 662 -16.35 -17.63 -1.27
N ARG C 663 -17.18 -17.94 -2.27
CA ARG C 663 -17.85 -16.95 -3.10
C ARG C 663 -19.32 -17.33 -3.28
N GLN C 664 -20.18 -16.31 -3.37
CA GLN C 664 -21.61 -16.46 -3.62
C GLN C 664 -21.88 -16.68 -5.11
N THR C 665 -22.60 -17.75 -5.42
CA THR C 665 -22.93 -18.06 -6.80
C THR C 665 -24.44 -18.31 -6.94
N SER C 666 -25.26 -17.47 -6.28
CA SER C 666 -26.71 -17.62 -6.37
C SER C 666 -27.48 -16.33 -6.09
N GLY C 667 -27.22 -15.70 -4.94
CA GLY C 667 -28.05 -14.60 -4.44
C GLY C 667 -27.88 -13.31 -5.23
N LEU C 668 -28.01 -12.17 -4.53
CA LEU C 668 -28.10 -10.84 -5.13
C LEU C 668 -26.77 -10.43 -5.76
N GLN C 669 -25.69 -10.92 -5.16
CA GLN C 669 -24.30 -10.68 -5.57
C GLN C 669 -23.62 -12.00 -5.90
N ALA C 670 -23.99 -12.59 -7.05
CA ALA C 670 -23.38 -13.84 -7.50
C ALA C 670 -22.18 -13.54 -8.38
N THR C 671 -21.17 -14.43 -8.33
CA THR C 671 -19.91 -14.34 -9.07
C THR C 671 -19.19 -13.02 -8.75
N SER C 672 -19.15 -12.66 -7.46
CA SER C 672 -18.58 -11.41 -7.00
C SER C 672 -17.11 -11.62 -6.61
N SER C 673 -16.71 -11.01 -5.49
CA SER C 673 -15.43 -11.27 -4.86
C SER C 673 -15.51 -12.53 -4.00
N TRP C 674 -14.37 -12.98 -3.48
CA TRP C 674 -14.35 -14.08 -2.53
C TRP C 674 -14.35 -13.55 -1.10
N GLN C 675 -15.17 -14.17 -0.24
CA GLN C 675 -15.10 -13.91 1.18
C GLN C 675 -13.91 -14.69 1.72
N ASN C 676 -13.07 -13.99 2.49
CA ASN C 676 -11.82 -14.54 2.98
C ASN C 676 -11.91 -14.74 4.49
N LEU C 677 -11.49 -15.93 4.94
CA LEU C 677 -11.23 -16.20 6.34
C LEU C 677 -10.33 -17.42 6.39
N ASP C 678 -9.22 -17.30 7.15
CA ASP C 678 -8.10 -18.25 7.12
C ASP C 678 -7.83 -18.87 8.50
N ALA C 679 -7.31 -20.10 8.46
CA ALA C 679 -7.05 -20.91 9.64
C ALA C 679 -5.57 -20.78 9.97
N LYS C 680 -5.28 -20.16 11.12
CA LYS C 680 -3.96 -19.59 11.41
C LYS C 680 -3.03 -20.66 11.99
N VAL C 681 -3.54 -21.89 12.17
CA VAL C 681 -2.77 -22.95 12.79
C VAL C 681 -2.57 -24.08 11.80
N PRO C 682 -1.32 -24.46 11.46
CA PRO C 682 -1.03 -25.34 10.33
C PRO C 682 -1.54 -26.76 10.48
N THR C 683 -1.79 -27.17 11.72
CA THR C 683 -2.16 -28.54 12.01
C THR C 683 -3.68 -28.69 11.94
N GLU C 684 -4.36 -27.62 11.52
CA GLU C 684 -5.81 -27.60 11.38
C GLU C 684 -6.21 -28.50 10.22
N ARG C 685 -7.49 -28.86 10.17
CA ARG C 685 -8.01 -29.72 9.11
C ARG C 685 -9.49 -29.44 8.89
N SER C 686 -10.03 -28.44 9.60
CA SER C 686 -11.45 -28.14 9.62
C SER C 686 -11.69 -26.66 9.93
N ALA C 687 -12.80 -26.13 9.41
CA ALA C 687 -13.20 -24.73 9.61
C ALA C 687 -14.69 -24.55 9.39
N VAL C 688 -15.30 -23.66 10.18
CA VAL C 688 -16.74 -23.42 10.17
C VAL C 688 -17.01 -21.98 9.75
N LEU C 689 -17.79 -21.80 8.66
CA LEU C 689 -18.08 -20.48 8.10
C LEU C 689 -19.27 -19.87 8.84
N VAL C 690 -19.34 -18.53 8.87
CA VAL C 690 -20.26 -17.83 9.76
C VAL C 690 -21.03 -16.74 8.98
N ASN C 691 -22.34 -16.64 9.28
CA ASN C 691 -23.19 -15.52 8.88
C ASN C 691 -23.45 -15.53 7.36
N LEU C 692 -23.66 -16.72 6.80
CA LEU C 692 -23.91 -16.82 5.37
C LEU C 692 -25.41 -16.94 5.11
N LYS C 693 -25.79 -16.93 3.82
CA LYS C 693 -27.17 -16.87 3.36
C LYS C 693 -27.72 -18.27 3.07
N LYS C 694 -28.87 -18.56 3.69
CA LYS C 694 -29.56 -19.83 3.55
C LYS C 694 -30.03 -20.01 2.11
N GLY C 695 -30.07 -21.27 1.67
CA GLY C 695 -30.50 -21.64 0.34
C GLY C 695 -29.39 -21.48 -0.70
N VAL C 696 -28.58 -20.44 -0.53
CA VAL C 696 -27.64 -19.99 -1.55
C VAL C 696 -26.50 -21.00 -1.67
N THR C 697 -25.92 -21.10 -2.88
CA THR C 697 -24.82 -21.99 -3.22
C THR C 697 -23.51 -21.22 -3.18
N TYR C 698 -22.46 -21.87 -2.65
CA TYR C 698 -21.17 -21.22 -2.46
C TYR C 698 -20.06 -22.14 -2.97
N GLU C 699 -19.02 -21.53 -3.56
CA GLU C 699 -17.86 -22.25 -4.07
C GLU C 699 -16.68 -22.09 -3.10
N ILE C 700 -16.01 -23.20 -2.80
CA ILE C 700 -15.01 -23.27 -1.73
C ILE C 700 -13.65 -23.66 -2.31
N LYS C 701 -12.61 -22.93 -1.86
CA LYS C 701 -11.23 -23.11 -2.28
C LYS C 701 -10.36 -23.07 -1.04
N VAL C 702 -9.39 -23.99 -0.94
CA VAL C 702 -8.46 -24.01 0.17
C VAL C 702 -7.05 -23.75 -0.37
N ARG C 703 -6.39 -22.74 0.21
CA ARG C 703 -5.03 -22.40 -0.17
C ARG C 703 -4.12 -22.43 1.06
N PRO C 704 -2.95 -23.12 0.99
CA PRO C 704 -1.97 -23.08 2.07
C PRO C 704 -1.11 -21.83 1.91
N TYR C 705 -0.87 -21.12 3.03
CA TYR C 705 -0.18 -19.84 2.97
C TYR C 705 0.94 -19.79 3.98
N PHE C 706 2.00 -19.00 3.67
CA PHE C 706 3.11 -18.81 4.58
C PHE C 706 3.04 -17.47 5.30
N ASN C 707 3.41 -16.39 4.61
CA ASN C 707 3.32 -15.11 5.27
C ASN C 707 2.67 -14.16 4.29
N GLU C 708 3.47 -13.36 3.59
CA GLU C 708 2.97 -12.65 2.44
C GLU C 708 2.90 -13.64 1.29
N PHE C 709 3.41 -14.86 1.55
CA PHE C 709 3.50 -15.89 0.54
C PHE C 709 2.26 -16.78 0.53
N GLN C 710 1.96 -17.37 -0.62
CA GLN C 710 0.71 -18.06 -0.88
C GLN C 710 1.00 -19.27 -1.76
N GLY C 711 0.27 -20.36 -1.50
CA GLY C 711 0.46 -21.60 -2.23
C GLY C 711 -0.49 -21.69 -3.41
N ASP C 713 -4.16 -23.39 -5.10
CA ASP C 713 -5.51 -23.67 -4.63
C ASP C 713 -5.86 -25.14 -4.79
N SER C 714 -6.77 -25.61 -3.93
CA SER C 714 -7.31 -26.96 -4.01
C SER C 714 -8.40 -26.99 -5.08
N GLU C 715 -8.86 -28.20 -5.42
CA GLU C 715 -10.03 -28.38 -6.26
C GLU C 715 -11.24 -27.69 -5.62
N SER C 716 -11.95 -26.90 -6.43
CA SER C 716 -13.11 -26.17 -5.94
C SER C 716 -14.25 -27.13 -5.65
N LYS C 717 -14.98 -26.86 -4.56
CA LYS C 717 -16.24 -27.54 -4.27
C LYS C 717 -17.35 -26.50 -4.15
N THR C 718 -18.55 -26.87 -4.61
CA THR C 718 -19.74 -26.04 -4.52
C THR C 718 -20.82 -26.82 -3.78
N VAL C 719 -21.47 -26.15 -2.84
CA VAL C 719 -22.53 -26.74 -2.03
C VAL C 719 -23.46 -25.62 -1.57
N ARG C 720 -24.76 -25.92 -1.45
CA ARG C 720 -25.76 -24.94 -1.08
C ARG C 720 -26.26 -25.19 0.34
N THR C 721 -26.70 -24.11 1.00
CA THR C 721 -27.26 -24.16 2.33
C THR C 721 -28.65 -24.78 2.29
N THR C 722 -29.01 -25.43 3.40
CA THR C 722 -30.29 -26.09 3.56
C THR C 722 -31.40 -25.04 3.60
N GLU C 723 -32.61 -25.47 3.20
CA GLU C 723 -33.75 -24.61 2.99
C GLU C 723 -34.58 -24.49 4.28
N GLU C 724 -35.10 -23.29 4.51
CA GLU C 724 -35.93 -23.02 5.67
C GLU C 724 -37.33 -22.53 5.27
N ALA C 725 -38.14 -22.17 6.27
CA ALA C 725 -39.49 -21.69 6.01
C ALA C 725 -39.68 -20.30 6.62
N PRO C 726 -40.45 -19.40 5.98
CA PRO C 726 -40.57 -18.01 6.42
C PRO C 726 -41.21 -17.83 7.79
N SER C 727 -41.03 -16.63 8.37
CA SER C 727 -41.57 -16.31 9.69
C SER C 727 -42.70 -15.29 9.59
N ALA C 728 -42.71 -14.51 8.50
CA ALA C 728 -43.81 -13.59 8.22
C ALA C 728 -44.20 -13.64 6.74
N PRO C 729 -45.48 -13.90 6.40
CA PRO C 729 -45.93 -13.97 5.01
C PRO C 729 -46.35 -12.60 4.48
N PRO C 730 -46.70 -12.48 3.18
CA PRO C 730 -47.29 -11.25 2.65
C PRO C 730 -48.77 -11.09 3.03
N GLN C 731 -49.15 -9.85 3.40
CA GLN C 731 -50.50 -9.56 3.87
C GLN C 731 -51.21 -8.62 2.90
N SER C 732 -52.43 -8.20 3.28
CA SER C 732 -53.23 -7.18 2.60
C SER C 732 -53.95 -7.74 1.39
N VAL C 733 -55.03 -8.48 1.64
CA VAL C 733 -55.75 -9.24 0.62
C VAL C 733 -56.87 -8.38 0.03
N THR C 734 -56.81 -8.20 -1.30
CA THR C 734 -57.77 -7.43 -2.10
C THR C 734 -58.63 -8.37 -2.93
N VAL C 735 -59.92 -8.02 -3.08
CA VAL C 735 -60.88 -8.81 -3.85
C VAL C 735 -61.51 -7.92 -4.92
N LEU C 736 -61.26 -8.25 -6.20
CA LEU C 736 -61.87 -7.60 -7.35
C LEU C 736 -63.30 -8.13 -7.51
N THR C 737 -64.14 -7.39 -8.24
CA THR C 737 -65.50 -7.82 -8.54
C THR C 737 -65.57 -8.29 -9.99
N VAL C 738 -66.22 -9.44 -10.21
CA VAL C 738 -66.18 -10.11 -11.50
C VAL C 738 -67.39 -9.68 -12.35
N GLY C 739 -67.10 -9.03 -13.47
CA GLY C 739 -68.10 -8.49 -14.39
C GLY C 739 -67.52 -8.29 -15.78
N THR C 744 -68.15 -13.08 -9.03
CA THR C 744 -68.63 -14.50 -9.04
C THR C 744 -67.62 -15.41 -8.34
N SER C 745 -66.34 -15.24 -8.70
CA SER C 745 -65.24 -16.03 -8.15
C SER C 745 -64.29 -15.14 -7.38
N ILE C 746 -63.86 -15.58 -6.18
CA ILE C 746 -63.05 -14.79 -5.27
C ILE C 746 -61.69 -14.48 -5.90
N SER C 747 -61.03 -13.47 -5.34
CA SER C 747 -59.74 -12.99 -5.84
C SER C 747 -58.73 -12.88 -4.69
N VAL C 748 -57.44 -12.96 -5.06
CA VAL C 748 -56.31 -12.96 -4.13
C VAL C 748 -55.21 -12.07 -4.72
N SER C 749 -54.75 -11.09 -3.91
CA SER C 749 -53.73 -10.13 -4.32
C SER C 749 -52.94 -9.69 -3.09
N TRP C 750 -51.61 -9.58 -3.23
CA TRP C 750 -50.76 -9.30 -2.08
C TRP C 750 -49.59 -8.38 -2.43
N ASP C 751 -48.96 -7.82 -1.39
CA ASP C 751 -47.78 -6.97 -1.48
C ASP C 751 -46.53 -7.80 -1.19
N PRO C 752 -45.38 -7.49 -1.84
CA PRO C 752 -44.13 -8.20 -1.57
C PRO C 752 -43.87 -8.42 -0.07
N PRO C 753 -43.68 -9.68 0.39
CA PRO C 753 -43.34 -9.95 1.80
C PRO C 753 -41.88 -9.60 2.14
N PRO C 754 -41.54 -9.38 3.42
CA PRO C 754 -40.23 -8.82 3.81
C PRO C 754 -39.01 -9.64 3.41
N PRO C 755 -37.83 -8.99 3.16
CA PRO C 755 -36.64 -9.69 2.70
C PRO C 755 -36.09 -10.73 3.69
N ASP C 756 -35.98 -10.33 4.97
CA ASP C 756 -35.42 -11.20 6.00
C ASP C 756 -36.44 -12.23 6.44
N HIS C 757 -37.73 -11.85 6.44
CA HIS C 757 -38.80 -12.72 6.88
C HIS C 757 -39.08 -13.81 5.85
N GLN C 758 -38.42 -13.74 4.69
CA GLN C 758 -38.61 -14.71 3.62
C GLN C 758 -37.94 -16.03 3.97
N ASN C 759 -36.85 -15.96 4.74
CA ASN C 759 -36.13 -17.12 5.29
C ASN C 759 -35.61 -18.04 4.18
N GLY C 760 -35.49 -17.49 2.96
CA GLY C 760 -34.91 -18.23 1.85
C GLY C 760 -35.51 -17.78 0.52
N ILE C 761 -35.14 -18.51 -0.54
CA ILE C 761 -35.65 -18.27 -1.88
C ILE C 761 -37.08 -18.76 -1.95
N ILE C 762 -38.00 -17.85 -2.32
CA ILE C 762 -39.44 -18.12 -2.40
C ILE C 762 -39.68 -19.20 -3.45
N GLN C 763 -40.50 -20.18 -3.08
CA GLN C 763 -40.74 -21.36 -3.91
C GLN C 763 -42.09 -21.26 -4.60
N GLU C 764 -43.16 -21.00 -3.83
CA GLU C 764 -44.53 -21.03 -4.31
C GLU C 764 -45.45 -20.23 -3.38
N TYR C 765 -46.75 -20.29 -3.65
CA TYR C 765 -47.78 -19.58 -2.90
C TYR C 765 -49.07 -20.42 -2.87
N LYS C 766 -49.51 -20.79 -1.65
CA LYS C 766 -50.63 -21.70 -1.46
C LYS C 766 -51.83 -20.97 -0.86
N ILE C 767 -52.99 -21.15 -1.50
CA ILE C 767 -54.25 -20.51 -1.12
C ILE C 767 -55.18 -21.59 -0.60
N TRP C 768 -55.77 -21.34 0.58
CA TRP C 768 -56.75 -22.24 1.18
C TRP C 768 -58.13 -21.57 1.21
N CYS C 769 -59.19 -22.39 1.10
CA CYS C 769 -60.55 -21.91 1.06
C CYS C 769 -61.45 -22.78 1.94
N LEU C 770 -61.16 -22.81 3.24
CA LEU C 770 -62.01 -23.45 4.23
C LEU C 770 -62.92 -22.37 4.80
N GLY C 771 -64.05 -22.14 4.13
CA GLY C 771 -64.95 -21.04 4.45
C GLY C 771 -66.25 -21.51 5.11
N ASN C 772 -67.39 -21.23 4.45
CA ASN C 772 -68.71 -21.63 4.95
C ASN C 772 -68.92 -23.12 4.72
N GLU C 773 -68.05 -23.72 3.90
CA GLU C 773 -68.03 -25.16 3.65
C GLU C 773 -66.94 -25.79 4.49
N THR C 774 -67.33 -26.55 5.52
CA THR C 774 -66.37 -27.26 6.36
C THR C 774 -66.35 -28.75 5.97
N ARG C 775 -66.64 -29.03 4.69
CA ARG C 775 -66.38 -30.33 4.09
C ARG C 775 -66.10 -30.15 2.61
N PHE C 776 -65.60 -28.96 2.25
CA PHE C 776 -65.12 -28.63 0.91
C PHE C 776 -64.08 -27.50 1.01
N HIS C 777 -62.79 -27.85 0.85
CA HIS C 777 -61.70 -26.87 0.91
C HIS C 777 -60.88 -26.87 -0.37
N ILE C 778 -60.81 -25.69 -1.01
CA ILE C 778 -60.17 -25.47 -2.30
C ILE C 778 -58.66 -25.34 -2.10
N ASN C 779 -57.89 -25.96 -3.02
CA ASN C 779 -56.43 -26.04 -2.92
C ASN C 779 -55.79 -25.73 -4.27
N LYS C 780 -54.97 -24.67 -4.31
CA LYS C 780 -54.34 -24.17 -5.53
C LYS C 780 -52.86 -23.86 -5.28
N THR C 781 -51.98 -24.43 -6.13
CA THR C 781 -50.54 -24.38 -5.94
C THR C 781 -49.88 -23.72 -7.14
N VAL C 782 -49.58 -22.41 -7.03
CA VAL C 782 -48.85 -21.69 -8.07
C VAL C 782 -47.35 -21.67 -7.75
N ASP C 783 -46.61 -20.75 -8.39
CA ASP C 783 -45.18 -20.63 -8.15
C ASP C 783 -44.89 -19.26 -7.51
N ALA C 784 -43.59 -18.90 -7.47
CA ALA C 784 -43.11 -17.72 -6.78
C ALA C 784 -43.51 -16.46 -7.54
N ALA C 785 -43.19 -16.42 -8.85
CA ALA C 785 -43.30 -15.24 -9.69
C ALA C 785 -44.72 -14.66 -9.62
N ILE C 786 -45.67 -15.52 -9.23
CA ILE C 786 -47.09 -15.22 -9.14
C ILE C 786 -47.31 -14.07 -8.15
N ARG C 787 -48.19 -13.13 -8.52
CA ARG C 787 -48.55 -12.00 -7.68
C ARG C 787 -50.04 -12.07 -7.32
N SER C 788 -50.91 -12.11 -8.33
CA SER C 788 -52.37 -12.20 -8.16
C SER C 788 -53.00 -13.19 -9.15
N VAL C 789 -53.96 -13.98 -8.64
CA VAL C 789 -54.61 -15.03 -9.43
C VAL C 789 -56.03 -15.24 -8.91
N ILE C 790 -56.94 -15.71 -9.80
CA ILE C 790 -58.35 -15.87 -9.48
C ILE C 790 -58.65 -17.36 -9.28
N ILE C 791 -59.54 -17.66 -8.32
CA ILE C 791 -59.87 -19.03 -7.91
C ILE C 791 -60.88 -19.64 -8.87
N GLY C 792 -60.66 -20.92 -9.22
CA GLY C 792 -61.43 -21.62 -10.24
C GLY C 792 -62.80 -22.05 -9.73
N GLY C 793 -62.96 -23.37 -9.52
CA GLY C 793 -64.22 -23.96 -9.08
C GLY C 793 -64.65 -23.47 -7.70
N LEU C 794 -65.60 -22.53 -7.70
CA LEU C 794 -66.13 -21.94 -6.47
C LEU C 794 -67.60 -22.31 -6.33
N PHE C 795 -67.99 -22.68 -5.09
CA PHE C 795 -69.36 -23.01 -4.76
C PHE C 795 -70.22 -21.74 -4.77
N PRO C 796 -71.33 -21.71 -5.55
CA PRO C 796 -72.15 -20.50 -5.69
C PRO C 796 -72.68 -20.02 -4.34
N GLY C 797 -72.61 -18.70 -4.14
CA GLY C 797 -73.17 -18.05 -2.96
C GLY C 797 -72.26 -18.16 -1.74
N ILE C 798 -71.96 -19.40 -1.36
CA ILE C 798 -71.23 -19.75 -0.14
C ILE C 798 -70.06 -18.79 0.05
N GLN C 799 -69.96 -18.22 1.26
CA GLN C 799 -68.92 -17.28 1.63
C GLN C 799 -67.68 -18.04 2.08
N TYR C 800 -66.56 -17.78 1.40
CA TYR C 800 -65.32 -18.50 1.63
C TYR C 800 -64.30 -17.59 2.30
N ARG C 801 -63.19 -18.19 2.77
CA ARG C 801 -62.10 -17.50 3.44
C ARG C 801 -60.79 -17.68 2.66
N VAL C 802 -59.94 -16.65 2.70
CA VAL C 802 -58.73 -16.58 1.90
C VAL C 802 -57.53 -16.42 2.85
N GLU C 803 -56.56 -17.35 2.78
CA GLU C 803 -55.39 -17.36 3.64
C GLU C 803 -54.13 -17.72 2.87
N VAL C 804 -53.44 -16.68 2.38
CA VAL C 804 -52.24 -16.83 1.56
C VAL C 804 -51.08 -17.23 2.46
N ALA C 805 -50.05 -17.84 1.86
CA ALA C 805 -48.87 -18.27 2.57
C ALA C 805 -47.63 -18.12 1.69
N ALA C 806 -46.53 -17.59 2.26
CA ALA C 806 -45.23 -17.67 1.64
C ALA C 806 -44.69 -19.08 1.86
N SER C 807 -43.92 -19.58 0.87
CA SER C 807 -43.37 -20.92 0.97
C SER C 807 -41.92 -20.94 0.49
N THR C 808 -41.24 -22.07 0.78
CA THR C 808 -39.81 -22.22 0.58
C THR C 808 -39.52 -23.65 0.12
N SER C 809 -38.24 -24.05 0.17
CA SER C 809 -37.90 -25.42 -0.14
C SER C 809 -38.05 -26.32 1.08
N ALA C 810 -38.45 -25.72 2.21
CA ALA C 810 -38.75 -26.46 3.42
C ALA C 810 -40.11 -27.13 3.24
N GLY C 811 -41.07 -26.35 2.70
CA GLY C 811 -42.45 -26.78 2.52
C GLY C 811 -43.44 -25.81 3.17
N VAL C 812 -44.18 -26.33 4.16
CA VAL C 812 -45.17 -25.59 4.93
C VAL C 812 -44.69 -24.15 5.16
N GLY C 813 -45.55 -23.19 4.83
CA GLY C 813 -45.23 -21.78 5.01
C GLY C 813 -45.92 -21.20 6.23
N VAL C 814 -46.38 -19.94 6.11
CA VAL C 814 -47.03 -19.23 7.20
C VAL C 814 -48.30 -18.54 6.68
N LYS C 815 -49.40 -18.72 7.44
CA LYS C 815 -50.70 -18.14 7.09
C LYS C 815 -50.70 -16.65 7.41
N SER C 816 -51.44 -15.87 6.58
CA SER C 816 -51.49 -14.43 6.72
C SER C 816 -52.89 -13.99 7.14
N GLU C 817 -53.29 -12.80 6.67
CA GLU C 817 -54.52 -12.15 7.08
C GLU C 817 -55.74 -12.84 6.45
N PRO C 818 -56.65 -13.42 7.27
CA PRO C 818 -57.89 -14.01 6.77
C PRO C 818 -58.85 -12.97 6.19
N GLN C 819 -59.65 -13.37 5.18
CA GLN C 819 -60.55 -12.48 4.48
C GLN C 819 -61.89 -13.20 4.23
N PRO C 820 -62.89 -13.02 5.13
CA PRO C 820 -64.21 -13.63 4.94
C PRO C 820 -65.18 -12.78 4.10
N ILE C 821 -64.81 -12.53 2.84
CA ILE C 821 -65.51 -11.60 1.96
C ILE C 821 -66.80 -12.25 1.44
N ILE C 822 -67.83 -11.42 1.22
CA ILE C 822 -69.16 -11.88 0.82
C ILE C 822 -69.24 -11.98 -0.71
N ILE C 823 -69.65 -13.16 -1.21
CA ILE C 823 -69.77 -13.44 -2.62
C ILE C 823 -71.25 -13.39 -3.00
N GLY C 824 -71.52 -13.18 -4.30
CA GLY C 824 -72.88 -13.08 -4.81
C GLY C 824 -73.39 -14.40 -5.38
N ARG C 825 -74.01 -14.32 -6.57
CA ARG C 825 -74.66 -15.46 -7.21
C ARG C 825 -73.89 -15.86 -8.47
N ARG C 826 -74.57 -15.82 -9.63
CA ARG C 826 -73.97 -16.20 -10.90
C ARG C 826 -73.89 -15.00 -11.84
N ASN C 827 -72.65 -14.61 -12.17
CA ASN C 827 -72.36 -13.62 -13.22
C ASN C 827 -72.58 -12.19 -12.71
N GLU C 828 -72.79 -12.08 -11.39
CA GLU C 828 -72.85 -10.82 -10.67
C GLU C 828 -72.52 -11.08 -9.20
N VAL C 829 -72.33 -9.99 -8.44
CA VAL C 829 -72.12 -10.10 -7.00
C VAL C 829 -73.21 -9.30 -6.28
N VAL C 830 -74.36 -9.96 -6.04
CA VAL C 830 -75.49 -9.39 -5.31
C VAL C 830 -75.68 -10.21 -4.04
#